data_9BOX
#
_entry.id   9BOX
#
_cell.length_a   142.980
_cell.length_b   119.300
_cell.length_c   134.627
_cell.angle_alpha   90.00
_cell.angle_beta   90.00
_cell.angle_gamma   90.00
#
_symmetry.space_group_name_H-M   'P 2 2 21'
#
loop_
_entity.id
_entity.type
_entity.pdbx_description
1 polymer 'Serine hydroxymethyltransferase, mitochondrial'
2 non-polymer (E)-N-({3-hydroxy-2-methyl-5-[(phosphonooxy)methyl]pyridin-4-yl}methylidene)glycine
3 non-polymer 'N-[4-({[(6S)-2-amino-5-formyl-4-oxo-3,4,5,6,7,8-hexahydropteridin-6-yl]methyl}amino)benzoyl]-L-glutamic acid'
4 water water
#
_entity_poly.entity_id   1
_entity_poly.type   'polypeptide(L)'
_entity_poly.pdbx_seq_one_letter_code
;WTGQESLSDSDPEMWELLQREKDRQCRGLELIASENFCSRAALEALGSCLNNKYSEGYPGKRYYGGAEVVDEIELLCQRR
ALEAFDLDPAQWGVNVQPYSGSPANLAVYTALLQPHDRIMGLDLPDGGHLTHGYMSDVKRISATSIFFESMPYKLNPKTG
LIDYNQLALTARLFRPRLIIAGTSAYARLIDYARMREVCDEVKAHLLADMAHISGLVAAKVIPSPFKHADIVTTTTHKTL
RGARSGLIFYRKGVKAVDPKTGREIPYTFEDRINFAVFPSLQGGPHNHAIAAVAVALKQACTPMFREYSLQVLKNARAMA
DALLERGYSLVSGGTDNHLVLVDLRPKGLDGARAERVLELVSITANKNTCPGDRSAITPGGLRLGAPALTSRQFREDDFR
RVVDFIDEGVNIGLEVKSKTAKLQDFKSFLLKDSETSQRLANLRQRVEQFARAFPMPGFDEH
;
_entity_poly.pdbx_strand_id   A,B,C,D
#
# COMPACT_ATOMS: atom_id res chain seq x y z
N TRP A 1 6.93 33.69 -6.20
CA TRP A 1 8.00 32.69 -6.26
C TRP A 1 9.34 33.24 -5.79
N THR A 2 9.91 32.61 -4.77
CA THR A 2 11.19 33.03 -4.23
C THR A 2 12.34 32.08 -4.54
N GLY A 3 12.05 30.81 -4.81
CA GLY A 3 13.10 29.82 -4.86
C GLY A 3 13.62 29.41 -3.50
N GLN A 4 12.93 29.81 -2.46
CA GLN A 4 13.32 29.45 -1.11
C GLN A 4 12.26 28.55 -0.45
N GLU A 5 11.22 28.19 -1.19
CA GLU A 5 10.18 27.29 -0.71
C GLU A 5 10.71 25.87 -0.54
N SER A 6 10.21 25.18 0.47
CA SER A 6 10.64 23.81 0.72
C SER A 6 10.10 22.88 -0.35
N LEU A 7 10.78 21.73 -0.51
CA LEU A 7 10.31 20.74 -1.47
C LEU A 7 8.96 20.18 -1.07
N SER A 8 8.73 19.96 0.22
CA SER A 8 7.46 19.40 0.69
C SER A 8 6.28 20.30 0.33
N ASP A 9 6.48 21.61 0.33
CA ASP A 9 5.38 22.53 0.02
C ASP A 9 5.20 22.75 -1.48
N SER A 10 6.29 22.93 -2.23
CA SER A 10 6.15 23.31 -3.64
C SER A 10 5.98 22.13 -4.58
N ASP A 11 6.43 20.94 -4.20
CA ASP A 11 6.33 19.75 -5.05
C ASP A 11 6.02 18.53 -4.20
N PRO A 12 4.80 18.46 -3.63
CA PRO A 12 4.45 17.29 -2.82
C PRO A 12 4.54 15.97 -3.56
N GLU A 13 4.29 15.97 -4.87
CA GLU A 13 4.38 14.73 -5.64
C GLU A 13 5.79 14.16 -5.59
N MET A 14 6.80 15.03 -5.73
CA MET A 14 8.19 14.57 -5.65
C MET A 14 8.56 14.23 -4.21
N TRP A 15 8.13 15.06 -3.26
CA TRP A 15 8.50 14.84 -1.86
C TRP A 15 7.99 13.49 -1.36
N GLU A 16 6.78 13.10 -1.75
CA GLU A 16 6.25 11.79 -1.37
C GLU A 16 7.11 10.65 -1.90
N LEU A 17 7.62 10.79 -3.12
CA LEU A 17 8.48 9.75 -3.67
C LEU A 17 9.80 9.67 -2.91
N LEU A 18 10.36 10.83 -2.56
CA LEU A 18 11.58 10.86 -1.76
C LEU A 18 11.39 10.08 -0.45
N GLN A 19 10.27 10.32 0.24
CA GLN A 19 10.04 9.66 1.53
C GLN A 19 9.81 8.16 1.34
N ARG A 20 9.17 7.75 0.25
CA ARG A 20 8.98 6.33 0.00
C ARG A 20 10.31 5.62 -0.20
N GLU A 21 11.24 6.25 -0.90
CA GLU A 21 12.56 5.65 -1.07
C GLU A 21 13.33 5.63 0.25
N LYS A 22 13.25 6.70 1.03
CA LYS A 22 13.88 6.70 2.34
C LYS A 22 13.34 5.55 3.20
N ASP A 23 12.02 5.40 3.22
CA ASP A 23 11.43 4.33 4.03
C ASP A 23 11.80 2.95 3.49
N ARG A 24 11.88 2.82 2.17
CA ARG A 24 12.31 1.56 1.58
C ARG A 24 13.71 1.18 2.04
N GLN A 25 14.62 2.16 2.10
CA GLN A 25 15.98 1.87 2.56
C GLN A 25 16.00 1.47 4.03
N CYS A 26 15.12 2.04 4.86
CA CYS A 26 15.12 1.76 6.29
C CYS A 26 14.50 0.41 6.62
N ARG A 27 13.53 -0.01 5.83
CA ARG A 27 12.81 -1.24 6.15
C ARG A 27 13.36 -2.50 5.56
N GLY A 28 14.32 -2.35 4.68
CA GLY A 28 14.83 -3.50 3.96
C GLY A 28 16.20 -3.96 4.39
N LEU A 29 16.57 -5.17 3.96
CA LEU A 29 17.92 -5.69 4.11
C LEU A 29 18.63 -5.42 2.80
N GLU A 30 19.39 -4.33 2.76
CA GLU A 30 20.01 -3.83 1.53
C GLU A 30 21.37 -4.50 1.36
N LEU A 31 21.45 -5.44 0.42
CA LEU A 31 22.63 -6.27 0.26
C LEU A 31 23.35 -6.04 -1.06
N ILE A 32 23.04 -4.95 -1.77
CA ILE A 32 23.78 -4.66 -3.00
C ILE A 32 25.18 -4.21 -2.62
N ALA A 33 26.19 -4.95 -3.10
CA ALA A 33 27.57 -4.77 -2.66
C ALA A 33 28.14 -3.39 -3.01
N SER A 34 27.59 -2.72 -4.01
CA SER A 34 28.10 -1.44 -4.47
C SER A 34 27.31 -0.25 -3.91
N GLU A 35 26.42 -0.50 -2.95
CA GLU A 35 25.61 0.54 -2.33
C GLU A 35 26.08 0.79 -0.91
N ASN A 36 25.72 1.96 -0.39
CA ASN A 36 26.01 2.32 0.99
C ASN A 36 25.10 3.47 1.36
N PHE A 37 25.08 3.81 2.64
CA PHE A 37 24.23 4.89 3.13
C PHE A 37 25.10 6.09 3.46
N CYS A 38 24.97 7.14 2.65
CA CYS A 38 25.78 8.34 2.81
C CYS A 38 25.36 9.10 4.07
N SER A 39 26.33 9.71 4.75
CA SER A 39 26.06 10.46 5.96
C SER A 39 25.32 11.75 5.62
N ARG A 40 24.65 12.28 6.65
CA ARG A 40 23.92 13.54 6.47
C ARG A 40 24.87 14.69 6.14
N ALA A 41 26.05 14.70 6.77
CA ALA A 41 27.00 15.79 6.55
C ALA A 41 27.39 15.90 5.08
N ALA A 42 27.68 14.77 4.44
CA ALA A 42 28.02 14.80 3.02
C ALA A 42 26.82 15.21 2.17
N LEU A 43 25.63 14.74 2.53
CA LEU A 43 24.42 15.10 1.79
C LEU A 43 24.14 16.59 1.88
N GLU A 44 24.49 17.24 3.00
CA GLU A 44 24.24 18.67 3.12
C GLU A 44 25.13 19.45 2.15
N ALA A 45 26.35 18.97 1.94
CA ALA A 45 27.21 19.60 0.93
C ALA A 45 26.73 19.27 -0.47
N LEU A 46 26.16 18.06 -0.67
CA LEU A 46 25.71 17.67 -2.00
C LEU A 46 24.56 18.57 -2.49
N GLY A 47 23.62 18.89 -1.62
CA GLY A 47 22.50 19.78 -1.95
C GLY A 47 22.78 21.20 -1.55
N SER A 48 23.80 21.82 -2.15
CA SER A 48 24.21 23.15 -1.77
C SER A 48 24.32 24.16 -2.91
N CYS A 49 24.56 25.41 -2.54
CA CYS A 49 24.74 26.45 -3.56
C CYS A 49 25.97 26.21 -4.43
N LEU A 50 26.83 25.26 -4.08
CA LEU A 50 27.95 24.90 -4.95
C LEU A 50 27.49 24.36 -6.30
N ASN A 51 26.22 23.93 -6.38
CA ASN A 51 25.64 23.51 -7.65
C ASN A 51 25.68 24.63 -8.68
N ASN A 52 25.66 25.88 -8.23
CA ASN A 52 25.45 27.02 -9.13
C ASN A 52 26.71 27.50 -9.84
N LYS A 53 27.86 26.99 -9.46
CA LYS A 53 29.10 27.55 -9.98
C LYS A 53 29.82 26.87 -11.11
N TYR A 54 30.14 27.64 -12.12
CA TYR A 54 31.01 27.13 -13.17
C TYR A 54 32.46 27.43 -12.81
N SER A 55 33.32 26.41 -12.85
CA SER A 55 34.71 26.59 -12.48
C SER A 55 35.60 25.63 -13.28
N GLU A 56 35.40 25.57 -14.59
CA GLU A 56 36.22 24.73 -15.45
C GLU A 56 37.69 25.12 -15.34
N GLY A 57 38.55 24.12 -15.42
CA GLY A 57 39.98 24.29 -15.18
C GLY A 57 40.39 23.64 -13.88
N TYR A 58 41.49 24.14 -13.32
CA TYR A 58 42.04 23.62 -12.09
C TYR A 58 42.41 24.79 -11.20
N PRO A 59 42.60 24.55 -9.89
CA PRO A 59 42.81 25.66 -8.96
C PRO A 59 43.89 26.61 -9.44
N GLY A 60 43.59 27.90 -9.41
CA GLY A 60 44.50 28.93 -9.87
C GLY A 60 44.43 29.21 -11.36
N LYS A 61 44.02 28.23 -12.16
CA LYS A 61 43.96 28.37 -13.62
C LYS A 61 42.54 28.03 -14.09
N ARG A 62 41.60 28.94 -13.83
CA ARG A 62 40.21 28.73 -14.17
C ARG A 62 39.85 29.50 -15.42
N TYR A 63 38.75 29.07 -16.06
CA TYR A 63 38.21 29.75 -17.23
C TYR A 63 37.06 30.69 -16.86
N TYR A 64 36.75 30.84 -15.58
CA TYR A 64 35.68 31.71 -15.10
C TYR A 64 36.19 32.51 -13.91
N GLY A 65 35.61 33.69 -13.72
CA GLY A 65 35.87 34.46 -12.52
C GLY A 65 35.11 33.93 -11.33
N GLY A 66 35.49 34.42 -10.15
CA GLY A 66 34.76 34.13 -8.93
C GLY A 66 35.03 32.78 -8.31
N ALA A 67 36.18 32.18 -8.60
CA ALA A 67 36.45 30.80 -8.19
C ALA A 67 37.26 30.69 -6.91
N GLU A 68 37.43 31.78 -6.16
CA GLU A 68 38.33 31.76 -5.03
C GLU A 68 37.96 30.70 -4.00
N VAL A 69 36.65 30.50 -3.76
CA VAL A 69 36.26 29.57 -2.70
C VAL A 69 36.25 28.13 -3.22
N VAL A 70 35.71 27.90 -4.43
CA VAL A 70 35.74 26.53 -4.96
C VAL A 70 37.17 26.08 -5.17
N ASP A 71 38.09 27.01 -5.45
CA ASP A 71 39.52 26.67 -5.49
C ASP A 71 39.95 26.05 -4.17
N GLU A 72 39.57 26.69 -3.07
CA GLU A 72 39.91 26.18 -1.78
C GLU A 72 39.25 24.82 -1.51
N ILE A 73 38.02 24.67 -1.97
CA ILE A 73 37.33 23.39 -1.78
C ILE A 73 38.01 22.29 -2.60
N GLU A 74 38.33 22.56 -3.86
CA GLU A 74 38.96 21.54 -4.69
C GLU A 74 40.33 21.14 -4.13
N LEU A 75 41.11 22.13 -3.69
CA LEU A 75 42.41 21.83 -3.08
C LEU A 75 42.25 21.04 -1.80
N LEU A 76 41.27 21.40 -0.97
CA LEU A 76 41.02 20.65 0.26
C LEU A 76 40.63 19.22 -0.04
N CYS A 77 39.79 19.02 -1.07
CA CYS A 77 39.40 17.67 -1.44
C CYS A 77 40.61 16.85 -1.88
N GLN A 78 41.50 17.45 -2.67
CA GLN A 78 42.71 16.74 -3.09
C GLN A 78 43.56 16.34 -1.89
N ARG A 79 43.73 17.26 -0.93
CA ARG A 79 44.55 16.97 0.23
C ARG A 79 43.96 15.84 1.06
N ARG A 80 42.64 15.87 1.28
CA ARG A 80 42.00 14.83 2.09
C ARG A 80 42.06 13.47 1.40
N ALA A 81 41.96 13.43 0.08
CA ALA A 81 42.11 12.17 -0.65
C ALA A 81 43.50 11.60 -0.45
N LEU A 82 44.52 12.44 -0.56
CA LEU A 82 45.89 11.97 -0.35
C LEU A 82 46.08 11.49 1.08
N GLU A 83 45.54 12.24 2.05
CA GLU A 83 45.69 11.84 3.45
C GLU A 83 44.92 10.56 3.73
N ALA A 84 43.74 10.39 3.11
CA ALA A 84 42.90 9.23 3.39
C ALA A 84 43.58 7.93 3.00
N PHE A 85 44.43 7.95 1.98
CA PHE A 85 45.13 6.75 1.54
C PHE A 85 46.62 6.81 1.86
N ASP A 86 47.01 7.72 2.75
CA ASP A 86 48.37 7.78 3.30
C ASP A 86 49.40 7.95 2.19
N LEU A 87 49.15 8.90 1.30
CA LEU A 87 49.97 9.10 0.11
C LEU A 87 50.85 10.33 0.25
N ASP A 88 52.11 10.20 -0.12
CA ASP A 88 53.05 11.31 -0.13
C ASP A 88 52.71 12.27 -1.27
N PRO A 89 52.42 13.54 -0.99
CA PRO A 89 52.08 14.49 -2.07
C PRO A 89 53.19 14.69 -3.08
N ALA A 90 54.43 14.31 -2.75
CA ALA A 90 55.52 14.42 -3.71
C ALA A 90 55.56 13.24 -4.67
N GLN A 91 54.88 12.14 -4.35
CA GLN A 91 54.84 10.98 -5.24
C GLN A 91 53.47 10.73 -5.86
N TRP A 92 52.41 11.33 -5.35
CA TRP A 92 51.07 11.07 -5.85
C TRP A 92 50.31 12.38 -6.03
N GLY A 93 49.54 12.46 -7.11
CA GLY A 93 48.56 13.51 -7.29
C GLY A 93 47.18 12.89 -7.47
N VAL A 94 46.16 13.72 -7.38
CA VAL A 94 44.79 13.24 -7.51
C VAL A 94 43.97 14.27 -8.28
N ASN A 95 43.10 13.78 -9.14
CA ASN A 95 42.12 14.57 -9.87
C ASN A 95 40.75 14.20 -9.32
N VAL A 96 40.02 15.20 -8.81
CA VAL A 96 38.79 14.95 -8.08
C VAL A 96 37.55 15.36 -8.89
N GLN A 97 37.70 15.64 -10.17
CA GLN A 97 36.60 16.09 -11.02
C GLN A 97 35.78 15.02 -11.77
N PRO A 98 36.21 13.76 -11.89
CA PRO A 98 35.37 12.78 -12.63
C PRO A 98 33.96 12.68 -12.03
N TYR A 99 32.97 12.69 -12.92
CA TYR A 99 31.57 12.67 -12.49
C TYR A 99 31.16 11.38 -11.81
N SER A 100 31.82 10.28 -12.14
CA SER A 100 31.50 8.94 -11.60
C SER A 100 32.67 8.01 -11.96
N GLY A 101 32.50 6.72 -11.69
CA GLY A 101 33.60 5.79 -11.90
C GLY A 101 33.86 5.49 -13.36
N SER A 102 32.80 5.36 -14.16
CA SER A 102 33.00 5.08 -15.58
C SER A 102 33.67 6.24 -16.29
N PRO A 103 33.26 7.51 -16.05
CA PRO A 103 34.03 8.62 -16.60
C PRO A 103 35.48 8.67 -16.13
N ALA A 104 35.77 8.21 -14.91
CA ALA A 104 37.16 8.21 -14.45
C ALA A 104 38.03 7.27 -15.28
N ASN A 105 37.55 6.04 -15.52
CA ASN A 105 38.34 5.09 -16.29
C ASN A 105 38.50 5.53 -17.73
N LEU A 106 37.43 6.08 -18.32
CA LEU A 106 37.51 6.56 -19.69
C LEU A 106 38.53 7.70 -19.82
N ALA A 107 38.61 8.58 -18.82
CA ALA A 107 39.61 9.64 -18.86
C ALA A 107 41.03 9.08 -18.82
N VAL A 108 41.25 8.02 -18.03
CA VAL A 108 42.59 7.43 -17.96
C VAL A 108 43.01 6.87 -19.32
N TYR A 109 42.10 6.14 -19.98
CA TYR A 109 42.43 5.60 -21.31
C TYR A 109 42.68 6.73 -22.30
N THR A 110 41.83 7.75 -22.30
CA THR A 110 41.99 8.85 -23.24
C THR A 110 43.30 9.59 -22.99
N ALA A 111 43.72 9.69 -21.72
CA ALA A 111 44.96 10.40 -21.40
C ALA A 111 46.19 9.65 -21.89
N LEU A 112 46.19 8.33 -21.78
CA LEU A 112 47.41 7.56 -21.98
C LEU A 112 47.46 6.81 -23.29
N LEU A 113 46.34 6.68 -24.01
CA LEU A 113 46.27 5.83 -25.18
C LEU A 113 45.76 6.61 -26.38
N GLN A 114 46.21 6.19 -27.55
CA GLN A 114 45.61 6.62 -28.80
C GLN A 114 44.38 5.78 -29.09
N PRO A 115 43.45 6.28 -29.89
CA PRO A 115 42.34 5.44 -30.34
C PRO A 115 42.87 4.12 -30.90
N HIS A 116 42.20 3.03 -30.52
CA HIS A 116 42.49 1.63 -30.92
C HIS A 116 43.73 1.04 -30.27
N ASP A 117 44.36 1.71 -29.30
CA ASP A 117 45.41 1.06 -28.51
C ASP A 117 44.81 -0.05 -27.65
N ARG A 118 45.68 -0.92 -27.17
CA ARG A 118 45.27 -2.20 -26.59
C ARG A 118 45.19 -2.14 -25.06
N ILE A 119 44.12 -2.71 -24.52
CA ILE A 119 43.96 -2.85 -23.07
C ILE A 119 43.54 -4.29 -22.76
N MET A 120 43.81 -4.69 -21.52
CA MET A 120 43.41 -6.00 -21.01
C MET A 120 42.75 -5.83 -19.65
N GLY A 121 41.54 -6.39 -19.52
CA GLY A 121 40.86 -6.41 -18.24
C GLY A 121 40.29 -7.78 -17.95
N LEU A 122 39.82 -7.97 -16.73
CA LEU A 122 39.15 -9.19 -16.38
C LEU A 122 37.78 -9.25 -17.08
N ASP A 123 37.54 -10.36 -17.75
CA ASP A 123 36.28 -10.52 -18.45
C ASP A 123 35.10 -10.28 -17.51
N LEU A 124 34.03 -9.70 -18.02
CA LEU A 124 32.89 -9.35 -17.15
C LEU A 124 32.27 -10.55 -16.37
N PRO A 125 31.92 -11.63 -17.07
CA PRO A 125 31.35 -12.76 -16.32
C PRO A 125 32.33 -13.35 -15.31
N ASP A 126 33.61 -13.02 -15.43
CA ASP A 126 34.61 -13.47 -14.52
C ASP A 126 34.80 -12.50 -13.37
N GLY A 127 34.20 -11.33 -13.42
CA GLY A 127 34.25 -10.42 -12.30
C GLY A 127 34.72 -9.01 -12.63
N GLY A 128 35.15 -8.79 -13.88
CA GLY A 128 35.61 -7.47 -14.28
C GLY A 128 34.47 -6.53 -14.57
N HIS A 129 34.79 -5.27 -14.68
CA HIS A 129 33.78 -4.27 -14.92
C HIS A 129 33.54 -3.97 -16.39
N LEU A 130 32.37 -3.42 -16.67
CA LEU A 130 32.04 -2.99 -18.02
C LEU A 130 33.14 -2.14 -18.63
N THR A 131 33.64 -1.15 -17.87
CA THR A 131 34.61 -0.20 -18.40
C THR A 131 36.02 -0.75 -18.46
N HIS A 132 36.19 -2.05 -18.24
CA HIS A 132 37.49 -2.70 -18.43
C HIS A 132 37.61 -3.33 -19.80
N GLY A 133 36.88 -2.80 -20.78
CA GLY A 133 37.00 -3.23 -22.16
C GLY A 133 36.00 -4.27 -22.60
N TYR A 134 34.83 -4.33 -21.97
CA TYR A 134 33.96 -5.48 -22.16
C TYR A 134 33.27 -5.46 -23.52
N MET A 135 33.44 -6.54 -24.25
CA MET A 135 32.71 -6.76 -25.48
C MET A 135 32.38 -8.24 -25.54
N SER A 136 31.22 -8.57 -26.07
CA SER A 136 30.76 -9.95 -26.12
C SER A 136 31.13 -10.58 -27.46
N ASP A 137 30.76 -11.85 -27.63
CA ASP A 137 30.96 -12.52 -28.92
C ASP A 137 30.16 -11.87 -30.04
N VAL A 138 29.09 -11.15 -29.72
CA VAL A 138 28.18 -10.66 -30.73
C VAL A 138 28.23 -9.13 -30.90
N LYS A 139 28.62 -8.38 -29.86
CA LYS A 139 28.64 -6.93 -30.04
C LYS A 139 29.61 -6.30 -29.05
N ARG A 140 30.07 -5.10 -29.40
CA ARG A 140 30.90 -4.29 -28.51
C ARG A 140 29.98 -3.53 -27.56
N ILE A 141 30.14 -3.80 -26.26
CA ILE A 141 29.18 -3.35 -25.28
C ILE A 141 29.62 -2.04 -24.65
N SER A 142 30.78 -2.04 -24.01
CA SER A 142 31.27 -0.80 -23.43
C SER A 142 31.98 0.03 -24.49
N ALA A 143 31.86 1.36 -24.35
CA ALA A 143 32.60 2.22 -25.26
C ALA A 143 34.11 2.04 -25.10
N THR A 144 34.57 1.43 -24.00
CA THR A 144 35.99 1.12 -23.84
C THR A 144 36.45 0.00 -24.76
N SER A 145 35.53 -0.76 -25.36
CA SER A 145 35.88 -1.73 -26.40
C SER A 145 35.62 -1.21 -27.80
N ILE A 146 35.02 -0.03 -27.92
CA ILE A 146 34.82 0.60 -29.22
C ILE A 146 35.97 1.53 -29.57
N PHE A 147 36.31 2.44 -28.66
CA PHE A 147 37.37 3.40 -28.92
C PHE A 147 38.76 2.82 -28.67
N PHE A 148 38.85 1.70 -27.94
CA PHE A 148 40.10 1.00 -27.72
C PHE A 148 39.89 -0.48 -28.01
N GLU A 149 41.01 -1.18 -28.19
CA GLU A 149 40.98 -2.61 -28.51
C GLU A 149 41.29 -3.40 -27.25
N SER A 150 40.32 -4.19 -26.84
CA SER A 150 40.45 -4.99 -25.65
C SER A 150 40.57 -6.45 -25.81
N MET A 151 41.20 -7.09 -24.85
CA MET A 151 41.26 -8.52 -24.81
C MET A 151 41.18 -8.93 -23.34
N PRO A 152 40.23 -9.80 -23.03
CA PRO A 152 40.04 -10.15 -21.62
C PRO A 152 40.98 -11.17 -21.05
N TYR A 153 41.16 -11.11 -19.75
CA TYR A 153 41.92 -12.14 -19.08
C TYR A 153 40.87 -12.87 -18.25
N LYS A 154 41.21 -14.04 -17.75
CA LYS A 154 40.24 -14.90 -17.15
C LYS A 154 40.55 -15.60 -15.87
N LEU A 155 39.53 -16.18 -15.30
CA LEU A 155 39.70 -16.92 -14.11
C LEU A 155 40.06 -18.35 -14.37
N ASN A 156 40.74 -18.95 -13.42
CA ASN A 156 41.03 -20.36 -13.48
C ASN A 156 39.68 -20.95 -12.98
N PRO A 157 38.86 -21.56 -13.87
CA PRO A 157 37.52 -21.99 -13.42
C PRO A 157 37.56 -23.12 -12.41
N LYS A 158 38.71 -23.78 -12.25
CA LYS A 158 38.87 -24.79 -11.21
C LYS A 158 38.84 -24.14 -9.82
N THR A 159 39.66 -23.09 -9.63
CA THR A 159 39.81 -22.46 -8.34
C THR A 159 38.99 -21.19 -8.17
N GLY A 160 38.48 -20.62 -9.25
CA GLY A 160 37.82 -19.33 -9.15
C GLY A 160 38.74 -18.16 -8.89
N LEU A 161 40.05 -18.33 -9.06
CA LEU A 161 41.01 -17.27 -8.90
C LEU A 161 41.48 -16.79 -10.27
N ILE A 162 41.97 -15.54 -10.31
CA ILE A 162 42.56 -15.01 -11.53
C ILE A 162 43.72 -15.91 -11.94
N ASP A 163 43.75 -16.29 -13.22
CA ASP A 163 44.81 -17.14 -13.75
C ASP A 163 45.96 -16.23 -14.19
N TYR A 164 46.88 -15.98 -13.26
CA TYR A 164 47.98 -15.06 -13.54
C TYR A 164 48.93 -15.62 -14.59
N ASN A 165 49.10 -16.94 -14.64
CA ASN A 165 49.97 -17.55 -15.64
C ASN A 165 49.43 -17.32 -17.04
N GLN A 166 48.13 -17.55 -17.24
CA GLN A 166 47.53 -17.34 -18.56
C GLN A 166 47.56 -15.87 -18.96
N LEU A 167 47.39 -14.96 -18.00
CA LEU A 167 47.51 -13.54 -18.29
C LEU A 167 48.90 -13.21 -18.80
N ALA A 168 49.93 -13.74 -18.14
CA ALA A 168 51.30 -13.48 -18.60
C ALA A 168 51.51 -14.02 -20.00
N LEU A 169 50.97 -15.20 -20.28
CA LEU A 169 51.11 -15.82 -21.60
C LEU A 169 50.46 -14.96 -22.67
N THR A 170 49.19 -14.60 -22.48
CA THR A 170 48.47 -13.87 -23.52
C THR A 170 48.96 -12.44 -23.66
N ALA A 171 49.41 -11.82 -22.58
CA ALA A 171 49.85 -10.42 -22.65
C ALA A 171 51.12 -10.28 -23.49
N ARG A 172 52.00 -11.29 -23.45
CA ARG A 172 53.18 -11.27 -24.30
C ARG A 172 52.82 -11.28 -25.78
N LEU A 173 51.73 -11.94 -26.14
CA LEU A 173 51.30 -12.00 -27.53
C LEU A 173 50.45 -10.80 -27.93
N PHE A 174 49.56 -10.35 -27.04
CA PHE A 174 48.64 -9.27 -27.35
C PHE A 174 49.31 -7.90 -27.25
N ARG A 175 50.32 -7.78 -26.39
CA ARG A 175 51.09 -6.55 -26.19
C ARG A 175 50.19 -5.39 -25.78
N PRO A 176 49.50 -5.47 -24.65
CA PRO A 176 48.66 -4.34 -24.23
C PRO A 176 49.53 -3.15 -23.83
N ARG A 177 48.96 -1.98 -23.94
CA ARG A 177 49.63 -0.80 -23.45
C ARG A 177 49.19 -0.48 -22.01
N LEU A 178 48.11 -1.11 -21.58
CA LEU A 178 47.59 -0.87 -20.25
C LEU A 178 46.83 -2.11 -19.80
N ILE A 179 47.09 -2.53 -18.56
CA ILE A 179 46.40 -3.65 -17.95
C ILE A 179 45.66 -3.14 -16.73
N ILE A 180 44.40 -3.56 -16.57
CA ILE A 180 43.55 -3.10 -15.49
C ILE A 180 43.45 -4.19 -14.43
N ALA A 181 43.84 -3.86 -13.20
CA ALA A 181 43.64 -4.76 -12.06
C ALA A 181 42.53 -4.17 -11.20
N GLY A 182 41.38 -4.82 -11.20
CA GLY A 182 40.25 -4.36 -10.39
C GLY A 182 39.00 -5.07 -10.81
N THR A 183 38.03 -5.20 -9.90
CA THR A 183 36.89 -6.08 -10.13
C THR A 183 35.61 -5.48 -9.57
N SER A 184 34.50 -6.00 -10.09
CA SER A 184 33.16 -5.69 -9.59
C SER A 184 32.49 -6.86 -8.88
N ALA A 185 32.92 -8.09 -9.13
CA ALA A 185 32.29 -9.27 -8.53
C ALA A 185 33.35 -10.35 -8.35
N TYR A 186 34.40 -10.03 -7.59
CA TYR A 186 35.48 -10.93 -7.24
C TYR A 186 35.66 -10.84 -5.74
N ALA A 187 35.64 -11.98 -5.06
CA ALA A 187 35.63 -12.00 -3.60
C ALA A 187 37.03 -12.16 -3.01
N ARG A 188 38.07 -12.24 -3.83
CA ARG A 188 39.42 -12.48 -3.34
C ARG A 188 40.28 -11.25 -3.56
N LEU A 189 41.48 -11.30 -2.97
CA LEU A 189 42.43 -10.21 -3.10
C LEU A 189 43.27 -10.41 -4.37
N ILE A 190 43.57 -9.30 -5.01
CA ILE A 190 44.35 -9.30 -6.25
C ILE A 190 45.83 -9.29 -5.90
N ASP A 191 46.61 -10.13 -6.59
CA ASP A 191 48.05 -10.17 -6.44
C ASP A 191 48.63 -9.06 -7.31
N TYR A 192 48.70 -7.85 -6.75
CA TYR A 192 49.17 -6.70 -7.52
C TYR A 192 50.65 -6.83 -7.87
N ALA A 193 51.44 -7.44 -7.00
CA ALA A 193 52.85 -7.63 -7.31
C ALA A 193 53.02 -8.49 -8.56
N ARG A 194 52.17 -9.50 -8.72
CA ARG A 194 52.23 -10.32 -9.92
C ARG A 194 51.74 -9.55 -11.14
N MET A 195 50.70 -8.73 -10.97
CA MET A 195 50.25 -7.80 -12.01
C MET A 195 51.38 -6.93 -12.51
N ARG A 196 52.13 -6.32 -11.58
CA ARG A 196 53.23 -5.42 -11.93
C ARG A 196 54.31 -6.16 -12.71
N GLU A 197 54.59 -7.41 -12.32
CA GLU A 197 55.59 -8.21 -13.03
C GLU A 197 55.21 -8.37 -14.50
N VAL A 198 53.95 -8.73 -14.77
CA VAL A 198 53.48 -8.85 -16.14
C VAL A 198 53.63 -7.52 -16.88
N CYS A 199 53.15 -6.44 -16.26
CA CYS A 199 53.23 -5.13 -16.90
C CYS A 199 54.66 -4.75 -17.22
N ASP A 200 55.59 -5.01 -16.30
CA ASP A 200 56.98 -4.65 -16.54
C ASP A 200 57.55 -5.42 -17.73
N GLU A 201 57.17 -6.68 -17.87
CA GLU A 201 57.73 -7.49 -18.95
C GLU A 201 57.25 -6.99 -20.32
N VAL A 202 55.99 -6.57 -20.42
CA VAL A 202 55.46 -6.12 -21.71
C VAL A 202 55.44 -4.61 -21.85
N LYS A 203 55.89 -3.87 -20.83
CA LYS A 203 55.99 -2.40 -20.88
C LYS A 203 54.61 -1.74 -20.90
N ALA A 204 53.69 -2.26 -20.09
CA ALA A 204 52.35 -1.72 -19.98
C ALA A 204 52.21 -0.90 -18.71
N HIS A 205 51.29 0.07 -18.74
CA HIS A 205 50.88 0.72 -17.51
C HIS A 205 50.00 -0.22 -16.70
N LEU A 206 50.07 -0.09 -15.38
CA LEU A 206 49.21 -0.82 -14.45
C LEU A 206 48.20 0.15 -13.86
N LEU A 207 46.93 -0.03 -14.22
CA LEU A 207 45.82 0.71 -13.63
C LEU A 207 45.11 -0.18 -12.62
N ALA A 208 45.00 0.29 -11.38
CA ALA A 208 44.21 -0.40 -10.36
C ALA A 208 42.87 0.32 -10.22
N ASP A 209 41.79 -0.38 -10.54
CA ASP A 209 40.44 0.16 -10.34
C ASP A 209 39.95 -0.43 -9.02
N MET A 210 40.16 0.32 -7.93
CA MET A 210 39.83 -0.15 -6.60
C MET A 210 38.44 0.29 -6.13
N ALA A 211 37.55 0.64 -7.05
CA ALA A 211 36.25 1.21 -6.68
C ALA A 211 35.59 0.45 -5.54
N HIS A 212 35.49 -0.87 -5.66
CA HIS A 212 34.74 -1.64 -4.67
C HIS A 212 35.45 -1.69 -3.32
N ILE A 213 36.78 -1.76 -3.31
CA ILE A 213 37.52 -2.02 -2.08
C ILE A 213 38.15 -0.76 -1.50
N SER A 214 37.86 0.41 -2.08
CA SER A 214 38.62 1.60 -1.72
C SER A 214 38.51 1.94 -0.24
N GLY A 215 37.31 1.78 0.34
CA GLY A 215 37.16 2.04 1.77
C GLY A 215 38.00 1.11 2.62
N LEU A 216 38.03 -0.17 2.26
CA LEU A 216 38.89 -1.13 2.95
C LEU A 216 40.36 -0.77 2.81
N VAL A 217 40.76 -0.27 1.65
CA VAL A 217 42.15 0.15 1.46
C VAL A 217 42.48 1.34 2.34
N ALA A 218 41.59 2.34 2.36
CA ALA A 218 41.80 3.52 3.18
C ALA A 218 41.96 3.15 4.66
N ALA A 219 41.19 2.17 5.12
CA ALA A 219 41.25 1.77 6.52
C ALA A 219 42.43 0.86 6.81
N LYS A 220 43.19 0.49 5.78
CA LYS A 220 44.36 -0.39 5.88
C LYS A 220 44.01 -1.77 6.43
N VAL A 221 42.83 -2.28 6.07
CA VAL A 221 42.44 -3.64 6.49
C VAL A 221 42.68 -4.67 5.40
N ILE A 222 43.04 -4.25 4.19
CA ILE A 222 43.52 -5.14 3.13
C ILE A 222 44.71 -4.46 2.45
N PRO A 223 45.57 -5.24 1.79
CA PRO A 223 46.76 -4.63 1.18
C PRO A 223 46.39 -3.57 0.14
N SER A 224 47.23 -2.55 0.03
CA SER A 224 46.97 -1.39 -0.81
C SER A 224 47.52 -1.60 -2.23
N PRO A 225 46.75 -1.24 -3.26
CA PRO A 225 47.28 -1.28 -4.63
C PRO A 225 48.24 -0.16 -4.97
N PHE A 226 48.35 0.86 -4.12
CA PHE A 226 49.22 2.00 -4.40
C PHE A 226 50.72 1.66 -4.47
N LYS A 227 51.11 0.57 -3.84
CA LYS A 227 52.49 0.11 -3.88
C LYS A 227 52.97 -0.30 -5.25
N HIS A 228 52.10 -0.85 -6.07
CA HIS A 228 52.48 -1.36 -7.35
C HIS A 228 51.87 -0.71 -8.56
N ALA A 229 50.83 0.08 -8.35
CA ALA A 229 50.10 0.61 -9.49
C ALA A 229 50.66 1.94 -9.96
N ASP A 230 50.51 2.19 -11.26
CA ASP A 230 50.88 3.49 -11.84
C ASP A 230 49.75 4.50 -11.67
N ILE A 231 48.52 4.06 -11.95
CA ILE A 231 47.31 4.88 -11.88
C ILE A 231 46.31 4.11 -11.03
N VAL A 232 45.51 4.84 -10.25
CA VAL A 232 44.48 4.24 -9.41
C VAL A 232 43.20 5.03 -9.57
N THR A 233 42.13 4.36 -9.99
CA THR A 233 40.81 4.98 -10.04
C THR A 233 39.91 4.38 -8.97
N THR A 234 38.91 5.16 -8.57
CA THR A 234 37.93 4.68 -7.60
C THR A 234 36.69 5.54 -7.69
N THR A 235 35.58 4.97 -7.22
CA THR A 235 34.39 5.75 -6.93
C THR A 235 34.41 6.15 -5.46
N THR A 236 33.51 7.05 -5.10
CA THR A 236 33.41 7.51 -3.74
C THR A 236 32.14 7.06 -3.03
N HIS A 237 31.27 6.30 -3.70
CA HIS A 237 29.95 5.99 -3.15
C HIS A 237 29.75 4.52 -2.81
N LYS A 238 30.81 3.71 -2.86
CA LYS A 238 30.70 2.33 -2.40
C LYS A 238 31.23 2.21 -0.98
N THR A 239 32.35 1.50 -0.78
CA THR A 239 32.85 1.32 0.58
C THR A 239 33.39 2.62 1.19
N LEU A 240 33.63 3.65 0.38
CA LEU A 240 34.04 4.93 0.94
C LEU A 240 32.87 5.70 1.55
N ARG A 241 31.64 5.26 1.33
CA ARG A 241 30.46 5.84 1.94
C ARG A 241 30.21 7.32 1.68
N GLY A 242 30.47 7.75 0.46
CA GLY A 242 30.30 9.16 0.13
C GLY A 242 29.26 9.43 -0.94
N ALA A 243 29.32 10.63 -1.52
CA ALA A 243 28.45 10.95 -2.63
C ALA A 243 28.95 10.27 -3.90
N ARG A 244 28.10 10.24 -4.92
CA ARG A 244 28.47 9.57 -6.17
C ARG A 244 29.45 10.45 -6.94
N SER A 245 30.65 9.93 -7.17
CA SER A 245 31.71 10.68 -7.84
C SER A 245 32.87 9.72 -8.13
N GLY A 246 33.89 10.24 -8.80
CA GLY A 246 35.08 9.46 -9.09
C GLY A 246 36.34 10.22 -8.72
N LEU A 247 37.43 9.45 -8.61
CA LEU A 247 38.75 10.00 -8.35
C LEU A 247 39.76 9.28 -9.22
N ILE A 248 40.79 10.02 -9.65
CA ILE A 248 41.94 9.45 -10.34
C ILE A 248 43.20 9.83 -9.56
N PHE A 249 43.95 8.83 -9.12
CA PHE A 249 45.27 9.02 -8.53
C PHE A 249 46.33 8.65 -9.56
N TYR A 250 47.45 9.37 -9.56
CA TYR A 250 48.50 9.11 -10.51
C TYR A 250 49.85 9.39 -9.86
N ARG A 251 50.86 8.68 -10.29
CA ARG A 251 52.20 8.91 -9.78
C ARG A 251 52.82 10.18 -10.35
N LYS A 252 53.60 10.86 -9.54
CA LYS A 252 54.29 12.06 -9.98
C LYS A 252 55.67 12.07 -9.34
N GLY A 253 56.50 13.02 -9.76
CA GLY A 253 57.86 13.08 -9.25
C GLY A 253 58.82 12.17 -10.00
N VAL A 254 59.86 11.71 -9.31
CA VAL A 254 60.95 10.99 -9.97
C VAL A 254 60.57 9.55 -10.20
N LYS A 255 60.79 9.08 -11.41
CA LYS A 255 60.52 7.70 -11.72
C LYS A 255 61.81 6.93 -11.70
N ALA A 256 62.87 7.45 -12.31
CA ALA A 256 64.17 6.82 -12.28
C ALA A 256 65.24 7.91 -12.28
N VAL A 257 66.50 7.49 -12.21
CA VAL A 257 67.65 8.39 -12.26
C VAL A 257 68.51 7.98 -13.45
N ASP A 258 68.81 8.96 -14.31
CA ASP A 258 69.72 8.75 -15.42
C ASP A 258 71.11 8.48 -14.87
N PRO A 259 71.72 7.32 -15.14
CA PRO A 259 73.00 6.99 -14.48
C PRO A 259 74.18 7.79 -14.99
N LYS A 260 74.12 8.35 -16.19
CA LYS A 260 75.24 9.12 -16.74
C LYS A 260 75.18 10.58 -16.34
N THR A 261 74.04 11.22 -16.52
CA THR A 261 73.89 12.61 -16.10
C THR A 261 73.56 12.75 -14.62
N GLY A 262 73.27 11.63 -13.94
CA GLY A 262 72.88 11.68 -12.54
C GLY A 262 71.59 12.38 -12.25
N ARG A 263 70.77 12.64 -13.27
CA ARG A 263 69.58 13.46 -13.13
C ARG A 263 68.31 12.62 -13.09
N GLU A 264 67.31 13.18 -12.47
CA GLU A 264 66.04 12.51 -12.33
C GLU A 264 65.16 12.46 -13.57
N ILE A 265 64.57 11.32 -13.80
CA ILE A 265 63.61 11.18 -14.91
C ILE A 265 62.21 11.19 -14.30
N PRO A 266 61.35 12.14 -14.67
CA PRO A 266 60.07 12.30 -13.98
C PRO A 266 58.95 11.49 -14.61
N TYR A 267 57.94 11.20 -13.79
CA TYR A 267 56.69 10.69 -14.32
C TYR A 267 55.99 11.75 -15.14
N THR A 268 55.29 11.33 -16.19
CA THR A 268 54.62 12.25 -17.09
C THR A 268 53.10 11.99 -17.16
N PHE A 269 52.51 11.59 -16.03
CA PHE A 269 51.09 11.28 -15.99
C PHE A 269 50.23 12.53 -15.77
N GLU A 270 50.72 13.46 -14.94
CA GLU A 270 49.86 14.51 -14.39
C GLU A 270 49.19 15.35 -15.47
N ASP A 271 49.97 15.89 -16.40
CA ASP A 271 49.42 16.81 -17.40
C ASP A 271 48.47 16.10 -18.34
N ARG A 272 48.75 14.83 -18.66
CA ARG A 272 47.88 14.09 -19.57
C ARG A 272 46.56 13.73 -18.91
N ILE A 273 46.60 13.27 -17.65
CA ILE A 273 45.38 12.94 -16.91
C ILE A 273 44.51 14.18 -16.76
N ASN A 274 45.09 15.29 -16.30
CA ASN A 274 44.30 16.50 -16.10
C ASN A 274 43.69 16.98 -17.40
N PHE A 275 44.46 16.92 -18.50
CA PHE A 275 43.93 17.37 -19.79
C PHE A 275 42.78 16.47 -20.26
N ALA A 276 42.90 15.16 -20.06
CA ALA A 276 41.87 14.23 -20.51
C ALA A 276 40.56 14.48 -19.78
N VAL A 277 40.61 14.78 -18.48
CA VAL A 277 39.37 15.07 -17.75
C VAL A 277 38.76 16.37 -18.26
N PHE A 278 39.60 17.37 -18.42
CA PHE A 278 39.17 18.67 -18.93
C PHE A 278 40.36 19.40 -19.56
N PRO A 279 40.22 19.78 -20.84
CA PRO A 279 39.00 19.99 -21.61
C PRO A 279 38.49 18.85 -22.52
N SER A 280 39.17 17.74 -22.54
CA SER A 280 38.83 16.69 -23.48
C SER A 280 37.50 15.96 -23.29
N LEU A 281 37.23 15.53 -22.08
CA LEU A 281 36.04 14.69 -21.88
C LEU A 281 34.90 15.38 -21.15
N GLN A 282 35.17 16.12 -20.09
CA GLN A 282 34.11 16.67 -19.26
C GLN A 282 33.96 18.17 -19.50
N GLY A 283 32.88 18.72 -18.99
CA GLY A 283 32.71 20.13 -19.02
C GLY A 283 32.91 20.67 -17.60
N GLY A 284 31.88 21.31 -17.09
CA GLY A 284 31.98 21.91 -15.77
C GLY A 284 32.02 20.94 -14.62
N PRO A 285 32.97 21.15 -13.71
CA PRO A 285 33.03 20.30 -12.53
C PRO A 285 31.76 20.41 -11.69
N HIS A 286 31.35 19.32 -11.04
CA HIS A 286 30.21 19.36 -10.14
C HIS A 286 30.75 19.64 -8.74
N ASN A 287 30.78 20.92 -8.39
CA ASN A 287 31.44 21.32 -7.15
C ASN A 287 30.70 20.83 -5.91
N HIS A 288 29.37 20.71 -5.99
CA HIS A 288 28.63 20.14 -4.86
C HIS A 288 29.07 18.70 -4.59
N ALA A 289 29.31 17.92 -5.65
CA ALA A 289 29.78 16.55 -5.44
C ALA A 289 31.20 16.55 -4.87
N ILE A 290 32.05 17.45 -5.35
CA ILE A 290 33.44 17.52 -4.86
C ILE A 290 33.45 17.83 -3.37
N ALA A 291 32.63 18.78 -2.94
CA ALA A 291 32.58 19.11 -1.52
C ALA A 291 32.08 17.93 -0.69
N ALA A 292 31.04 17.24 -1.18
CA ALA A 292 30.52 16.10 -0.44
C ALA A 292 31.55 14.99 -0.33
N VAL A 293 32.35 14.79 -1.38
CA VAL A 293 33.42 13.80 -1.33
C VAL A 293 34.46 14.17 -0.28
N ALA A 294 34.82 15.46 -0.22
CA ALA A 294 35.78 15.91 0.80
C ALA A 294 35.28 15.63 2.20
N VAL A 295 33.97 15.76 2.42
CA VAL A 295 33.39 15.43 3.72
C VAL A 295 33.55 13.95 4.01
N ALA A 296 33.25 13.11 3.02
CA ALA A 296 33.38 11.66 3.22
C ALA A 296 34.85 11.26 3.41
N LEU A 297 35.78 11.90 2.70
CA LEU A 297 37.17 11.53 2.83
C LEU A 297 37.70 11.83 4.23
N LYS A 298 37.27 12.95 4.82
CA LYS A 298 37.67 13.24 6.20
C LYS A 298 37.15 12.18 7.16
N GLN A 299 35.90 11.76 6.99
CA GLN A 299 35.34 10.69 7.81
C GLN A 299 36.15 9.40 7.66
N ALA A 300 36.76 9.18 6.50
CA ALA A 300 37.52 7.95 6.29
C ALA A 300 38.85 7.93 7.05
N CYS A 301 39.38 9.08 7.49
CA CYS A 301 40.63 9.10 8.24
C CYS A 301 40.45 8.94 9.74
N THR A 302 39.31 8.49 10.18
CA THR A 302 39.06 8.41 11.61
C THR A 302 39.14 6.97 12.10
N PRO A 303 39.38 6.79 13.40
CA PRO A 303 39.37 5.43 13.92
C PRO A 303 38.00 4.77 13.78
N MET A 304 36.95 5.55 13.78
CA MET A 304 35.61 5.00 13.58
C MET A 304 35.53 4.26 12.25
N PHE A 305 36.12 4.80 11.22
CA PHE A 305 36.08 4.18 9.91
C PHE A 305 36.86 2.87 9.83
N ARG A 306 37.98 2.81 10.50
CA ARG A 306 38.77 1.60 10.51
C ARG A 306 37.98 0.47 11.18
N GLU A 307 37.34 0.76 12.29
CA GLU A 307 36.52 -0.22 12.96
C GLU A 307 35.37 -0.65 12.06
N TYR A 308 34.73 0.31 11.42
CA TYR A 308 33.68 0.01 10.46
C TYR A 308 34.20 -0.91 9.39
N SER A 309 35.33 -0.58 8.80
CA SER A 309 35.82 -1.40 7.70
C SER A 309 36.20 -2.80 8.18
N LEU A 310 36.78 -2.89 9.37
CA LEU A 310 37.07 -4.19 9.95
C LEU A 310 35.79 -5.01 10.13
N GLN A 311 34.73 -4.36 10.61
CA GLN A 311 33.45 -5.05 10.78
C GLN A 311 32.88 -5.49 9.43
N VAL A 312 33.09 -4.71 8.36
CA VAL A 312 32.61 -5.14 7.05
C VAL A 312 33.24 -6.48 6.67
N LEU A 313 34.56 -6.61 6.89
CA LEU A 313 35.23 -7.87 6.62
C LEU A 313 34.63 -9.01 7.44
N LYS A 314 34.44 -8.78 8.75
CA LYS A 314 33.88 -9.83 9.59
C LYS A 314 32.46 -10.21 9.19
N ASN A 315 31.65 -9.21 8.84
CA ASN A 315 30.27 -9.50 8.45
C ASN A 315 30.20 -10.28 7.14
N ALA A 316 31.03 -9.89 6.16
CA ALA A 316 31.04 -10.63 4.90
C ALA A 316 31.51 -12.06 5.10
N ARG A 317 32.45 -12.28 6.01
CA ARG A 317 32.98 -13.64 6.26
C ARG A 317 31.92 -14.49 6.99
N ALA A 318 31.23 -13.89 7.95
CA ALA A 318 30.18 -14.63 8.65
C ALA A 318 29.05 -15.00 7.70
N MET A 319 28.73 -14.11 6.77
CA MET A 319 27.67 -14.40 5.81
C MET A 319 28.10 -15.52 4.85
N ALA A 320 29.36 -15.49 4.41
CA ALA A 320 29.88 -16.56 3.57
C ALA A 320 29.86 -17.90 4.32
N ASP A 321 30.23 -17.87 5.60
CA ASP A 321 30.24 -19.08 6.41
C ASP A 321 28.83 -19.65 6.54
N ALA A 322 27.84 -18.82 6.77
CA ALA A 322 26.47 -19.26 6.89
C ALA A 322 25.88 -19.82 5.59
N LEU A 323 26.20 -19.19 4.48
CA LEU A 323 25.71 -19.66 3.19
C LEU A 323 26.32 -21.00 2.92
N LEU A 324 27.58 -21.19 3.22
CA LEU A 324 28.22 -22.46 2.99
C LEU A 324 27.63 -23.58 3.88
N GLU A 325 27.30 -23.27 5.11
CA GLU A 325 26.66 -24.24 5.99
C GLU A 325 25.32 -24.71 5.47
N ARG A 326 24.65 -23.88 4.71
CA ARG A 326 23.34 -24.22 4.20
C ARG A 326 23.34 -24.79 2.80
N GLY A 327 24.49 -25.21 2.33
CA GLY A 327 24.54 -25.85 1.04
C GLY A 327 24.72 -24.98 -0.18
N TYR A 328 25.07 -23.72 0.02
CA TYR A 328 25.18 -22.84 -1.14
C TYR A 328 26.60 -22.85 -1.69
N SER A 329 26.70 -22.63 -2.99
CA SER A 329 27.99 -22.56 -3.68
C SER A 329 28.43 -21.11 -3.82
N LEU A 330 29.67 -20.82 -3.41
CA LEU A 330 30.25 -19.50 -3.59
C LEU A 330 31.37 -19.58 -4.61
N VAL A 331 31.38 -18.64 -5.55
CA VAL A 331 32.49 -18.55 -6.50
C VAL A 331 33.76 -18.26 -5.73
N SER A 332 34.81 -19.03 -6.02
CA SER A 332 36.10 -19.06 -5.32
C SER A 332 35.98 -19.64 -3.91
N GLY A 333 34.78 -20.02 -3.44
CA GLY A 333 34.66 -20.75 -2.20
C GLY A 333 34.59 -19.92 -0.93
N GLY A 334 34.47 -18.60 -1.04
CA GLY A 334 34.42 -17.77 0.14
C GLY A 334 34.72 -16.33 -0.23
N THR A 335 35.20 -15.57 0.76
CA THR A 335 35.52 -14.18 0.51
C THR A 335 36.66 -13.72 1.40
N ASP A 336 37.43 -12.78 0.87
CA ASP A 336 38.42 -12.03 1.65
C ASP A 336 38.13 -10.54 1.62
N ASN A 337 36.95 -10.14 1.13
CA ASN A 337 36.62 -8.72 1.13
C ASN A 337 35.16 -8.52 1.54
N HIS A 338 34.50 -7.54 0.93
CA HIS A 338 33.20 -7.06 1.39
C HIS A 338 32.02 -7.79 0.78
N LEU A 339 32.23 -8.71 -0.16
CA LEU A 339 31.14 -9.27 -0.92
C LEU A 339 31.29 -10.79 -1.06
N VAL A 340 30.17 -11.44 -1.37
CA VAL A 340 30.18 -12.85 -1.78
C VAL A 340 29.38 -12.97 -3.07
N LEU A 341 29.80 -13.92 -3.91
CA LEU A 341 29.13 -14.20 -5.17
C LEU A 341 28.56 -15.61 -5.09
N VAL A 342 27.24 -15.72 -5.06
CA VAL A 342 26.56 -17.00 -4.90
C VAL A 342 26.23 -17.57 -6.28
N ASP A 343 26.75 -18.76 -6.58
CA ASP A 343 26.41 -19.48 -7.80
C ASP A 343 25.19 -20.34 -7.50
N LEU A 344 24.02 -19.94 -8.02
CA LEU A 344 22.77 -20.64 -7.77
C LEU A 344 22.47 -21.71 -8.82
N ARG A 345 23.31 -21.85 -9.83
CA ARG A 345 23.08 -22.88 -10.84
C ARG A 345 23.04 -24.30 -10.26
N PRO A 346 23.91 -24.69 -9.32
CA PRO A 346 23.74 -26.02 -8.71
C PRO A 346 22.42 -26.21 -8.00
N LYS A 347 21.81 -25.15 -7.47
CA LYS A 347 20.49 -25.24 -6.84
C LYS A 347 19.35 -25.19 -7.85
N GLY A 348 19.63 -25.02 -9.14
CA GLY A 348 18.59 -25.01 -10.14
C GLY A 348 17.72 -23.77 -10.17
N LEU A 349 18.26 -22.62 -9.76
CA LEU A 349 17.55 -21.36 -9.79
C LEU A 349 18.47 -20.31 -10.42
N ASP A 350 17.90 -19.40 -11.20
CA ASP A 350 18.72 -18.37 -11.84
C ASP A 350 18.69 -17.07 -11.04
N GLY A 351 19.58 -16.16 -11.41
CA GLY A 351 19.74 -14.93 -10.65
C GLY A 351 18.55 -14.00 -10.77
N ALA A 352 17.94 -13.94 -11.96
CA ALA A 352 16.80 -13.04 -12.16
C ALA A 352 15.62 -13.48 -11.30
N ARG A 353 15.36 -14.79 -11.23
CA ARG A 353 14.28 -15.30 -10.40
C ARG A 353 14.56 -15.05 -8.92
N ALA A 354 15.78 -15.33 -8.47
CA ALA A 354 16.11 -15.13 -7.06
C ALA A 354 16.03 -13.66 -6.68
N GLU A 355 16.48 -12.74 -7.51
CA GLU A 355 16.42 -11.32 -7.23
C GLU A 355 15.00 -10.89 -7.00
N ARG A 356 14.13 -11.36 -7.87
CA ARG A 356 12.73 -10.98 -7.75
C ARG A 356 12.08 -11.45 -6.44
N VAL A 357 12.24 -12.72 -6.11
CA VAL A 357 11.60 -13.24 -4.91
C VAL A 357 12.10 -12.51 -3.66
N LEU A 358 13.40 -12.25 -3.58
CA LEU A 358 13.94 -11.56 -2.42
C LEU A 358 13.46 -10.12 -2.36
N GLU A 359 13.36 -9.46 -3.49
CA GLU A 359 12.90 -8.09 -3.53
C GLU A 359 11.46 -7.96 -2.98
N LEU A 360 10.59 -8.91 -3.32
CA LEU A 360 9.22 -8.88 -2.79
C LEU A 360 9.18 -9.09 -1.29
N VAL A 361 10.30 -9.45 -0.68
CA VAL A 361 10.42 -9.71 0.74
C VAL A 361 11.25 -8.62 1.43
N SER A 362 11.59 -7.56 0.70
CA SER A 362 12.41 -6.46 1.20
C SER A 362 13.84 -6.92 1.50
N ILE A 363 14.32 -7.90 0.74
CA ILE A 363 15.73 -8.26 0.69
C ILE A 363 16.22 -7.84 -0.69
N THR A 364 17.05 -6.80 -0.73
CA THR A 364 17.46 -6.16 -1.98
C THR A 364 18.88 -6.58 -2.31
N ALA A 365 19.05 -7.30 -3.41
CA ALA A 365 20.36 -7.67 -3.90
C ALA A 365 20.34 -7.42 -5.41
N ASN A 366 21.31 -8.03 -6.09
CA ASN A 366 21.27 -7.98 -7.53
C ASN A 366 21.69 -9.29 -8.18
N LYS A 367 21.00 -9.65 -9.23
CA LYS A 367 21.42 -10.76 -10.00
C LYS A 367 22.80 -10.45 -10.57
N ASN A 368 23.60 -11.47 -10.77
CA ASN A 368 24.94 -11.27 -11.26
C ASN A 368 25.49 -12.40 -12.06
N THR A 369 26.32 -12.06 -13.01
CA THR A 369 27.00 -13.06 -13.77
C THR A 369 27.98 -13.93 -12.97
N CYS A 370 28.14 -15.17 -13.35
CA CYS A 370 29.11 -16.08 -12.75
C CYS A 370 29.99 -16.61 -13.87
N PRO A 371 31.17 -17.15 -13.56
CA PRO A 371 32.03 -17.70 -14.61
C PRO A 371 31.27 -18.70 -15.48
N GLY A 372 31.39 -18.53 -16.79
CA GLY A 372 30.68 -19.33 -17.75
C GLY A 372 29.33 -18.79 -18.17
N ASP A 373 28.78 -17.81 -17.44
CA ASP A 373 27.50 -17.22 -17.84
C ASP A 373 27.60 -16.53 -19.19
N ARG A 374 26.51 -16.62 -19.95
CA ARG A 374 26.45 -16.02 -21.28
C ARG A 374 25.54 -14.80 -21.34
N SER A 375 24.63 -14.65 -20.38
CA SER A 375 23.68 -13.54 -20.34
C SER A 375 23.80 -12.81 -19.01
N ALA A 376 23.83 -11.48 -19.06
CA ALA A 376 23.78 -10.65 -17.87
C ALA A 376 22.35 -10.34 -17.42
N ILE A 377 21.39 -10.41 -18.35
CA ILE A 377 19.99 -10.19 -18.01
C ILE A 377 19.42 -11.39 -17.27
N THR A 378 19.86 -12.61 -17.63
CA THR A 378 19.44 -13.83 -16.96
C THR A 378 20.69 -14.60 -16.55
N PRO A 379 21.39 -14.12 -15.53
CA PRO A 379 22.64 -14.76 -15.11
C PRO A 379 22.38 -15.85 -14.05
N GLY A 380 23.45 -16.58 -13.74
CA GLY A 380 23.34 -17.70 -12.84
C GLY A 380 23.56 -17.41 -11.38
N GLY A 381 23.84 -16.16 -11.01
CA GLY A 381 24.36 -15.85 -9.70
C GLY A 381 23.62 -14.72 -9.01
N LEU A 382 24.01 -14.51 -7.76
CA LEU A 382 23.49 -13.46 -6.90
C LEU A 382 24.64 -12.90 -6.10
N ARG A 383 24.81 -11.57 -6.13
CA ARG A 383 25.91 -10.92 -5.42
C ARG A 383 25.36 -10.25 -4.17
N LEU A 384 26.06 -10.45 -3.04
CA LEU A 384 25.65 -9.94 -1.75
C LEU A 384 26.80 -9.18 -1.12
N GLY A 385 26.51 -8.03 -0.53
CA GLY A 385 27.53 -7.20 0.08
C GLY A 385 27.18 -6.78 1.49
N ALA A 386 28.22 -6.66 2.31
CA ALA A 386 28.11 -6.24 3.70
C ALA A 386 28.20 -4.74 3.99
N PRO A 387 28.72 -3.87 3.09
CA PRO A 387 28.94 -2.47 3.51
C PRO A 387 27.71 -1.73 3.99
N ALA A 388 26.57 -1.84 3.30
CA ALA A 388 25.42 -0.99 3.61
C ALA A 388 24.85 -1.32 4.99
N LEU A 389 24.62 -2.61 5.27
CA LEU A 389 24.02 -2.97 6.56
C LEU A 389 25.03 -2.84 7.70
N THR A 390 26.33 -2.98 7.41
CA THR A 390 27.32 -2.70 8.44
C THR A 390 27.30 -1.23 8.85
N SER A 391 26.93 -0.34 7.91
CA SER A 391 26.73 1.07 8.27
C SER A 391 25.54 1.27 9.21
N ARG A 392 24.66 0.27 9.32
CA ARG A 392 23.53 0.31 10.25
C ARG A 392 23.81 -0.46 11.54
N GLN A 393 25.08 -0.64 11.86
CA GLN A 393 25.48 -1.34 13.08
C GLN A 393 25.20 -2.84 13.10
N PHE A 394 24.96 -3.45 11.96
CA PHE A 394 24.83 -4.90 11.94
C PHE A 394 26.16 -5.55 12.36
N ARG A 395 26.07 -6.66 13.09
CA ARG A 395 27.23 -7.44 13.47
C ARG A 395 27.10 -8.85 12.91
N GLU A 396 28.06 -9.70 13.20
CA GLU A 396 28.09 -11.00 12.57
C GLU A 396 26.85 -11.85 12.80
N ASP A 397 26.33 -11.83 14.03
CA ASP A 397 25.10 -12.59 14.28
C ASP A 397 23.94 -12.05 13.47
N ASP A 398 23.90 -10.74 13.25
CA ASP A 398 22.81 -10.16 12.45
C ASP A 398 22.88 -10.61 11.00
N PHE A 399 24.09 -10.76 10.46
CA PHE A 399 24.22 -11.25 9.10
C PHE A 399 23.89 -12.73 9.01
N ARG A 400 24.08 -13.48 10.09
CA ARG A 400 23.62 -14.86 10.10
C ARG A 400 22.10 -14.94 9.99
N ARG A 401 21.39 -14.05 10.68
CA ARG A 401 19.93 -13.99 10.53
C ARG A 401 19.53 -13.60 9.11
N VAL A 402 20.31 -12.72 8.49
CA VAL A 402 20.06 -12.32 7.11
C VAL A 402 20.07 -13.54 6.20
N VAL A 403 21.03 -14.44 6.40
CA VAL A 403 21.13 -15.62 5.54
C VAL A 403 19.93 -16.55 5.78
N ASP A 404 19.40 -16.59 7.01
CA ASP A 404 18.19 -17.35 7.28
C ASP A 404 17.02 -16.85 6.44
N PHE A 405 16.81 -15.53 6.43
CA PHE A 405 15.74 -14.96 5.60
C PHE A 405 15.98 -15.26 4.13
N ILE A 406 17.23 -15.12 3.67
CA ILE A 406 17.56 -15.37 2.27
C ILE A 406 17.23 -16.81 1.90
N ASP A 407 17.60 -17.76 2.77
CA ASP A 407 17.31 -19.17 2.52
C ASP A 407 15.81 -19.43 2.43
N GLU A 408 15.04 -18.79 3.28
CA GLU A 408 13.58 -18.94 3.21
C GLU A 408 13.05 -18.44 1.88
N GLY A 409 13.50 -17.28 1.45
CA GLY A 409 13.02 -16.73 0.19
C GLY A 409 13.43 -17.56 -1.00
N VAL A 410 14.68 -18.04 -0.99
CA VAL A 410 15.16 -18.87 -2.09
C VAL A 410 14.36 -20.17 -2.16
N ASN A 411 14.00 -20.72 -1.01
CA ASN A 411 13.25 -21.98 -1.00
C ASN A 411 11.84 -21.77 -1.55
N ILE A 412 11.23 -20.62 -1.26
CA ILE A 412 9.94 -20.29 -1.88
C ILE A 412 10.12 -20.14 -3.38
N GLY A 413 11.25 -19.61 -3.82
CA GLY A 413 11.49 -19.42 -5.24
C GLY A 413 11.67 -20.74 -5.98
N LEU A 414 12.34 -21.71 -5.35
CA LEU A 414 12.46 -23.03 -5.96
C LEU A 414 11.09 -23.69 -6.11
N GLU A 415 10.24 -23.53 -5.11
CA GLU A 415 8.89 -24.10 -5.19
C GLU A 415 8.11 -23.48 -6.33
N VAL A 416 8.15 -22.15 -6.46
CA VAL A 416 7.46 -21.49 -7.55
C VAL A 416 8.05 -21.93 -8.89
N LYS A 417 9.36 -22.16 -8.94
CA LYS A 417 9.99 -22.59 -10.18
C LYS A 417 9.47 -23.95 -10.62
N SER A 418 9.26 -24.87 -9.67
CA SER A 418 8.71 -26.17 -10.01
C SER A 418 7.28 -26.08 -10.53
N LYS A 419 6.56 -25.01 -10.19
CA LYS A 419 5.17 -24.84 -10.58
C LYS A 419 5.00 -24.01 -11.85
N THR A 420 6.09 -23.42 -12.34
CA THR A 420 6.03 -22.54 -13.49
C THR A 420 7.09 -22.84 -14.55
N ALA A 421 7.05 -22.12 -15.66
CA ALA A 421 7.99 -22.37 -16.75
C ALA A 421 8.76 -21.16 -17.21
N LYS A 422 8.07 -20.20 -17.79
CA LYS A 422 8.72 -19.01 -18.28
C LYS A 422 8.84 -17.99 -17.19
N LEU A 423 9.81 -17.11 -17.33
CA LEU A 423 10.09 -16.12 -16.28
C LEU A 423 8.88 -15.24 -16.01
N GLN A 424 8.13 -14.89 -17.06
CA GLN A 424 6.93 -14.08 -16.86
C GLN A 424 5.86 -14.82 -16.06
N ASP A 425 5.84 -16.16 -16.16
CA ASP A 425 4.89 -16.96 -15.38
C ASP A 425 5.33 -17.11 -13.94
N PHE A 426 6.61 -17.42 -13.73
CA PHE A 426 7.17 -17.48 -12.35
C PHE A 426 6.83 -16.18 -11.66
N LYS A 427 7.05 -15.11 -12.39
CA LYS A 427 6.86 -13.78 -11.79
C LYS A 427 5.38 -13.52 -11.48
N SER A 428 4.49 -13.81 -12.45
CA SER A 428 3.07 -13.60 -12.20
C SER A 428 2.58 -14.43 -11.02
N PHE A 429 3.09 -15.65 -10.90
CA PHE A 429 2.66 -16.56 -9.84
C PHE A 429 2.90 -15.96 -8.46
N LEU A 430 3.98 -15.20 -8.30
CA LEU A 430 4.29 -14.62 -6.99
C LEU A 430 3.22 -13.63 -6.54
N LEU A 431 2.48 -13.04 -7.47
CA LEU A 431 1.42 -12.10 -7.12
C LEU A 431 0.03 -12.71 -7.18
N LYS A 432 -0.18 -13.76 -7.96
CA LYS A 432 -1.49 -14.37 -8.14
C LYS A 432 -1.81 -15.41 -7.09
N ASP A 433 -0.90 -16.37 -6.89
CA ASP A 433 -1.13 -17.46 -5.94
C ASP A 433 -1.33 -16.90 -4.55
N SER A 434 -2.52 -17.15 -3.97
CA SER A 434 -2.82 -16.61 -2.66
C SER A 434 -1.92 -17.20 -1.59
N GLU A 435 -1.67 -18.48 -1.67
CA GLU A 435 -0.78 -19.09 -0.71
C GLU A 435 0.62 -18.50 -0.78
N THR A 436 1.22 -18.51 -1.95
CA THR A 436 2.56 -17.97 -2.13
C THR A 436 2.63 -16.52 -1.65
N SER A 437 1.68 -15.69 -2.07
CA SER A 437 1.66 -14.30 -1.64
C SER A 437 1.52 -14.18 -0.12
N GLN A 438 0.89 -15.15 0.53
CA GLN A 438 0.79 -15.11 1.98
C GLN A 438 2.10 -15.53 2.65
N ARG A 439 2.79 -16.52 2.07
CA ARG A 439 4.12 -16.85 2.55
C ARG A 439 5.08 -15.67 2.38
N LEU A 440 5.00 -15.00 1.23
CA LEU A 440 5.86 -13.84 1.00
C LEU A 440 5.53 -12.71 1.97
N ALA A 441 4.24 -12.46 2.20
CA ALA A 441 3.85 -11.39 3.12
C ALA A 441 4.26 -11.70 4.55
N ASN A 442 4.27 -12.97 4.92
CA ASN A 442 4.71 -13.36 6.26
C ASN A 442 6.21 -13.13 6.41
N LEU A 443 7.00 -13.60 5.43
CA LEU A 443 8.45 -13.40 5.48
C LEU A 443 8.80 -11.91 5.43
N ARG A 444 8.09 -11.15 4.63
CA ARG A 444 8.35 -9.72 4.53
C ARG A 444 8.18 -9.02 5.85
N GLN A 445 7.10 -9.35 6.54
CA GLN A 445 6.85 -8.67 7.81
C GLN A 445 7.96 -8.95 8.81
N ARG A 446 8.44 -10.16 8.84
CA ARG A 446 9.53 -10.48 9.74
C ARG A 446 10.80 -9.75 9.35
N VAL A 447 11.06 -9.72 8.05
CA VAL A 447 12.26 -9.06 7.57
C VAL A 447 12.25 -7.58 7.95
N GLU A 448 11.11 -6.91 7.72
CA GLU A 448 11.04 -5.47 7.93
C GLU A 448 11.07 -5.12 9.41
N GLN A 449 10.45 -5.95 10.24
CA GLN A 449 10.50 -5.74 11.68
C GLN A 449 11.91 -5.91 12.22
N PHE A 450 12.69 -6.81 11.61
CA PHE A 450 14.10 -6.94 11.97
C PHE A 450 14.90 -5.74 11.50
N ALA A 451 14.69 -5.32 10.25
CA ALA A 451 15.54 -4.27 9.67
C ALA A 451 15.26 -2.91 10.28
N ARG A 452 14.00 -2.62 10.62
CA ARG A 452 13.66 -1.28 11.10
C ARG A 452 14.25 -0.96 12.46
N ALA A 453 14.68 -1.98 13.21
CA ALA A 453 15.22 -1.76 14.55
C ALA A 453 16.60 -1.14 14.55
N PHE A 454 17.26 -1.05 13.39
CA PHE A 454 18.63 -0.57 13.37
C PHE A 454 18.68 0.89 12.96
N PRO A 455 19.71 1.62 13.36
CA PRO A 455 19.82 3.03 12.96
C PRO A 455 20.16 3.15 11.48
N MET A 456 20.01 4.37 10.97
CA MET A 456 20.23 4.70 9.57
C MET A 456 20.94 6.04 9.41
N PRO A 457 22.12 6.07 8.77
CA PRO A 457 22.77 7.35 8.49
C PRO A 457 21.96 8.18 7.51
N GLY A 458 22.12 9.49 7.60
CA GLY A 458 21.49 10.42 6.69
C GLY A 458 20.51 11.33 7.40
N PHE A 459 19.69 12.00 6.58
CA PHE A 459 18.55 12.75 7.07
C PHE A 459 17.50 11.79 7.65
N ASP A 460 16.64 12.25 8.53
CA ASP A 460 15.60 11.38 9.03
C ASP A 460 14.41 11.09 8.12
N GLU A 461 14.23 11.98 7.14
CA GLU A 461 13.00 11.88 6.30
C GLU A 461 13.26 12.02 4.79
N HIS A 462 14.51 12.23 4.33
CA HIS A 462 14.62 12.23 2.89
C HIS A 462 16.00 11.71 2.44
N TRP B 1 -39.19 -41.64 9.00
CA TRP B 1 -38.75 -40.26 8.91
C TRP B 1 -37.47 -40.15 8.18
N THR B 2 -37.44 -39.26 7.23
CA THR B 2 -36.27 -39.08 6.45
C THR B 2 -35.64 -37.71 6.60
N GLY B 3 -36.45 -36.69 6.80
CA GLY B 3 -35.93 -35.35 6.79
C GLY B 3 -35.90 -34.84 5.37
N GLN B 4 -36.49 -35.60 4.44
CA GLN B 4 -36.58 -35.18 3.06
C GLN B 4 -38.02 -34.90 2.63
N GLU B 5 -38.97 -35.00 3.56
CA GLU B 5 -40.35 -34.69 3.26
C GLU B 5 -40.54 -33.19 3.09
N SER B 6 -41.45 -32.82 2.20
CA SER B 6 -41.73 -31.42 1.95
C SER B 6 -42.46 -30.80 3.13
N LEU B 7 -42.37 -29.46 3.22
CA LEU B 7 -43.09 -28.75 4.28
C LEU B 7 -44.59 -28.90 4.12
N SER B 8 -45.09 -28.86 2.88
CA SER B 8 -46.53 -28.96 2.65
C SER B 8 -47.09 -30.29 3.17
N ASP B 9 -46.30 -31.35 3.17
CA ASP B 9 -46.77 -32.65 3.63
C ASP B 9 -46.61 -32.85 5.14
N SER B 10 -45.47 -32.44 5.71
CA SER B 10 -45.18 -32.76 7.10
C SER B 10 -45.74 -31.77 8.09
N ASP B 11 -46.00 -30.53 7.67
CA ASP B 11 -46.50 -29.48 8.56
C ASP B 11 -47.49 -28.60 7.81
N PRO B 12 -48.67 -29.12 7.52
CA PRO B 12 -49.67 -28.32 6.79
C PRO B 12 -50.08 -27.06 7.54
N GLU B 13 -50.11 -27.12 8.88
CA GLU B 13 -50.41 -25.94 9.67
C GLU B 13 -49.46 -24.80 9.35
N MET B 14 -48.16 -25.08 9.30
CA MET B 14 -47.20 -24.04 9.00
C MET B 14 -47.20 -23.70 7.52
N TRP B 15 -47.33 -24.69 6.66
CA TRP B 15 -47.37 -24.44 5.23
C TRP B 15 -48.52 -23.50 4.86
N GLU B 16 -49.69 -23.71 5.45
CA GLU B 16 -50.81 -22.79 5.21
C GLU B 16 -50.46 -21.37 5.64
N LEU B 17 -49.79 -21.22 6.78
CA LEU B 17 -49.43 -19.88 7.25
C LEU B 17 -48.45 -19.20 6.31
N LEU B 18 -47.54 -19.97 5.68
CA LEU B 18 -46.62 -19.38 4.71
C LEU B 18 -47.36 -18.84 3.50
N GLN B 19 -48.32 -19.60 2.97
CA GLN B 19 -49.07 -19.14 1.81
C GLN B 19 -49.87 -17.88 2.11
N ARG B 20 -50.42 -17.79 3.32
CA ARG B 20 -51.20 -16.59 3.68
C ARG B 20 -50.31 -15.35 3.69
N GLU B 21 -49.09 -15.46 4.22
CA GLU B 21 -48.21 -14.30 4.21
C GLU B 21 -47.79 -13.94 2.79
N LYS B 22 -47.51 -14.95 1.96
CA LYS B 22 -47.18 -14.67 0.56
C LYS B 22 -48.34 -13.99 -0.15
N ASP B 23 -49.56 -14.43 0.13
CA ASP B 23 -50.75 -13.79 -0.43
C ASP B 23 -50.89 -12.37 0.09
N ARG B 24 -50.64 -12.17 1.39
CA ARG B 24 -50.72 -10.83 1.96
C ARG B 24 -49.74 -9.89 1.28
N GLN B 25 -48.54 -10.38 0.95
CA GLN B 25 -47.56 -9.54 0.26
C GLN B 25 -47.94 -9.26 -1.19
N CYS B 26 -48.64 -10.20 -1.84
CA CYS B 26 -48.99 -10.02 -3.24
C CYS B 26 -50.15 -9.05 -3.43
N ARG B 27 -51.03 -8.95 -2.45
CA ARG B 27 -52.29 -8.23 -2.59
C ARG B 27 -52.28 -6.84 -1.99
N GLY B 28 -51.18 -6.44 -1.36
CA GLY B 28 -51.17 -5.16 -0.67
C GLY B 28 -50.27 -4.14 -1.32
N LEU B 29 -50.46 -2.88 -0.94
CA LEU B 29 -49.53 -1.80 -1.30
C LEU B 29 -48.55 -1.68 -0.15
N GLU B 30 -47.43 -2.39 -0.26
CA GLU B 30 -46.43 -2.44 0.80
C GLU B 30 -45.52 -1.25 0.73
N LEU B 31 -45.67 -0.34 1.66
CA LEU B 31 -44.94 0.92 1.63
C LEU B 31 -44.03 1.09 2.84
N ILE B 32 -43.71 0.01 3.55
CA ILE B 32 -42.74 0.11 4.64
C ILE B 32 -41.35 0.32 4.04
N ALA B 33 -40.74 1.47 4.36
CA ALA B 33 -39.53 1.91 3.67
C ALA B 33 -38.36 0.96 3.86
N SER B 34 -38.36 0.16 4.93
CA SER B 34 -37.27 -0.76 5.23
C SER B 34 -37.52 -2.17 4.72
N GLU B 35 -38.58 -2.38 3.95
CA GLU B 35 -38.88 -3.71 3.43
C GLU B 35 -38.58 -3.78 1.93
N ASN B 36 -38.37 -5.00 1.46
CA ASN B 36 -38.20 -5.28 0.03
C ASN B 36 -38.55 -6.74 -0.19
N PHE B 37 -38.69 -7.11 -1.46
CA PHE B 37 -39.06 -8.48 -1.83
C PHE B 37 -37.85 -9.21 -2.38
N CYS B 38 -37.35 -10.17 -1.61
CA CYS B 38 -36.11 -10.86 -1.96
C CYS B 38 -36.32 -11.79 -3.15
N SER B 39 -35.29 -11.90 -3.98
CA SER B 39 -35.34 -12.74 -5.16
C SER B 39 -35.36 -14.22 -4.78
N ARG B 40 -35.90 -15.03 -5.68
CA ARG B 40 -35.94 -16.47 -5.45
C ARG B 40 -34.54 -17.05 -5.27
N ALA B 41 -33.60 -16.62 -6.11
CA ALA B 41 -32.25 -17.18 -6.08
C ALA B 41 -31.59 -16.99 -4.72
N ALA B 42 -31.71 -15.79 -4.14
CA ALA B 42 -31.17 -15.55 -2.81
C ALA B 42 -31.88 -16.42 -1.77
N LEU B 43 -33.20 -16.58 -1.91
CA LEU B 43 -33.94 -17.40 -0.95
C LEU B 43 -33.54 -18.87 -1.03
N GLU B 44 -33.19 -19.36 -2.22
CA GLU B 44 -32.75 -20.75 -2.36
C GLU B 44 -31.43 -20.98 -1.64
N ALA B 45 -30.54 -19.99 -1.63
CA ALA B 45 -29.33 -20.10 -0.83
C ALA B 45 -29.63 -19.98 0.65
N LEU B 46 -30.64 -19.18 1.02
CA LEU B 46 -30.98 -19.00 2.43
C LEU B 46 -31.49 -20.30 3.04
N GLY B 47 -32.30 -21.06 2.30
CA GLY B 47 -32.78 -22.33 2.82
C GLY B 47 -32.00 -23.52 2.30
N SER B 48 -30.73 -23.63 2.69
CA SER B 48 -29.83 -24.62 2.12
C SER B 48 -29.09 -25.36 3.24
N CYS B 49 -28.31 -26.38 2.85
CA CYS B 49 -27.53 -27.16 3.80
C CYS B 49 -26.44 -26.34 4.48
N LEU B 50 -26.19 -25.11 4.02
CA LEU B 50 -25.23 -24.24 4.71
C LEU B 50 -25.67 -23.92 6.13
N ASN B 51 -26.95 -24.08 6.44
CA ASN B 51 -27.44 -23.94 7.81
C ASN B 51 -26.72 -24.89 8.77
N ASN B 52 -26.22 -26.02 8.27
CA ASN B 52 -25.72 -27.08 9.14
C ASN B 52 -24.28 -26.87 9.62
N LYS B 53 -23.57 -25.94 9.05
CA LYS B 53 -22.16 -25.83 9.34
C LYS B 53 -21.65 -24.83 10.38
N TYR B 54 -20.89 -25.34 11.31
CA TYR B 54 -20.17 -24.45 12.22
C TYR B 54 -18.83 -24.08 11.61
N SER B 55 -18.57 -22.77 11.51
CA SER B 55 -17.33 -22.29 10.89
C SER B 55 -16.81 -21.05 11.62
N GLU B 56 -16.79 -21.09 12.95
CA GLU B 56 -16.31 -19.94 13.71
C GLU B 56 -14.88 -19.61 13.35
N GLY B 57 -14.58 -18.31 13.28
CA GLY B 57 -13.28 -17.84 12.83
C GLY B 57 -13.39 -17.15 11.49
N TYR B 58 -12.30 -17.13 10.74
CA TYR B 58 -12.27 -16.47 9.44
C TYR B 58 -11.59 -17.40 8.44
N PRO B 59 -11.78 -17.15 7.14
CA PRO B 59 -11.21 -18.06 6.13
C PRO B 59 -9.74 -18.37 6.40
N GLY B 60 -9.41 -19.66 6.32
CA GLY B 60 -8.07 -20.12 6.61
C GLY B 60 -7.74 -20.24 8.09
N LYS B 61 -8.59 -19.71 8.99
CA LYS B 61 -8.29 -19.67 10.43
C LYS B 61 -9.57 -20.01 11.19
N ARG B 62 -10.03 -21.25 11.05
CA ARG B 62 -11.29 -21.70 11.64
C ARG B 62 -11.04 -22.48 12.92
N TYR B 63 -12.10 -22.58 13.73
CA TYR B 63 -12.09 -23.39 14.95
C TYR B 63 -12.73 -24.74 14.74
N TYR B 64 -13.04 -25.10 13.49
CA TYR B 64 -13.65 -26.38 13.16
C TYR B 64 -13.03 -26.91 11.88
N GLY B 65 -13.10 -28.23 11.69
CA GLY B 65 -12.71 -28.83 10.44
C GLY B 65 -13.82 -28.76 9.41
N GLY B 66 -13.46 -29.07 8.16
CA GLY B 66 -14.45 -29.20 7.11
C GLY B 66 -14.93 -27.92 6.49
N ALA B 67 -14.14 -26.85 6.55
CA ALA B 67 -14.59 -25.52 6.21
C ALA B 67 -14.13 -25.03 4.83
N GLU B 68 -13.59 -25.92 4.00
CA GLU B 68 -12.97 -25.47 2.75
C GLU B 68 -13.99 -24.83 1.82
N VAL B 69 -15.23 -25.33 1.80
CA VAL B 69 -16.21 -24.77 0.90
C VAL B 69 -16.78 -23.46 1.44
N VAL B 70 -17.17 -23.44 2.72
CA VAL B 70 -17.69 -22.19 3.30
C VAL B 70 -16.61 -21.12 3.33
N ASP B 71 -15.34 -21.51 3.43
CA ASP B 71 -14.25 -20.54 3.27
C ASP B 71 -14.37 -19.83 1.93
N GLU B 72 -14.59 -20.58 0.85
CA GLU B 72 -14.70 -19.97 -0.47
C GLU B 72 -15.96 -19.13 -0.60
N ILE B 73 -17.04 -19.53 0.07
CA ILE B 73 -18.27 -18.74 0.07
C ILE B 73 -18.05 -17.42 0.78
N GLU B 74 -17.44 -17.46 1.97
CA GLU B 74 -17.21 -16.23 2.72
C GLU B 74 -16.29 -15.30 1.96
N LEU B 75 -15.20 -15.84 1.40
CA LEU B 75 -14.31 -15.03 0.58
C LEU B 75 -15.04 -14.45 -0.62
N LEU B 76 -15.90 -15.26 -1.26
CA LEU B 76 -16.64 -14.76 -2.41
C LEU B 76 -17.59 -13.63 -2.02
N CYS B 77 -18.25 -13.77 -0.87
CA CYS B 77 -19.14 -12.72 -0.39
C CYS B 77 -18.36 -11.43 -0.12
N GLN B 78 -17.18 -11.55 0.48
CA GLN B 78 -16.34 -10.38 0.72
C GLN B 78 -15.99 -9.69 -0.59
N ARG B 79 -15.55 -10.45 -1.59
CA ARG B 79 -15.14 -9.85 -2.85
C ARG B 79 -16.33 -9.20 -3.56
N ARG B 80 -17.50 -9.84 -3.52
CA ARG B 80 -18.67 -9.25 -4.16
C ARG B 80 -19.16 -8.00 -3.42
N ALA B 81 -18.99 -7.94 -2.11
CA ALA B 81 -19.35 -6.74 -1.37
C ALA B 81 -18.47 -5.56 -1.79
N LEU B 82 -17.15 -5.77 -1.84
CA LEU B 82 -16.25 -4.72 -2.28
C LEU B 82 -16.56 -4.30 -3.71
N GLU B 83 -16.91 -5.26 -4.58
CA GLU B 83 -17.20 -4.93 -5.98
C GLU B 83 -18.50 -4.15 -6.11
N ALA B 84 -19.50 -4.49 -5.30
CA ALA B 84 -20.79 -3.82 -5.41
C ALA B 84 -20.68 -2.34 -5.09
N PHE B 85 -19.74 -1.95 -4.23
CA PHE B 85 -19.60 -0.55 -3.84
C PHE B 85 -18.35 0.09 -4.42
N ASP B 86 -17.71 -0.55 -5.40
CA ASP B 86 -16.58 0.04 -6.14
C ASP B 86 -15.43 0.39 -5.20
N LEU B 87 -15.04 -0.57 -4.36
CA LEU B 87 -14.03 -0.34 -3.34
C LEU B 87 -12.73 -1.04 -3.70
N ASP B 88 -11.62 -0.36 -3.44
CA ASP B 88 -10.29 -0.93 -3.65
C ASP B 88 -9.95 -1.87 -2.50
N PRO B 89 -9.69 -3.15 -2.76
CA PRO B 89 -9.36 -4.08 -1.65
C PRO B 89 -8.10 -3.73 -0.89
N ALA B 90 -7.26 -2.84 -1.42
CA ALA B 90 -6.12 -2.37 -0.66
C ALA B 90 -6.50 -1.31 0.35
N GLN B 91 -7.67 -0.69 0.19
CA GLN B 91 -8.10 0.39 1.07
C GLN B 91 -9.29 0.04 1.95
N TRP B 92 -10.02 -1.03 1.63
CA TRP B 92 -11.23 -1.38 2.37
C TRP B 92 -11.27 -2.89 2.59
N GLY B 93 -11.65 -3.28 3.81
CA GLY B 93 -12.01 -4.64 4.11
C GLY B 93 -13.49 -4.70 4.46
N VAL B 94 -14.01 -5.93 4.53
CA VAL B 94 -15.41 -6.12 4.88
C VAL B 94 -15.55 -7.38 5.73
N ASN B 95 -16.33 -7.29 6.80
CA ASN B 95 -16.74 -8.43 7.60
C ASN B 95 -18.20 -8.72 7.27
N VAL B 96 -18.47 -9.98 6.91
CA VAL B 96 -19.80 -10.35 6.42
C VAL B 96 -20.55 -11.24 7.39
N GLN B 97 -20.05 -11.40 8.61
CA GLN B 97 -20.69 -12.28 9.60
C GLN B 97 -21.77 -11.66 10.49
N PRO B 98 -21.95 -10.34 10.60
CA PRO B 98 -22.99 -9.84 11.53
C PRO B 98 -24.36 -10.40 11.20
N TYR B 99 -25.10 -10.76 12.26
CA TYR B 99 -26.39 -11.42 12.06
C TYR B 99 -27.41 -10.46 11.48
N SER B 100 -27.36 -9.19 11.83
CA SER B 100 -28.29 -8.19 11.26
C SER B 100 -27.69 -6.80 11.48
N GLY B 101 -28.50 -5.79 11.26
CA GLY B 101 -27.98 -4.43 11.36
C GLY B 101 -27.59 -4.05 12.77
N SER B 102 -28.46 -4.32 13.75
CA SER B 102 -28.14 -3.95 15.12
C SER B 102 -26.91 -4.67 15.67
N PRO B 103 -26.71 -5.98 15.45
CA PRO B 103 -25.43 -6.59 15.86
C PRO B 103 -24.22 -5.96 15.19
N ALA B 104 -24.36 -5.52 13.93
CA ALA B 104 -23.24 -4.90 13.23
C ALA B 104 -22.77 -3.62 13.92
N ASN B 105 -23.71 -2.75 14.27
CA ASN B 105 -23.33 -1.51 14.92
C ASN B 105 -22.71 -1.78 16.28
N LEU B 106 -23.32 -2.67 17.06
CA LEU B 106 -22.77 -3.03 18.36
C LEU B 106 -21.36 -3.56 18.25
N ALA B 107 -21.07 -4.34 17.20
CA ALA B 107 -19.71 -4.84 17.00
C ALA B 107 -18.73 -3.70 16.80
N VAL B 108 -19.13 -2.67 16.05
CA VAL B 108 -18.25 -1.54 15.80
C VAL B 108 -17.91 -0.83 17.11
N TYR B 109 -18.93 -0.55 17.92
CA TYR B 109 -18.68 0.13 19.19
C TYR B 109 -17.77 -0.70 20.09
N THR B 110 -18.05 -2.01 20.19
CA THR B 110 -17.24 -2.86 21.03
C THR B 110 -15.80 -2.93 20.54
N ALA B 111 -15.60 -2.84 19.22
CA ALA B 111 -14.25 -2.95 18.66
C ALA B 111 -13.42 -1.71 18.98
N LEU B 112 -14.01 -0.53 18.89
CA LEU B 112 -13.26 0.72 18.93
C LEU B 112 -13.38 1.47 20.24
N LEU B 113 -14.30 1.09 21.13
CA LEU B 113 -14.56 1.85 22.33
C LEU B 113 -14.46 0.97 23.57
N GLN B 114 -14.02 1.58 24.67
CA GLN B 114 -14.14 0.97 25.98
C GLN B 114 -15.54 1.21 26.52
N PRO B 115 -15.99 0.41 27.48
CA PRO B 115 -17.28 0.70 28.11
C PRO B 115 -17.33 2.14 28.61
N HIS B 116 -18.50 2.77 28.45
CA HIS B 116 -18.77 4.14 28.86
C HIS B 116 -18.06 5.20 28.03
N ASP B 117 -17.42 4.81 26.93
CA ASP B 117 -16.90 5.81 25.99
C ASP B 117 -18.05 6.49 25.26
N ARG B 118 -17.76 7.65 24.67
CA ARG B 118 -18.81 8.58 24.23
C ARG B 118 -19.06 8.47 22.72
N ILE B 119 -20.34 8.43 22.35
CA ILE B 119 -20.78 8.43 20.96
C ILE B 119 -21.84 9.52 20.78
N MET B 120 -22.06 9.89 19.54
CA MET B 120 -23.10 10.83 19.21
C MET B 120 -23.83 10.40 17.95
N GLY B 121 -25.13 10.29 18.02
CA GLY B 121 -25.95 9.96 16.89
C GLY B 121 -27.14 10.89 16.79
N LEU B 122 -27.82 10.82 15.63
CA LEU B 122 -29.04 11.60 15.46
C LEU B 122 -30.12 11.06 16.38
N ASP B 123 -30.76 11.96 17.14
CA ASP B 123 -31.81 11.55 18.06
C ASP B 123 -32.90 10.80 17.31
N LEU B 124 -33.48 9.80 17.94
CA LEU B 124 -34.48 8.96 17.27
C LEU B 124 -35.70 9.72 16.69
N PRO B 125 -36.34 10.57 17.50
CA PRO B 125 -37.45 11.29 16.88
C PRO B 125 -37.02 12.19 15.72
N ASP B 126 -35.76 12.57 15.69
CA ASP B 126 -35.21 13.37 14.62
C ASP B 126 -34.81 12.52 13.42
N GLY B 127 -34.86 11.20 13.54
CA GLY B 127 -34.59 10.35 12.40
C GLY B 127 -33.50 9.31 12.57
N GLY B 128 -32.80 9.30 13.71
CA GLY B 128 -31.74 8.34 13.93
C GLY B 128 -32.25 6.99 14.37
N HIS B 129 -31.37 6.00 14.33
CA HIS B 129 -31.76 4.64 14.68
C HIS B 129 -31.62 4.39 16.17
N LEU B 130 -32.36 3.39 16.65
CA LEU B 130 -32.22 2.92 18.02
C LEU B 130 -30.76 2.68 18.39
N THR B 131 -30.00 2.03 17.50
CA THR B 131 -28.64 1.62 17.83
C THR B 131 -27.63 2.75 17.73
N HIS B 132 -28.09 3.98 17.47
CA HIS B 132 -27.22 5.14 17.48
C HIS B 132 -27.17 5.80 18.85
N GLY B 133 -27.38 5.02 19.92
CA GLY B 133 -27.25 5.50 21.27
C GLY B 133 -28.53 6.07 21.88
N TYR B 134 -29.70 5.56 21.49
CA TYR B 134 -30.95 6.21 21.87
C TYR B 134 -31.29 5.93 23.32
N MET B 135 -31.49 6.99 24.09
CA MET B 135 -32.07 6.88 25.42
C MET B 135 -33.03 8.05 25.57
N SER B 136 -34.09 7.84 26.34
CA SER B 136 -35.07 8.90 26.53
C SER B 136 -34.74 9.68 27.80
N ASP B 137 -35.63 10.59 28.18
CA ASP B 137 -35.48 11.29 29.45
C ASP B 137 -35.71 10.37 30.64
N VAL B 138 -36.47 9.28 30.44
CA VAL B 138 -36.90 8.45 31.57
C VAL B 138 -36.11 7.16 31.66
N LYS B 139 -35.66 6.62 30.52
CA LYS B 139 -34.91 5.38 30.60
C LYS B 139 -33.94 5.24 29.44
N ARG B 140 -32.91 4.43 29.67
CA ARG B 140 -32.01 4.00 28.62
C ARG B 140 -32.67 2.89 27.84
N ILE B 141 -32.85 3.10 26.54
CA ILE B 141 -33.67 2.20 25.74
C ILE B 141 -32.78 1.22 25.01
N SER B 142 -31.85 1.74 24.20
CA SER B 142 -30.94 0.90 23.47
C SER B 142 -29.77 0.50 24.35
N ALA B 143 -29.29 -0.74 24.19
CA ALA B 143 -28.09 -1.14 24.90
C ALA B 143 -26.89 -0.28 24.51
N THR B 144 -26.94 0.37 23.34
CA THR B 144 -25.88 1.28 22.94
C THR B 144 -25.82 2.52 23.83
N SER B 145 -26.89 2.83 24.55
CA SER B 145 -26.88 3.90 25.55
C SER B 145 -26.65 3.37 26.96
N ILE B 146 -26.61 2.06 27.14
CA ILE B 146 -26.28 1.44 28.42
C ILE B 146 -24.79 1.18 28.55
N PHE B 147 -24.20 0.49 27.57
CA PHE B 147 -22.78 0.16 27.64
C PHE B 147 -21.88 1.30 27.19
N PHE B 148 -22.43 2.30 26.51
CA PHE B 148 -21.67 3.47 26.10
C PHE B 148 -22.48 4.71 26.45
N GLU B 149 -21.81 5.86 26.45
CA GLU B 149 -22.40 7.12 26.87
C GLU B 149 -22.75 7.94 25.64
N SER B 150 -24.03 8.15 25.40
CA SER B 150 -24.48 8.83 24.18
C SER B 150 -25.03 10.22 24.49
N MET B 151 -24.89 11.08 23.50
CA MET B 151 -25.49 12.37 23.51
C MET B 151 -25.94 12.56 22.05
N PRO B 152 -27.20 12.96 21.84
CA PRO B 152 -27.71 13.08 20.48
C PRO B 152 -27.39 14.44 19.85
N TYR B 153 -27.42 14.47 18.52
CA TYR B 153 -27.56 15.72 17.81
C TYR B 153 -28.92 15.75 17.13
N LYS B 154 -29.31 16.93 16.65
CA LYS B 154 -30.71 17.21 16.35
C LYS B 154 -30.89 17.85 14.99
N LEU B 155 -32.12 17.74 14.51
CA LEU B 155 -32.60 18.50 13.36
C LEU B 155 -32.82 19.96 13.77
N ASN B 156 -32.70 20.85 12.80
CA ASN B 156 -33.26 22.19 12.95
C ASN B 156 -34.78 22.05 12.78
N PRO B 157 -35.59 22.44 13.77
CA PRO B 157 -37.02 22.19 13.67
C PRO B 157 -37.71 22.98 12.57
N LYS B 158 -37.18 24.17 12.23
CA LYS B 158 -37.80 24.98 11.18
C LYS B 158 -37.66 24.33 9.82
N THR B 159 -36.47 23.77 9.56
CA THR B 159 -36.12 23.21 8.25
C THR B 159 -36.22 21.73 8.08
N GLY B 160 -36.26 21.01 9.17
CA GLY B 160 -36.22 19.58 9.06
C GLY B 160 -34.90 19.02 8.59
N LEU B 161 -33.84 19.81 8.65
CA LEU B 161 -32.51 19.42 8.22
C LEU B 161 -31.58 19.31 9.43
N ILE B 162 -30.63 18.39 9.35
CA ILE B 162 -29.63 18.23 10.40
C ILE B 162 -28.94 19.56 10.64
N ASP B 163 -28.84 19.96 11.91
CA ASP B 163 -28.17 21.21 12.26
C ASP B 163 -26.69 20.92 12.46
N TYR B 164 -25.92 21.04 11.37
CA TYR B 164 -24.49 20.73 11.45
C TYR B 164 -23.76 21.73 12.33
N ASN B 165 -24.24 22.96 12.41
CA ASN B 165 -23.59 23.96 13.26
C ASN B 165 -23.70 23.58 14.73
N GLN B 166 -24.91 23.23 15.18
CA GLN B 166 -25.08 22.81 16.57
C GLN B 166 -24.31 21.54 16.86
N LEU B 167 -24.22 20.63 15.88
CA LEU B 167 -23.43 19.41 16.08
C LEU B 167 -21.97 19.74 16.35
N ALA B 168 -21.40 20.65 15.55
CA ALA B 168 -20.01 21.04 15.75
C ALA B 168 -19.82 21.68 17.12
N LEU B 169 -20.75 22.55 17.51
CA LEU B 169 -20.66 23.19 18.83
C LEU B 169 -20.64 22.16 19.95
N THR B 170 -21.60 21.23 19.93
CA THR B 170 -21.74 20.31 21.05
C THR B 170 -20.70 19.20 21.04
N ALA B 171 -20.18 18.82 19.87
CA ALA B 171 -19.13 17.80 19.84
C ALA B 171 -17.84 18.31 20.47
N ARG B 172 -17.54 19.60 20.30
CA ARG B 172 -16.35 20.16 20.94
C ARG B 172 -16.43 20.04 22.46
N LEU B 173 -17.63 20.16 23.02
CA LEU B 173 -17.79 20.09 24.47
C LEU B 173 -17.90 18.64 24.96
N PHE B 174 -18.68 17.82 24.24
CA PHE B 174 -18.92 16.44 24.65
C PHE B 174 -17.71 15.54 24.38
N ARG B 175 -16.94 15.84 23.34
CA ARG B 175 -15.76 15.08 22.93
C ARG B 175 -16.10 13.61 22.67
N PRO B 176 -16.95 13.30 21.69
CA PRO B 176 -17.24 11.89 21.40
C PRO B 176 -16.03 11.21 20.80
N ARG B 177 -15.95 9.91 20.94
CA ARG B 177 -14.90 9.15 20.27
C ARG B 177 -15.38 8.63 18.92
N LEU B 178 -16.68 8.67 18.71
CA LEU B 178 -17.25 8.16 17.48
C LEU B 178 -18.55 8.93 17.22
N ILE B 179 -18.73 9.36 15.98
CA ILE B 179 -19.94 10.06 15.56
C ILE B 179 -20.58 9.25 14.44
N ILE B 180 -21.90 9.10 14.50
CA ILE B 180 -22.63 8.24 13.59
C ILE B 180 -23.39 9.09 12.58
N ALA B 181 -23.15 8.84 11.29
CA ALA B 181 -23.87 9.50 10.22
C ALA B 181 -24.72 8.44 9.55
N GLY B 182 -26.01 8.44 9.85
CA GLY B 182 -26.91 7.45 9.30
C GLY B 182 -28.28 7.63 9.89
N THR B 183 -29.32 7.32 9.12
CA THR B 183 -30.68 7.64 9.56
C THR B 183 -31.62 6.49 9.23
N SER B 184 -32.73 6.46 9.96
CA SER B 184 -33.82 5.56 9.69
C SER B 184 -35.05 6.25 9.11
N ALA B 185 -35.21 7.54 9.35
CA ALA B 185 -36.38 8.28 8.89
C ALA B 185 -35.96 9.72 8.58
N TYR B 186 -35.08 9.87 7.60
CA TYR B 186 -34.60 11.17 7.14
C TYR B 186 -34.60 11.15 5.62
N ALA B 187 -35.27 12.13 5.02
CA ALA B 187 -35.52 12.13 3.58
C ALA B 187 -34.50 12.91 2.78
N ARG B 188 -33.44 13.42 3.40
CA ARG B 188 -32.44 14.21 2.69
C ARG B 188 -31.08 13.52 2.76
N LEU B 189 -30.17 13.98 1.91
CA LEU B 189 -28.81 13.43 1.89
C LEU B 189 -28.00 14.03 3.03
N ILE B 190 -27.12 13.21 3.59
CA ILE B 190 -26.29 13.62 4.70
C ILE B 190 -25.04 14.29 4.16
N ASP B 191 -24.62 15.37 4.78
CA ASP B 191 -23.41 16.06 4.40
C ASP B 191 -22.21 15.39 5.06
N TYR B 192 -21.79 14.30 4.48
CA TYR B 192 -20.69 13.52 5.04
C TYR B 192 -19.41 14.36 5.15
N ALA B 193 -19.21 15.28 4.20
CA ALA B 193 -18.02 16.13 4.25
C ALA B 193 -18.01 16.98 5.51
N ARG B 194 -19.15 17.49 5.91
CA ARG B 194 -19.23 18.29 7.13
C ARG B 194 -19.02 17.41 8.34
N MET B 195 -19.62 16.23 8.34
CA MET B 195 -19.37 15.26 9.42
C MET B 195 -17.88 15.01 9.60
N ARG B 196 -17.18 14.77 8.49
CA ARG B 196 -15.74 14.50 8.54
C ARG B 196 -14.98 15.67 9.15
N GLU B 197 -15.37 16.91 8.82
CA GLU B 197 -14.72 18.07 9.41
C GLU B 197 -14.88 18.08 10.93
N VAL B 198 -16.10 17.84 11.41
CA VAL B 198 -16.32 17.80 12.85
C VAL B 198 -15.50 16.68 13.48
N CYS B 199 -15.53 15.48 12.87
CA CYS B 199 -14.78 14.37 13.42
C CYS B 199 -13.29 14.68 13.47
N ASP B 200 -12.75 15.32 12.42
CA ASP B 200 -11.33 15.66 12.42
C ASP B 200 -10.98 16.64 13.53
N GLU B 201 -11.87 17.55 13.85
CA GLU B 201 -11.58 18.53 14.88
C GLU B 201 -11.53 17.92 16.29
N VAL B 202 -12.47 17.04 16.61
CA VAL B 202 -12.50 16.44 17.92
C VAL B 202 -11.82 15.08 17.97
N LYS B 203 -11.24 14.64 16.85
CA LYS B 203 -10.52 13.37 16.76
C LYS B 203 -11.43 12.17 17.04
N ALA B 204 -12.62 12.20 16.46
CA ALA B 204 -13.56 11.08 16.55
C ALA B 204 -13.52 10.27 15.26
N HIS B 205 -13.87 8.99 15.38
CA HIS B 205 -14.13 8.18 14.19
C HIS B 205 -15.48 8.55 13.60
N LEU B 206 -15.60 8.43 12.29
CA LEU B 206 -16.85 8.66 11.57
C LEU B 206 -17.39 7.31 11.11
N LEU B 207 -18.51 6.88 11.69
CA LEU B 207 -19.23 5.69 11.24
C LEU B 207 -20.41 6.12 10.41
N ALA B 208 -20.51 5.58 9.19
CA ALA B 208 -21.67 5.79 8.34
C ALA B 208 -22.52 4.53 8.39
N ASP B 209 -23.74 4.66 8.89
CA ASP B 209 -24.73 3.58 8.86
C ASP B 209 -25.65 3.87 7.67
N MET B 210 -25.35 3.26 6.52
CA MET B 210 -26.11 3.49 5.29
C MET B 210 -27.18 2.42 5.05
N ALA B 211 -27.64 1.74 6.10
CA ALA B 211 -28.55 0.61 5.93
C ALA B 211 -29.69 0.93 4.98
N HIS B 212 -30.34 2.08 5.15
CA HIS B 212 -31.50 2.40 4.34
C HIS B 212 -31.12 2.69 2.90
N ILE B 213 -29.98 3.35 2.67
CA ILE B 213 -29.65 3.86 1.34
C ILE B 213 -28.63 2.98 0.61
N SER B 214 -28.26 1.84 1.20
CA SER B 214 -27.13 1.06 0.67
C SER B 214 -27.31 0.71 -0.80
N GLY B 215 -28.50 0.26 -1.20
CA GLY B 215 -28.73 -0.07 -2.59
C GLY B 215 -28.57 1.12 -3.52
N LEU B 216 -29.04 2.30 -3.08
CA LEU B 216 -28.88 3.51 -3.87
C LEU B 216 -27.41 3.87 -4.02
N VAL B 217 -26.62 3.66 -2.96
CA VAL B 217 -25.19 3.93 -3.03
C VAL B 217 -24.51 2.99 -4.00
N ALA B 218 -24.87 1.70 -3.96
CA ALA B 218 -24.23 0.72 -4.83
C ALA B 218 -24.48 1.05 -6.30
N ALA B 219 -25.70 1.45 -6.64
CA ALA B 219 -26.02 1.87 -7.99
C ALA B 219 -25.48 3.24 -8.35
N LYS B 220 -24.86 3.93 -7.39
CA LYS B 220 -24.27 5.25 -7.61
C LYS B 220 -25.30 6.26 -8.13
N VAL B 221 -26.49 6.23 -7.53
CA VAL B 221 -27.51 7.22 -7.82
C VAL B 221 -27.59 8.30 -6.75
N ILE B 222 -26.91 8.11 -5.62
CA ILE B 222 -26.68 9.16 -4.62
C ILE B 222 -25.22 9.13 -4.21
N PRO B 223 -24.73 10.22 -3.62
CA PRO B 223 -23.31 10.25 -3.22
C PRO B 223 -22.97 9.16 -2.21
N SER B 224 -21.74 8.69 -2.27
CA SER B 224 -21.28 7.55 -1.49
C SER B 224 -20.68 8.01 -0.17
N PRO B 225 -21.02 7.37 0.95
CA PRO B 225 -20.38 7.73 2.22
C PRO B 225 -18.96 7.20 2.37
N PHE B 226 -18.53 6.26 1.52
CA PHE B 226 -17.19 5.71 1.63
C PHE B 226 -16.10 6.74 1.37
N LYS B 227 -16.44 7.87 0.75
CA LYS B 227 -15.43 8.90 0.49
C LYS B 227 -14.91 9.51 1.78
N HIS B 228 -15.73 9.59 2.82
CA HIS B 228 -15.35 10.30 4.03
C HIS B 228 -15.35 9.47 5.30
N ALA B 229 -16.02 8.32 5.32
CA ALA B 229 -16.20 7.56 6.55
C ALA B 229 -15.01 6.65 6.85
N ASP B 230 -14.78 6.42 8.15
CA ASP B 230 -13.80 5.42 8.59
C ASP B 230 -14.39 4.01 8.56
N ILE B 231 -15.63 3.88 9.01
CA ILE B 231 -16.34 2.61 9.11
C ILE B 231 -17.71 2.80 8.46
N VAL B 232 -18.18 1.78 7.74
CA VAL B 232 -19.50 1.79 7.12
C VAL B 232 -20.21 0.51 7.50
N THR B 233 -21.40 0.64 8.10
CA THR B 233 -22.24 -0.51 8.36
C THR B 233 -23.49 -0.43 7.49
N THR B 234 -24.09 -1.59 7.26
CA THR B 234 -25.33 -1.63 6.51
C THR B 234 -26.01 -2.97 6.74
N THR B 235 -27.31 -2.98 6.50
CA THR B 235 -28.04 -4.22 6.35
C THR B 235 -28.08 -4.60 4.88
N THR B 236 -28.52 -5.82 4.61
CA THR B 236 -28.57 -6.34 3.27
C THR B 236 -29.99 -6.56 2.77
N HIS B 237 -31.00 -6.24 3.57
CA HIS B 237 -32.39 -6.59 3.28
C HIS B 237 -33.28 -5.37 3.05
N LYS B 238 -32.72 -4.17 2.95
CA LYS B 238 -33.52 -3.00 2.64
C LYS B 238 -33.40 -2.69 1.14
N THR B 239 -32.79 -1.57 0.78
CA THR B 239 -32.68 -1.26 -0.65
C THR B 239 -31.76 -2.21 -1.40
N LEU B 240 -30.95 -3.00 -0.70
CA LEU B 240 -30.10 -3.98 -1.35
C LEU B 240 -30.85 -5.24 -1.75
N ARG B 241 -32.05 -5.45 -1.21
CA ARG B 241 -32.96 -6.49 -1.70
C ARG B 241 -32.38 -7.89 -1.50
N GLY B 242 -31.73 -8.10 -0.35
CA GLY B 242 -31.18 -9.41 -0.04
C GLY B 242 -31.80 -10.07 1.17
N ALA B 243 -31.14 -11.11 1.69
CA ALA B 243 -31.54 -11.74 2.93
C ALA B 243 -31.21 -10.84 4.12
N ARG B 244 -31.86 -11.11 5.25
CA ARG B 244 -31.63 -10.30 6.44
C ARG B 244 -30.24 -10.61 7.00
N SER B 245 -29.38 -9.60 7.04
CA SER B 245 -27.99 -9.78 7.46
C SER B 245 -27.38 -8.39 7.62
N GLY B 246 -26.14 -8.36 8.10
CA GLY B 246 -25.42 -7.11 8.24
C GLY B 246 -24.02 -7.22 7.68
N LEU B 247 -23.43 -6.05 7.40
CA LEU B 247 -22.07 -5.94 6.88
C LEU B 247 -21.34 -4.81 7.59
N ILE B 248 -20.04 -4.99 7.77
CA ILE B 248 -19.17 -3.95 8.32
C ILE B 248 -18.02 -3.74 7.34
N PHE B 249 -17.95 -2.55 6.75
CA PHE B 249 -16.82 -2.13 5.93
C PHE B 249 -15.88 -1.29 6.80
N TYR B 250 -14.58 -1.44 6.57
CA TYR B 250 -13.61 -0.71 7.36
C TYR B 250 -12.40 -0.36 6.49
N ARG B 251 -11.78 0.77 6.80
CA ARG B 251 -10.59 1.18 6.09
C ARG B 251 -9.40 0.32 6.50
N LYS B 252 -8.53 0.05 5.54
CA LYS B 252 -7.29 -0.65 5.81
C LYS B 252 -6.19 -0.03 4.95
N GLY B 253 -4.96 -0.45 5.21
CA GLY B 253 -3.84 0.15 4.50
C GLY B 253 -3.32 1.38 5.20
N VAL B 254 -2.78 2.30 4.41
CA VAL B 254 -2.14 3.47 4.93
C VAL B 254 -3.07 4.61 5.23
N LYS B 255 -3.02 5.08 6.46
CA LYS B 255 -3.82 6.26 6.77
C LYS B 255 -3.09 7.55 6.42
N ALA B 256 -1.81 7.63 6.77
CA ALA B 256 -1.01 8.81 6.56
C ALA B 256 0.46 8.43 6.57
N VAL B 257 1.31 9.41 6.27
CA VAL B 257 2.75 9.24 6.30
C VAL B 257 3.31 10.19 7.35
N ASP B 258 4.01 9.63 8.35
CA ASP B 258 4.69 10.42 9.36
C ASP B 258 5.69 11.35 8.68
N PRO B 259 5.48 12.68 8.74
CA PRO B 259 6.42 13.60 8.09
C PRO B 259 7.81 13.59 8.70
N LYS B 260 7.95 13.13 9.95
CA LYS B 260 9.26 13.12 10.60
C LYS B 260 10.13 11.94 10.20
N THR B 261 9.55 10.91 9.57
CA THR B 261 10.32 9.74 9.15
C THR B 261 9.98 9.25 7.75
N GLY B 262 8.91 9.75 7.13
CA GLY B 262 8.42 9.15 5.90
C GLY B 262 7.81 7.77 6.08
N ARG B 263 7.55 7.36 7.31
CA ARG B 263 6.96 6.05 7.56
C ARG B 263 5.44 6.09 7.40
N GLU B 264 4.90 5.07 6.76
CA GLU B 264 3.46 4.98 6.57
C GLU B 264 2.77 4.62 7.87
N ILE B 265 1.69 5.33 8.19
CA ILE B 265 0.91 5.10 9.40
C ILE B 265 -0.32 4.30 8.99
N PRO B 266 -0.44 3.04 9.39
CA PRO B 266 -1.55 2.21 8.91
C PRO B 266 -2.83 2.42 9.71
N TYR B 267 -3.93 2.04 9.07
CA TYR B 267 -5.20 1.89 9.78
C TYR B 267 -5.14 0.66 10.68
N THR B 268 -5.81 0.72 11.83
CA THR B 268 -5.81 -0.37 12.79
C THR B 268 -7.24 -0.83 13.10
N PHE B 269 -8.10 -0.84 12.09
CA PHE B 269 -9.49 -1.23 12.28
C PHE B 269 -9.69 -2.74 12.13
N GLU B 270 -8.98 -3.37 11.19
CA GLU B 270 -9.33 -4.71 10.74
C GLU B 270 -9.38 -5.70 11.91
N ASP B 271 -8.27 -5.83 12.64
CA ASP B 271 -8.19 -6.84 13.69
C ASP B 271 -9.20 -6.58 14.80
N ARG B 272 -9.42 -5.30 15.16
CA ARG B 272 -10.38 -5.00 16.23
C ARG B 272 -11.80 -5.29 15.78
N ILE B 273 -12.16 -4.91 14.56
CA ILE B 273 -13.51 -5.20 14.06
C ILE B 273 -13.75 -6.71 14.03
N ASN B 274 -12.81 -7.46 13.49
CA ASN B 274 -13.01 -8.90 13.36
C ASN B 274 -13.06 -9.58 14.72
N PHE B 275 -12.24 -9.12 15.66
CA PHE B 275 -12.26 -9.72 16.99
C PHE B 275 -13.58 -9.44 17.69
N ALA B 276 -14.13 -8.23 17.52
CA ALA B 276 -15.38 -7.88 18.18
C ALA B 276 -16.54 -8.71 17.66
N VAL B 277 -16.59 -8.98 16.36
CA VAL B 277 -17.64 -9.83 15.82
C VAL B 277 -17.50 -11.25 16.35
N PHE B 278 -16.29 -11.81 16.24
CA PHE B 278 -16.00 -13.12 16.80
C PHE B 278 -14.55 -13.12 17.25
N PRO B 279 -14.25 -13.54 18.48
CA PRO B 279 -15.12 -14.21 19.46
C PRO B 279 -15.87 -13.31 20.44
N SER B 280 -15.77 -12.02 20.37
CA SER B 280 -16.40 -11.21 21.44
C SER B 280 -17.93 -11.21 21.53
N LEU B 281 -18.59 -11.00 20.40
CA LEU B 281 -20.03 -10.80 20.43
C LEU B 281 -20.82 -11.99 19.89
N GLN B 282 -20.45 -12.52 18.74
CA GLN B 282 -21.27 -13.53 18.08
C GLN B 282 -20.68 -14.93 18.26
N GLY B 283 -21.49 -15.92 17.91
CA GLY B 283 -21.03 -17.30 17.87
C GLY B 283 -20.79 -17.75 16.44
N GLY B 284 -21.38 -18.88 16.07
CA GLY B 284 -21.21 -19.41 14.74
C GLY B 284 -21.83 -18.50 13.69
N PRO B 285 -21.10 -18.24 12.61
CA PRO B 285 -21.70 -17.50 11.48
C PRO B 285 -22.88 -18.28 10.91
N HIS B 286 -23.83 -17.55 10.32
CA HIS B 286 -24.95 -18.17 9.62
C HIS B 286 -24.58 -18.20 8.15
N ASN B 287 -23.99 -19.30 7.73
CA ASN B 287 -23.49 -19.42 6.38
C ASN B 287 -24.57 -19.35 5.29
N HIS B 288 -25.75 -19.79 5.63
CA HIS B 288 -26.83 -19.69 4.66
C HIS B 288 -27.16 -18.23 4.37
N ALA B 289 -27.16 -17.37 5.40
CA ALA B 289 -27.39 -15.95 5.15
C ALA B 289 -26.24 -15.32 4.39
N ILE B 290 -25.01 -15.72 4.70
CA ILE B 290 -23.84 -15.19 3.99
C ILE B 290 -23.93 -15.49 2.50
N ALA B 291 -24.31 -16.73 2.15
CA ALA B 291 -24.47 -17.10 0.74
C ALA B 291 -25.59 -16.30 0.08
N ALA B 292 -26.74 -16.16 0.75
CA ALA B 292 -27.82 -15.39 0.18
C ALA B 292 -27.43 -13.93 -0.01
N VAL B 293 -26.58 -13.40 0.87
CA VAL B 293 -26.11 -12.02 0.72
C VAL B 293 -25.23 -11.91 -0.51
N ALA B 294 -24.36 -12.90 -0.73
CA ALA B 294 -23.47 -12.86 -1.90
C ALA B 294 -24.28 -12.89 -3.20
N VAL B 295 -25.40 -13.62 -3.19
CA VAL B 295 -26.26 -13.66 -4.38
C VAL B 295 -26.85 -12.28 -4.65
N ALA B 296 -27.38 -11.64 -3.63
CA ALA B 296 -27.92 -10.31 -3.77
C ALA B 296 -26.89 -9.25 -4.19
N LEU B 297 -25.67 -9.40 -3.73
CA LEU B 297 -24.65 -8.45 -4.06
C LEU B 297 -24.25 -8.52 -5.53
N LYS B 298 -24.29 -9.71 -6.11
CA LYS B 298 -23.98 -9.88 -7.51
C LYS B 298 -25.07 -9.22 -8.32
N GLN B 299 -26.32 -9.43 -7.90
CA GLN B 299 -27.40 -8.77 -8.56
C GLN B 299 -27.22 -7.24 -8.52
N ALA B 300 -26.63 -6.72 -7.46
CA ALA B 300 -26.51 -5.27 -7.32
C ALA B 300 -25.47 -4.66 -8.26
N CYS B 301 -24.63 -5.49 -8.85
CA CYS B 301 -23.60 -5.01 -9.75
C CYS B 301 -24.04 -4.99 -11.21
N THR B 302 -25.32 -5.22 -11.46
CA THR B 302 -25.81 -5.27 -12.83
C THR B 302 -26.48 -3.96 -13.23
N PRO B 303 -26.50 -3.66 -14.53
CA PRO B 303 -27.27 -2.49 -14.99
C PRO B 303 -28.74 -2.54 -14.64
N MET B 304 -29.32 -3.73 -14.53
CA MET B 304 -30.70 -3.84 -14.05
C MET B 304 -30.85 -3.15 -12.70
N PHE B 305 -29.92 -3.39 -11.79
CA PHE B 305 -30.06 -2.83 -10.45
C PHE B 305 -29.93 -1.30 -10.47
N ARG B 306 -29.06 -0.77 -11.32
N ARG B 306 -29.04 -0.77 -11.29
CA ARG B 306 -28.94 0.68 -11.42
CA ARG B 306 -28.94 0.68 -11.43
C ARG B 306 -30.21 1.32 -11.98
C ARG B 306 -30.26 1.26 -11.92
N GLU B 307 -30.88 0.61 -12.90
CA GLU B 307 -32.16 1.10 -13.41
C GLU B 307 -33.23 1.03 -12.33
N TYR B 308 -33.23 -0.06 -11.55
CA TYR B 308 -34.17 -0.19 -10.45
C TYR B 308 -33.99 0.92 -9.43
N SER B 309 -32.73 1.22 -9.07
CA SER B 309 -32.46 2.22 -8.04
C SER B 309 -32.87 3.62 -8.50
N LEU B 310 -32.60 3.94 -9.77
CA LEU B 310 -33.11 5.19 -10.34
C LEU B 310 -34.62 5.28 -10.21
N GLN B 311 -35.33 4.19 -10.55
CA GLN B 311 -36.78 4.19 -10.48
C GLN B 311 -37.27 4.38 -9.05
N VAL B 312 -36.53 3.86 -8.06
CA VAL B 312 -36.89 4.11 -6.66
C VAL B 312 -36.90 5.60 -6.38
N LEU B 313 -35.87 6.32 -6.86
CA LEU B 313 -35.82 7.77 -6.66
C LEU B 313 -36.99 8.47 -7.33
N LYS B 314 -37.26 8.14 -8.59
CA LYS B 314 -38.35 8.78 -9.31
C LYS B 314 -39.70 8.46 -8.67
N ASN B 315 -39.89 7.21 -8.23
CA ASN B 315 -41.14 6.83 -7.61
C ASN B 315 -41.35 7.55 -6.27
N ALA B 316 -40.28 7.69 -5.48
CA ALA B 316 -40.37 8.42 -4.22
C ALA B 316 -40.68 9.89 -4.45
N ARG B 317 -40.09 10.48 -5.49
CA ARG B 317 -40.39 11.88 -5.81
C ARG B 317 -41.84 12.03 -6.25
N ALA B 318 -42.33 11.10 -7.08
CA ALA B 318 -43.71 11.17 -7.54
C ALA B 318 -44.69 11.06 -6.39
N MET B 319 -44.38 10.20 -5.42
CA MET B 319 -45.24 10.06 -4.25
C MET B 319 -45.22 11.33 -3.41
N ALA B 320 -44.04 11.94 -3.25
CA ALA B 320 -43.94 13.18 -2.49
C ALA B 320 -44.72 14.31 -3.14
N ASP B 321 -44.61 14.45 -4.46
CA ASP B 321 -45.35 15.50 -5.15
C ASP B 321 -46.85 15.29 -5.00
N ALA B 322 -47.31 14.06 -5.20
CA ALA B 322 -48.73 13.75 -5.07
C ALA B 322 -49.23 14.03 -3.66
N LEU B 323 -48.43 13.67 -2.64
CA LEU B 323 -48.84 13.96 -1.27
C LEU B 323 -48.87 15.46 -1.00
N LEU B 324 -47.96 16.23 -1.56
CA LEU B 324 -47.93 17.67 -1.35
C LEU B 324 -49.15 18.35 -1.98
N GLU B 325 -49.54 17.89 -3.15
CA GLU B 325 -50.71 18.42 -3.82
C GLU B 325 -51.99 18.22 -3.04
N ARG B 326 -52.11 17.12 -2.34
CA ARG B 326 -53.30 16.84 -1.53
C ARG B 326 -53.27 17.52 -0.22
N GLY B 327 -52.27 18.35 0.00
CA GLY B 327 -52.26 19.12 1.22
C GLY B 327 -51.57 18.51 2.43
N TYR B 328 -50.70 17.55 2.16
CA TYR B 328 -50.03 16.89 3.28
C TYR B 328 -48.71 17.57 3.61
N SER B 329 -48.32 17.48 4.87
CA SER B 329 -47.07 18.06 5.36
C SER B 329 -46.00 16.97 5.39
N LEU B 330 -44.89 17.22 4.70
CA LEU B 330 -43.74 16.32 4.69
C LEU B 330 -42.61 16.96 5.49
N VAL B 331 -42.01 16.18 6.39
CA VAL B 331 -40.83 16.65 7.10
C VAL B 331 -39.73 16.93 6.08
N SER B 332 -39.09 18.09 6.21
CA SER B 332 -38.12 18.64 5.27
C SER B 332 -38.73 18.97 3.91
N GLY B 333 -40.06 18.87 3.78
CA GLY B 333 -40.74 19.37 2.61
C GLY B 333 -40.52 18.60 1.33
N GLY B 334 -40.03 17.37 1.41
CA GLY B 334 -39.81 16.59 0.21
C GLY B 334 -38.90 15.41 0.52
N THR B 335 -38.24 14.93 -0.54
CA THR B 335 -37.32 13.81 -0.38
C THR B 335 -36.24 13.89 -1.45
N ASP B 336 -35.09 13.30 -1.14
CA ASP B 336 -34.02 13.15 -2.10
C ASP B 336 -33.58 11.67 -2.09
N ASN B 337 -34.34 10.80 -1.43
CA ASN B 337 -33.98 9.40 -1.46
C ASN B 337 -35.22 8.53 -1.67
N HIS B 338 -35.29 7.41 -0.95
CA HIS B 338 -36.31 6.39 -1.20
C HIS B 338 -37.56 6.54 -0.34
N LEU B 339 -37.60 7.47 0.61
CA LEU B 339 -38.70 7.52 1.56
C LEU B 339 -39.24 8.94 1.70
N VAL B 340 -40.44 9.02 2.27
CA VAL B 340 -41.04 10.28 2.70
C VAL B 340 -41.54 10.10 4.12
N LEU B 341 -41.44 11.16 4.92
CA LEU B 341 -41.93 11.16 6.29
C LEU B 341 -43.09 12.15 6.36
N VAL B 342 -44.31 11.64 6.50
CA VAL B 342 -45.52 12.46 6.51
C VAL B 342 -45.86 12.84 7.94
N ASP B 343 -45.98 14.15 8.19
CA ASP B 343 -46.36 14.67 9.50
C ASP B 343 -47.87 14.89 9.48
N LEU B 344 -48.61 14.07 10.20
CA LEU B 344 -50.07 14.13 10.20
C LEU B 344 -50.70 14.95 11.31
N ARG B 345 -49.86 15.51 12.16
CA ARG B 345 -50.34 16.31 13.27
C ARG B 345 -51.17 17.51 12.81
N PRO B 346 -50.72 18.19 11.76
CA PRO B 346 -51.58 19.27 11.30
C PRO B 346 -52.96 18.81 10.82
N LYS B 347 -53.11 17.57 10.40
CA LYS B 347 -54.39 17.06 9.94
C LYS B 347 -55.25 16.59 11.08
N GLY B 348 -54.69 16.50 12.27
CA GLY B 348 -55.43 16.01 13.41
C GLY B 348 -55.52 14.50 13.54
N LEU B 349 -54.65 13.78 12.83
CA LEU B 349 -54.63 12.34 12.97
C LEU B 349 -53.27 11.92 13.48
N ASP B 350 -53.24 10.98 14.42
CA ASP B 350 -51.97 10.45 14.87
C ASP B 350 -51.55 9.28 13.98
N GLY B 351 -50.28 8.87 14.13
CA GLY B 351 -49.72 7.86 13.25
C GLY B 351 -50.24 6.46 13.53
N ALA B 352 -50.47 6.15 14.82
CA ALA B 352 -51.00 4.83 15.16
C ALA B 352 -52.39 4.63 14.58
N ARG B 353 -53.24 5.66 14.65
CA ARG B 353 -54.57 5.58 14.04
C ARG B 353 -54.45 5.40 12.54
N ALA B 354 -53.66 6.25 11.88
CA ALA B 354 -53.54 6.18 10.42
C ALA B 354 -52.97 4.85 9.97
N GLU B 355 -51.99 4.31 10.71
CA GLU B 355 -51.43 3.02 10.34
C GLU B 355 -52.49 1.91 10.40
N ARG B 356 -53.42 2.00 11.36
CA ARG B 356 -54.44 0.97 11.50
C ARG B 356 -55.46 1.05 10.38
N VAL B 357 -55.98 2.24 10.08
CA VAL B 357 -56.94 2.39 8.99
C VAL B 357 -56.36 1.88 7.68
N LEU B 358 -55.15 2.33 7.34
CA LEU B 358 -54.54 1.90 6.09
C LEU B 358 -54.30 0.41 6.06
N GLU B 359 -53.97 -0.17 7.22
CA GLU B 359 -53.72 -1.61 7.32
C GLU B 359 -54.94 -2.43 6.95
N LEU B 360 -56.12 -2.02 7.43
CA LEU B 360 -57.36 -2.73 7.13
C LEU B 360 -57.71 -2.70 5.65
N VAL B 361 -57.11 -1.77 4.89
CA VAL B 361 -57.39 -1.59 3.47
C VAL B 361 -56.30 -2.21 2.60
N SER B 362 -55.33 -2.90 3.22
CA SER B 362 -54.19 -3.52 2.53
C SER B 362 -53.19 -2.49 2.03
N ILE B 363 -53.07 -1.38 2.75
CA ILE B 363 -52.01 -0.40 2.54
C ILE B 363 -51.12 -0.47 3.77
N THR B 364 -49.91 -1.02 3.61
CA THR B 364 -49.04 -1.33 4.73
C THR B 364 -47.96 -0.26 4.85
N ALA B 365 -48.01 0.51 5.93
CA ALA B 365 -46.94 1.42 6.30
C ALA B 365 -46.59 1.22 7.77
N ASN B 366 -45.89 2.19 8.34
CA ASN B 366 -45.66 2.18 9.77
C ASN B 366 -45.78 3.54 10.37
N LYS B 367 -46.34 3.58 11.54
CA LYS B 367 -46.35 4.81 12.28
C LYS B 367 -44.89 5.17 12.53
N ASN B 368 -44.61 6.45 12.62
CA ASN B 368 -43.27 6.89 12.87
C ASN B 368 -43.21 8.18 13.60
N THR B 369 -42.23 8.31 14.47
CA THR B 369 -42.02 9.57 15.16
C THR B 369 -41.66 10.66 14.16
N CYS B 370 -42.01 11.89 14.52
CA CYS B 370 -41.62 13.09 13.82
C CYS B 370 -40.86 13.97 14.80
N PRO B 371 -40.10 14.96 14.31
CA PRO B 371 -39.42 15.87 15.24
C PRO B 371 -40.41 16.49 16.22
N GLY B 372 -40.07 16.40 17.51
CA GLY B 372 -40.92 16.88 18.58
C GLY B 372 -41.76 15.82 19.25
N ASP B 373 -41.88 14.64 18.66
CA ASP B 373 -42.64 13.55 19.27
C ASP B 373 -41.93 13.04 20.51
N ARG B 374 -42.72 12.57 21.47
CA ARG B 374 -42.19 11.99 22.70
C ARG B 374 -42.53 10.53 22.89
N SER B 375 -43.52 10.01 22.16
CA SER B 375 -43.90 8.60 22.21
C SER B 375 -43.68 7.98 20.85
N ALA B 376 -43.07 6.82 20.80
CA ALA B 376 -42.92 6.11 19.54
C ALA B 376 -44.06 5.11 19.34
N ILE B 377 -44.89 4.93 20.36
CA ILE B 377 -46.01 4.01 20.24
C ILE B 377 -47.19 4.78 19.69
N THR B 378 -47.28 6.05 20.03
CA THR B 378 -48.33 6.90 19.54
C THR B 378 -47.65 8.09 18.91
N PRO B 379 -47.01 7.87 17.76
CA PRO B 379 -46.28 8.97 17.15
C PRO B 379 -47.18 9.86 16.30
N GLY B 380 -46.63 10.94 15.80
CA GLY B 380 -47.40 11.90 15.03
C GLY B 380 -47.26 11.79 13.52
N GLY B 381 -46.59 10.76 13.01
CA GLY B 381 -46.29 10.70 11.60
C GLY B 381 -46.46 9.31 11.02
N LEU B 382 -46.21 9.23 9.71
CA LEU B 382 -46.30 8.01 8.94
C LEU B 382 -45.17 8.00 7.93
N ARG B 383 -44.41 6.91 7.90
CA ARG B 383 -43.27 6.78 6.98
C ARG B 383 -43.66 5.90 5.80
N LEU B 384 -43.42 6.40 4.59
CA LEU B 384 -43.73 5.69 3.36
C LEU B 384 -42.46 5.51 2.54
N GLY B 385 -42.29 4.33 1.96
CA GLY B 385 -41.13 4.04 1.14
C GLY B 385 -41.53 3.45 -0.19
N ALA B 386 -40.65 3.66 -1.17
CA ALA B 386 -40.83 3.17 -2.54
C ALA B 386 -40.10 1.87 -2.92
N PRO B 387 -39.08 1.38 -2.18
CA PRO B 387 -38.30 0.25 -2.72
C PRO B 387 -39.11 -1.00 -3.02
N ALA B 388 -40.03 -1.39 -2.13
CA ALA B 388 -40.69 -2.69 -2.27
C ALA B 388 -41.56 -2.72 -3.53
N LEU B 389 -42.43 -1.72 -3.71
CA LEU B 389 -43.32 -1.73 -4.86
C LEU B 389 -42.56 -1.44 -6.15
N THR B 390 -41.47 -0.68 -6.08
CA THR B 390 -40.62 -0.53 -7.26
C THR B 390 -40.07 -1.87 -7.72
N SER B 391 -39.81 -2.79 -6.79
CA SER B 391 -39.39 -4.14 -7.16
C SER B 391 -40.50 -4.92 -7.84
N ARG B 392 -41.74 -4.43 -7.79
CA ARG B 392 -42.88 -5.03 -8.49
C ARG B 392 -43.21 -4.29 -9.79
N GLN B 393 -42.26 -3.54 -10.34
CA GLN B 393 -42.38 -2.82 -11.60
C GLN B 393 -43.36 -1.65 -11.53
N PHE B 394 -43.68 -1.16 -10.33
CA PHE B 394 -44.42 0.09 -10.22
C PHE B 394 -43.63 1.22 -10.86
N ARG B 395 -44.34 2.14 -11.51
CA ARG B 395 -43.74 3.34 -12.10
C ARG B 395 -44.41 4.57 -11.51
N GLU B 396 -44.02 5.75 -12.02
CA GLU B 396 -44.43 7.01 -11.41
C GLU B 396 -45.95 7.12 -11.32
N ASP B 397 -46.66 6.81 -12.42
CA ASP B 397 -48.11 6.91 -12.42
C ASP B 397 -48.74 5.97 -11.40
N ASP B 398 -48.15 4.77 -11.24
CA ASP B 398 -48.69 3.81 -10.28
C ASP B 398 -48.63 4.34 -8.85
N PHE B 399 -47.56 5.08 -8.52
CA PHE B 399 -47.44 5.60 -7.17
C PHE B 399 -48.41 6.75 -6.93
N ARG B 400 -48.81 7.45 -7.97
CA ARG B 400 -49.85 8.46 -7.81
C ARG B 400 -51.16 7.76 -7.46
N ARG B 401 -51.46 6.65 -8.04
CA ARG B 401 -52.60 5.82 -7.64
C ARG B 401 -52.55 5.52 -6.15
N VAL B 402 -51.37 5.08 -5.78
CA VAL B 402 -51.19 4.70 -4.38
C VAL B 402 -51.55 5.86 -3.46
N VAL B 403 -51.14 7.07 -3.83
CA VAL B 403 -51.43 8.23 -2.98
C VAL B 403 -52.93 8.52 -2.97
N ASP B 404 -53.61 8.28 -4.07
CA ASP B 404 -55.04 8.44 -4.12
C ASP B 404 -55.69 7.49 -3.13
N PHE B 405 -55.26 6.24 -3.11
CA PHE B 405 -55.78 5.28 -2.14
C PHE B 405 -55.46 5.72 -0.71
N ILE B 406 -54.24 6.20 -0.48
CA ILE B 406 -53.85 6.64 0.86
C ILE B 406 -54.73 7.79 1.33
N ASP B 407 -54.95 8.78 0.45
CA ASP B 407 -55.78 9.93 0.82
C ASP B 407 -57.17 9.50 1.24
N GLU B 408 -57.75 8.53 0.53
CA GLU B 408 -59.11 8.10 0.86
C GLU B 408 -59.15 7.33 2.16
N GLY B 409 -58.14 6.52 2.43
CA GLY B 409 -58.08 5.82 3.71
C GLY B 409 -57.88 6.77 4.88
N VAL B 410 -57.08 7.81 4.69
CA VAL B 410 -56.86 8.76 5.77
C VAL B 410 -58.12 9.57 6.02
N ASN B 411 -58.84 9.97 4.98
CA ASN B 411 -60.07 10.73 5.14
C ASN B 411 -61.08 9.92 5.93
N ILE B 412 -61.23 8.66 5.59
CA ILE B 412 -62.08 7.80 6.42
C ILE B 412 -61.60 7.84 7.87
N GLY B 413 -60.28 7.73 8.07
CA GLY B 413 -59.75 7.80 9.42
C GLY B 413 -60.09 9.09 10.13
N LEU B 414 -60.16 10.20 9.40
CA LEU B 414 -60.53 11.46 10.02
C LEU B 414 -61.98 11.46 10.48
N GLU B 415 -62.86 10.85 9.68
CA GLU B 415 -64.27 10.73 10.06
C GLU B 415 -64.40 9.94 11.36
N VAL B 416 -63.71 8.81 11.46
CA VAL B 416 -63.84 7.96 12.63
C VAL B 416 -63.31 8.66 13.88
N LYS B 417 -62.28 9.49 13.71
CA LYS B 417 -61.75 10.24 14.86
C LYS B 417 -62.73 11.28 15.36
N SER B 418 -63.58 11.81 14.48
CA SER B 418 -64.60 12.74 14.94
C SER B 418 -65.68 12.03 15.74
N LYS B 419 -65.87 10.73 15.52
CA LYS B 419 -66.90 9.96 16.21
C LYS B 419 -66.38 9.20 17.42
N THR B 420 -65.07 9.12 17.62
CA THR B 420 -64.48 8.36 18.71
C THR B 420 -63.64 9.28 19.59
N ALA B 421 -63.09 8.74 20.67
CA ALA B 421 -62.21 9.52 21.53
C ALA B 421 -60.90 8.80 21.88
N LYS B 422 -61.01 7.57 22.34
CA LYS B 422 -59.83 6.79 22.65
C LYS B 422 -59.46 5.85 21.52
N LEU B 423 -58.19 5.47 21.47
CA LEU B 423 -57.74 4.59 20.41
C LEU B 423 -58.51 3.30 20.33
N GLN B 424 -58.83 2.72 21.47
CA GLN B 424 -59.61 1.50 21.49
C GLN B 424 -60.98 1.75 20.90
N ASP B 425 -61.61 2.85 21.25
CA ASP B 425 -62.87 3.21 20.60
C ASP B 425 -62.67 3.39 19.10
N PHE B 426 -61.53 3.97 18.71
CA PHE B 426 -61.23 4.17 17.30
C PHE B 426 -61.13 2.85 16.55
N LYS B 427 -60.41 1.88 17.13
CA LYS B 427 -60.18 0.62 16.44
C LYS B 427 -61.46 -0.23 16.39
N SER B 428 -62.23 -0.23 17.48
CA SER B 428 -63.48 -0.99 17.50
C SER B 428 -64.46 -0.44 16.47
N PHE B 429 -64.60 0.88 16.40
CA PHE B 429 -65.52 1.51 15.45
C PHE B 429 -65.25 1.05 14.01
N LEU B 430 -63.98 0.79 13.67
CA LEU B 430 -63.65 0.41 12.30
C LEU B 430 -64.25 -0.94 11.93
N LEU B 431 -64.39 -1.84 12.89
CA LEU B 431 -64.93 -3.17 12.64
C LEU B 431 -66.40 -3.28 13.00
N LYS B 432 -66.96 -2.31 13.73
CA LYS B 432 -68.34 -2.38 14.22
C LYS B 432 -69.31 -1.58 13.36
N ASP B 433 -69.02 -0.29 13.14
CA ASP B 433 -69.87 0.53 12.27
C ASP B 433 -70.00 -0.11 10.90
N SER B 434 -71.24 -0.46 10.53
CA SER B 434 -71.46 -1.16 9.27
C SER B 434 -71.19 -0.26 8.07
N GLU B 435 -71.51 1.02 8.18
CA GLU B 435 -71.22 1.94 7.08
C GLU B 435 -69.72 2.15 6.92
N THR B 436 -69.01 2.29 8.04
CA THR B 436 -67.56 2.43 7.97
C THR B 436 -66.91 1.13 7.53
N SER B 437 -67.34 0.00 8.11
CA SER B 437 -66.82 -1.30 7.70
C SER B 437 -67.10 -1.56 6.22
N GLN B 438 -68.19 -1.01 5.69
CA GLN B 438 -68.50 -1.20 4.27
C GLN B 438 -67.57 -0.38 3.38
N ARG B 439 -67.34 0.88 3.74
CA ARG B 439 -66.46 1.72 2.94
C ARG B 439 -65.02 1.19 2.94
N LEU B 440 -64.58 0.59 4.05
CA LEU B 440 -63.27 -0.04 4.09
C LEU B 440 -63.20 -1.20 3.09
N ALA B 441 -64.23 -2.05 3.08
CA ALA B 441 -64.19 -3.22 2.20
C ALA B 441 -64.20 -2.83 0.73
N ASN B 442 -64.89 -1.74 0.40
CA ASN B 442 -64.88 -1.29 -1.00
C ASN B 442 -63.51 -0.73 -1.38
N LEU B 443 -62.92 0.09 -0.51
CA LEU B 443 -61.57 0.59 -0.76
C LEU B 443 -60.56 -0.56 -0.80
N ARG B 444 -60.67 -1.51 0.14
CA ARG B 444 -59.75 -2.63 0.18
C ARG B 444 -59.82 -3.45 -1.10
N GLN B 445 -61.03 -3.61 -1.66
CA GLN B 445 -61.15 -4.39 -2.89
C GLN B 445 -60.49 -3.68 -4.06
N ARG B 446 -60.59 -2.38 -4.12
CA ARG B 446 -59.97 -1.64 -5.19
C ARG B 446 -58.46 -1.65 -5.06
N VAL B 447 -57.98 -1.59 -3.83
CA VAL B 447 -56.55 -1.63 -3.59
C VAL B 447 -55.99 -2.99 -3.99
N GLU B 448 -56.62 -4.07 -3.54
CA GLU B 448 -56.08 -5.40 -3.81
C GLU B 448 -56.18 -5.77 -5.28
N GLN B 449 -57.26 -5.36 -5.94
CA GLN B 449 -57.36 -5.61 -7.37
C GLN B 449 -56.28 -4.87 -8.14
N PHE B 450 -55.87 -3.71 -7.63
CA PHE B 450 -54.77 -2.98 -8.27
C PHE B 450 -53.43 -3.67 -8.01
N ALA B 451 -53.19 -4.10 -6.77
CA ALA B 451 -51.87 -4.64 -6.43
C ALA B 451 -51.61 -6.00 -7.05
N ARG B 452 -52.64 -6.86 -7.09
CA ARG B 452 -52.44 -8.25 -7.50
C ARG B 452 -51.98 -8.38 -8.95
N ALA B 453 -52.26 -7.40 -9.79
CA ALA B 453 -51.91 -7.48 -11.20
C ALA B 453 -50.40 -7.34 -11.44
N PHE B 454 -49.59 -7.00 -10.40
CA PHE B 454 -48.17 -6.76 -10.62
C PHE B 454 -47.34 -8.00 -10.32
N PRO B 455 -46.19 -8.15 -10.97
CA PRO B 455 -45.31 -9.30 -10.66
C PRO B 455 -44.75 -9.21 -9.26
N MET B 456 -44.13 -10.29 -8.83
CA MET B 456 -43.57 -10.38 -7.50
C MET B 456 -42.37 -11.29 -7.46
N PRO B 457 -41.25 -10.79 -6.94
CA PRO B 457 -40.05 -11.64 -6.84
C PRO B 457 -40.23 -12.72 -5.78
N GLY B 458 -39.50 -13.80 -5.96
CA GLY B 458 -39.50 -14.91 -5.02
C GLY B 458 -40.21 -16.13 -5.57
N PHE B 459 -40.46 -17.09 -4.68
CA PHE B 459 -41.22 -18.28 -5.03
C PHE B 459 -42.67 -17.90 -5.34
N ASP B 460 -43.37 -18.81 -6.02
CA ASP B 460 -44.74 -18.52 -6.43
C ASP B 460 -45.71 -18.50 -5.24
N GLU B 461 -45.51 -19.36 -4.27
CA GLU B 461 -46.51 -19.47 -3.21
C GLU B 461 -46.00 -19.37 -1.76
N HIS B 462 -44.70 -19.39 -1.59
CA HIS B 462 -44.16 -19.22 -0.23
C HIS B 462 -42.97 -18.27 -0.21
N TRP C 1 29.53 7.57 16.30
CA TRP C 1 29.21 7.97 14.94
C TRP C 1 27.89 7.36 14.48
N THR C 2 26.96 8.23 14.08
CA THR C 2 25.67 7.81 13.57
C THR C 2 25.49 8.07 12.08
N GLY C 3 26.28 8.96 11.49
CA GLY C 3 25.98 9.41 10.14
C GLY C 3 24.81 10.35 10.06
N GLN C 4 24.36 10.86 11.19
CA GLN C 4 23.23 11.79 11.24
C GLN C 4 23.64 13.15 11.79
N GLU C 5 24.90 13.30 12.15
CA GLU C 5 25.43 14.59 12.58
C GLU C 5 25.36 15.61 11.45
N SER C 6 25.10 16.86 11.81
CA SER C 6 25.03 17.90 10.80
C SER C 6 26.43 18.27 10.31
N LEU C 7 26.46 18.91 9.14
CA LEU C 7 27.74 19.31 8.56
C LEU C 7 28.46 20.33 9.45
N SER C 8 27.72 21.29 10.01
CA SER C 8 28.33 22.32 10.83
C SER C 8 28.98 21.74 12.10
N ASP C 9 28.40 20.67 12.66
CA ASP C 9 29.01 20.06 13.84
C ASP C 9 30.20 19.18 13.48
N SER C 10 30.10 18.40 12.40
CA SER C 10 31.06 17.34 12.14
C SER C 10 32.21 17.76 11.22
N ASP C 11 32.06 18.81 10.44
CA ASP C 11 33.12 19.29 9.55
C ASP C 11 33.06 20.81 9.45
N PRO C 12 33.43 21.51 10.53
CA PRO C 12 33.33 22.98 10.52
C PRO C 12 34.18 23.64 9.45
N GLU C 13 35.31 23.03 9.09
CA GLU C 13 36.13 23.55 7.99
C GLU C 13 35.33 23.60 6.69
N MET C 14 34.69 22.48 6.32
CA MET C 14 33.89 22.45 5.10
C MET C 14 32.68 23.36 5.23
N TRP C 15 32.03 23.36 6.40
CA TRP C 15 30.83 24.16 6.59
C TRP C 15 31.15 25.64 6.41
N GLU C 16 32.27 26.15 6.82
CA GLU C 16 32.72 27.56 6.67
C GLU C 16 32.88 27.89 5.19
N LEU C 17 33.50 26.90 4.52
CA LEU C 17 33.72 27.15 3.09
C LEU C 17 32.39 27.29 2.35
N LEU C 18 31.39 26.49 2.74
CA LEU C 18 30.07 26.60 2.13
C LEU C 18 29.44 27.96 2.37
N GLN C 19 29.53 28.47 3.59
CA GLN C 19 28.98 29.79 3.89
C GLN C 19 29.70 30.88 3.10
N ARG C 20 31.00 30.72 2.92
CA ARG C 20 31.77 31.70 2.20
C ARG C 20 31.33 31.80 0.76
N GLU C 21 31.07 30.65 0.15
CA GLU C 21 30.60 30.64 -1.23
C GLU C 21 29.18 31.19 -1.34
N LYS C 22 28.31 30.81 -0.40
CA LYS C 22 26.96 31.36 -0.41
C LYS C 22 26.99 32.88 -0.27
N ASP C 23 27.85 33.39 0.62
CA ASP C 23 27.98 34.83 0.77
C ASP C 23 28.54 35.48 -0.49
N ARG C 24 29.53 34.84 -1.12
CA ARG C 24 30.06 35.35 -2.38
C ARG C 24 28.95 35.47 -3.44
N GLN C 25 28.07 34.48 -3.53
CA GLN C 25 26.99 34.55 -4.50
C GLN C 25 26.01 35.65 -4.17
N CYS C 26 25.78 35.91 -2.88
CA CYS C 26 24.82 36.92 -2.46
C CYS C 26 25.31 38.34 -2.67
N ARG C 27 26.61 38.59 -2.52
CA ARG C 27 27.14 39.93 -2.51
C ARG C 27 27.64 40.40 -3.86
N GLY C 28 27.64 39.54 -4.87
CA GLY C 28 28.22 39.92 -6.15
C GLY C 28 27.23 40.13 -7.28
N LEU C 29 27.71 40.77 -8.35
CA LEU C 29 26.96 40.86 -9.60
C LEU C 29 27.40 39.66 -10.45
N GLU C 30 26.63 38.59 -10.39
CA GLU C 30 27.00 37.33 -11.02
C GLU C 30 26.48 37.33 -12.45
N LEU C 31 27.39 37.48 -13.41
CA LEU C 31 27.03 37.68 -14.81
C LEU C 31 27.51 36.56 -15.73
N ILE C 32 27.94 35.42 -15.18
CA ILE C 32 28.33 34.29 -16.01
C ILE C 32 27.08 33.72 -16.67
N ALA C 33 27.04 33.75 -18.01
CA ALA C 33 25.83 33.46 -18.77
C ALA C 33 25.35 32.03 -18.57
N SER C 34 26.24 31.13 -18.17
CA SER C 34 25.93 29.71 -17.98
C SER C 34 25.61 29.37 -16.54
N GLU C 35 25.49 30.36 -15.66
CA GLU C 35 25.16 30.11 -14.26
C GLU C 35 23.75 30.57 -13.95
N ASN C 36 23.19 30.00 -12.89
CA ASN C 36 21.90 30.40 -12.37
C ASN C 36 21.87 30.03 -10.89
N PHE C 37 20.81 30.44 -10.21
CA PHE C 37 20.65 30.16 -8.79
C PHE C 37 19.53 29.15 -8.63
N CYS C 38 19.89 27.93 -8.22
CA CYS C 38 18.95 26.83 -8.12
C CYS C 38 18.03 27.02 -6.92
N SER C 39 16.77 26.62 -7.08
CA SER C 39 15.80 26.75 -6.01
C SER C 39 16.12 25.76 -4.89
N ARG C 40 15.66 26.10 -3.69
CA ARG C 40 15.87 25.22 -2.55
C ARG C 40 15.19 23.88 -2.74
N ALA C 41 14.00 23.88 -3.34
CA ALA C 41 13.26 22.64 -3.54
C ALA C 41 14.07 21.64 -4.37
N ALA C 42 14.71 22.11 -5.44
CA ALA C 42 15.54 21.20 -6.24
C ALA C 42 16.78 20.77 -5.45
N LEU C 43 17.35 21.69 -4.67
CA LEU C 43 18.55 21.33 -3.91
C LEU C 43 18.25 20.29 -2.84
N GLU C 44 17.04 20.27 -2.30
CA GLU C 44 16.68 19.30 -1.27
C GLU C 44 16.60 17.89 -1.84
N ALA C 45 16.16 17.76 -3.10
CA ALA C 45 16.20 16.46 -3.77
C ALA C 45 17.62 16.08 -4.16
N LEU C 46 18.44 17.07 -4.52
CA LEU C 46 19.82 16.79 -4.90
C LEU C 46 20.61 16.21 -3.74
N GLY C 47 20.39 16.71 -2.52
CA GLY C 47 21.07 16.18 -1.36
C GLY C 47 20.21 15.24 -0.54
N SER C 48 19.89 14.06 -1.08
CA SER C 48 18.92 13.16 -0.48
C SER C 48 19.42 11.73 -0.52
N CYS C 49 18.66 10.83 0.10
CA CYS C 49 18.97 9.40 0.11
C CYS C 49 18.98 8.78 -1.28
N LEU C 50 18.49 9.49 -2.30
CA LEU C 50 18.55 8.97 -3.66
C LEU C 50 19.98 8.78 -4.13
N ASN C 51 20.94 9.45 -3.48
CA ASN C 51 22.35 9.23 -3.77
C ASN C 51 22.75 7.77 -3.58
N ASN C 52 22.08 7.05 -2.67
CA ASN C 52 22.54 5.74 -2.24
C ASN C 52 22.20 4.60 -3.20
N LYS C 53 21.40 4.85 -4.23
CA LYS C 53 20.77 3.77 -5.00
C LYS C 53 21.48 3.52 -6.33
N TYR C 54 21.80 2.25 -6.59
CA TYR C 54 22.20 1.80 -7.91
C TYR C 54 20.97 1.33 -8.67
N SER C 55 20.77 1.84 -9.87
CA SER C 55 19.60 1.51 -10.67
C SER C 55 19.95 1.52 -12.16
N GLU C 56 21.05 0.85 -12.51
CA GLU C 56 21.46 0.77 -13.90
C GLU C 56 20.39 0.11 -14.76
N GLY C 57 20.26 0.62 -15.98
CA GLY C 57 19.21 0.18 -16.88
C GLY C 57 18.15 1.25 -17.01
N TYR C 58 16.92 0.86 -17.33
CA TYR C 58 15.84 1.81 -17.53
C TYR C 58 14.60 1.29 -16.80
N PRO C 59 13.62 2.16 -16.55
CA PRO C 59 12.48 1.75 -15.70
C PRO C 59 11.85 0.45 -16.16
N GLY C 60 11.63 -0.45 -15.19
CA GLY C 60 11.09 -1.77 -15.48
C GLY C 60 12.08 -2.73 -16.12
N LYS C 61 13.30 -2.31 -16.36
CA LYS C 61 14.32 -3.16 -16.95
C LYS C 61 15.67 -2.77 -16.31
N ARG C 62 15.81 -3.08 -15.05
CA ARG C 62 16.97 -2.70 -14.25
C ARG C 62 17.88 -3.90 -14.01
N TYR C 63 19.11 -3.62 -13.64
CA TYR C 63 20.08 -4.66 -13.33
C TYR C 63 20.25 -4.85 -11.81
N TYR C 64 19.45 -4.16 -11.02
CA TYR C 64 19.48 -4.28 -9.58
C TYR C 64 18.04 -4.37 -9.06
N GLY C 65 17.88 -5.00 -7.89
CA GLY C 65 16.60 -5.00 -7.23
C GLY C 65 16.35 -3.70 -6.48
N GLY C 66 15.13 -3.59 -5.95
CA GLY C 66 14.78 -2.47 -5.09
C GLY C 66 14.55 -1.15 -5.81
N ALA C 67 14.23 -1.19 -7.10
CA ALA C 67 14.21 0.01 -7.92
C ALA C 67 12.80 0.54 -8.19
N GLU C 68 11.80 0.08 -7.44
CA GLU C 68 10.43 0.46 -7.78
C GLU C 68 10.18 1.96 -7.58
N VAL C 69 10.78 2.58 -6.56
CA VAL C 69 10.55 4.00 -6.36
C VAL C 69 11.33 4.84 -7.37
N VAL C 70 12.62 4.51 -7.58
CA VAL C 70 13.39 5.30 -8.54
C VAL C 70 12.86 5.10 -9.96
N ASP C 71 12.21 3.96 -10.21
CA ASP C 71 11.51 3.78 -11.49
C ASP C 71 10.47 4.87 -11.69
N GLU C 72 9.66 5.15 -10.65
CA GLU C 72 8.64 6.17 -10.77
C GLU C 72 9.24 7.57 -10.85
N ILE C 73 10.37 7.80 -10.18
CA ILE C 73 11.02 9.10 -10.26
C ILE C 73 11.55 9.33 -11.67
N GLU C 74 12.22 8.33 -12.25
CA GLU C 74 12.75 8.49 -13.60
C GLU C 74 11.62 8.67 -14.61
N LEU C 75 10.57 7.85 -14.49
CA LEU C 75 9.42 8.01 -15.38
C LEU C 75 8.78 9.39 -15.23
N LEU C 76 8.70 9.88 -13.99
CA LEU C 76 8.11 11.21 -13.77
C LEU C 76 8.98 12.31 -14.38
N CYS C 77 10.30 12.17 -14.27
CA CYS C 77 11.20 13.15 -14.89
C CYS C 77 11.03 13.17 -16.40
N GLN C 78 10.92 12.00 -17.01
CA GLN C 78 10.70 11.92 -18.45
C GLN C 78 9.42 12.63 -18.86
N ARG C 79 8.33 12.37 -18.14
CA ARG C 79 7.06 13.02 -18.47
C ARG C 79 7.15 14.53 -18.30
N ARG C 80 7.72 14.98 -17.18
CA ARG C 80 7.87 16.41 -16.94
C ARG C 80 8.75 17.07 -18.00
N ALA C 81 9.73 16.37 -18.56
CA ALA C 81 10.56 16.95 -19.61
C ALA C 81 9.79 17.17 -20.90
N LEU C 82 9.00 16.19 -21.27
CA LEU C 82 8.20 16.29 -22.46
C LEU C 82 7.14 17.39 -22.36
N GLU C 83 6.56 17.56 -21.20
CA GLU C 83 5.53 18.56 -20.96
C GLU C 83 6.11 19.93 -20.98
N ALA C 84 7.28 20.06 -20.40
CA ALA C 84 7.94 21.33 -20.34
C ALA C 84 8.25 21.89 -21.70
N PHE C 85 8.52 21.00 -22.62
CA PHE C 85 8.81 21.46 -23.97
C PHE C 85 7.66 21.20 -24.93
N ASP C 86 6.49 20.84 -24.41
CA ASP C 86 5.26 20.72 -25.20
C ASP C 86 5.43 19.70 -26.33
N LEU C 87 5.90 18.52 -25.96
CA LEU C 87 6.23 17.47 -26.91
C LEU C 87 5.23 16.33 -26.81
N ASP C 88 4.81 15.83 -27.96
CA ASP C 88 3.94 14.66 -28.03
C ASP C 88 4.74 13.41 -27.70
N PRO C 89 4.36 12.65 -26.66
CA PRO C 89 5.12 11.44 -26.31
C PRO C 89 5.18 10.41 -27.41
N ALA C 90 4.25 10.43 -28.37
CA ALA C 90 4.33 9.51 -29.48
C ALA C 90 5.36 9.94 -30.51
N GLN C 91 5.82 11.18 -30.45
CA GLN C 91 6.79 11.68 -31.41
C GLN C 91 8.18 11.90 -30.82
N TRP C 92 8.30 12.03 -29.50
CA TRP C 92 9.56 12.32 -28.85
C TRP C 92 9.74 11.43 -27.64
N GLY C 93 10.98 10.97 -27.43
CA GLY C 93 11.38 10.34 -26.20
C GLY C 93 12.49 11.16 -25.57
N VAL C 94 12.80 10.84 -24.32
CA VAL C 94 13.83 11.56 -23.59
C VAL C 94 14.59 10.57 -22.70
N ASN C 95 15.90 10.76 -22.62
CA ASN C 95 16.79 10.03 -21.72
C ASN C 95 17.31 11.03 -20.71
N VAL C 96 17.08 10.75 -19.43
CA VAL C 96 17.34 11.73 -18.36
C VAL C 96 18.56 11.35 -17.52
N GLN C 97 19.35 10.36 -17.96
CA GLN C 97 20.50 9.90 -17.20
C GLN C 97 21.85 10.57 -17.46
N PRO C 98 22.07 11.35 -18.55
CA PRO C 98 23.42 11.93 -18.74
C PRO C 98 23.85 12.77 -17.55
N TYR C 99 25.11 12.57 -17.14
CA TYR C 99 25.60 13.25 -15.94
C TYR C 99 25.68 14.76 -16.11
N SER C 100 25.97 15.23 -17.32
CA SER C 100 26.00 16.68 -17.62
C SER C 100 25.88 16.90 -19.12
N GLY C 101 26.17 18.12 -19.53
CA GLY C 101 25.99 18.43 -20.93
C GLY C 101 27.00 17.75 -21.85
N SER C 102 28.27 17.76 -21.45
CA SER C 102 29.29 17.10 -22.27
C SER C 102 29.05 15.61 -22.40
N PRO C 103 28.74 14.85 -21.33
CA PRO C 103 28.39 13.43 -21.52
C PRO C 103 27.18 13.22 -22.40
N ALA C 104 26.22 14.15 -22.41
CA ALA C 104 25.04 13.98 -23.24
C ALA C 104 25.39 14.06 -24.72
N ASN C 105 26.26 14.99 -25.09
CA ASN C 105 26.66 15.11 -26.50
C ASN C 105 27.49 13.92 -26.94
N LEU C 106 28.44 13.48 -26.10
CA LEU C 106 29.28 12.35 -26.45
C LEU C 106 28.45 11.09 -26.66
N ALA C 107 27.37 10.93 -25.88
CA ALA C 107 26.50 9.76 -26.04
C ALA C 107 25.76 9.82 -27.37
N VAL C 108 25.29 11.01 -27.76
CA VAL C 108 24.63 11.14 -29.07
C VAL C 108 25.59 10.72 -30.18
N TYR C 109 26.84 11.19 -30.14
CA TYR C 109 27.79 10.82 -31.19
C TYR C 109 28.07 9.32 -31.17
N THR C 110 28.31 8.77 -29.99
CA THR C 110 28.57 7.34 -29.88
C THR C 110 27.38 6.51 -30.35
N ALA C 111 26.15 7.00 -30.11
CA ALA C 111 24.96 6.26 -30.50
C ALA C 111 24.82 6.18 -32.01
N LEU C 112 25.10 7.27 -32.73
CA LEU C 112 24.73 7.39 -34.13
C LEU C 112 25.90 7.23 -35.09
N LEU C 113 27.13 7.31 -34.62
CA LEU C 113 28.28 7.33 -35.51
C LEU C 113 29.25 6.22 -35.16
N GLN C 114 30.01 5.79 -36.16
CA GLN C 114 31.16 4.94 -35.98
C GLN C 114 32.36 5.82 -35.62
N PRO C 115 33.38 5.25 -34.98
CA PRO C 115 34.63 6.00 -34.79
C PRO C 115 35.13 6.59 -36.11
N HIS C 116 35.52 7.86 -36.05
CA HIS C 116 36.08 8.64 -37.16
C HIS C 116 35.04 9.08 -38.18
N ASP C 117 33.75 8.88 -37.90
CA ASP C 117 32.69 9.49 -38.69
C ASP C 117 32.72 11.01 -38.51
N ARG C 118 32.06 11.72 -39.42
CA ARG C 118 32.26 13.15 -39.59
C ARG C 118 31.15 13.97 -38.96
N ILE C 119 31.54 15.00 -38.19
CA ILE C 119 30.60 15.96 -37.62
C ILE C 119 31.03 17.37 -38.00
N MET C 120 30.06 18.28 -37.99
CA MET C 120 30.32 19.72 -38.19
C MET C 120 29.64 20.51 -37.08
N GLY C 121 30.41 21.39 -36.44
CA GLY C 121 29.86 22.31 -35.46
C GLY C 121 30.42 23.71 -35.68
N LEU C 122 29.82 24.67 -34.97
CA LEU C 122 30.34 26.04 -35.04
C LEU C 122 31.67 26.10 -34.31
N ASP C 123 32.67 26.71 -34.96
CA ASP C 123 33.99 26.82 -34.37
C ASP C 123 33.93 27.51 -33.01
N LEU C 124 34.69 27.02 -32.06
CA LEU C 124 34.64 27.57 -30.69
C LEU C 124 34.77 29.13 -30.59
N PRO C 125 35.80 29.70 -31.19
CA PRO C 125 35.95 31.16 -31.11
C PRO C 125 34.80 31.89 -31.81
N ASP C 126 34.10 31.22 -32.68
CA ASP C 126 32.95 31.78 -33.36
C ASP C 126 31.68 31.61 -32.50
N GLY C 127 31.80 30.87 -31.39
CA GLY C 127 30.66 30.73 -30.50
C GLY C 127 30.22 29.29 -30.24
N GLY C 128 30.79 28.28 -30.90
CA GLY C 128 30.41 26.92 -30.64
C GLY C 128 31.04 26.37 -29.37
N HIS C 129 30.58 25.19 -28.97
CA HIS C 129 31.06 24.58 -27.73
C HIS C 129 32.19 23.60 -28.00
N LEU C 130 32.99 23.37 -26.95
CA LEU C 130 34.04 22.35 -26.96
C LEU C 130 33.57 21.03 -27.56
N THR C 131 32.45 20.51 -27.06
CA THR C 131 32.00 19.18 -27.47
C THR C 131 31.41 19.16 -28.86
N HIS C 132 31.42 20.28 -29.58
CA HIS C 132 31.00 20.31 -30.97
C HIS C 132 32.16 20.02 -31.92
N GLY C 133 33.15 19.24 -31.46
CA GLY C 133 34.25 18.82 -32.32
C GLY C 133 35.45 19.75 -32.36
N TYR C 134 35.74 20.46 -31.29
CA TYR C 134 36.73 21.52 -31.37
C TYR C 134 38.15 20.94 -31.33
N MET C 135 38.93 21.26 -32.37
CA MET C 135 40.38 21.15 -32.33
C MET C 135 40.97 22.42 -32.90
N SER C 136 42.17 22.76 -32.46
CA SER C 136 42.85 23.94 -32.96
C SER C 136 43.82 23.54 -34.07
N ASP C 137 44.64 24.50 -34.49
CA ASP C 137 45.67 24.19 -35.48
C ASP C 137 46.75 23.29 -34.90
N VAL C 138 46.96 23.33 -33.59
CA VAL C 138 48.12 22.68 -32.98
C VAL C 138 47.77 21.34 -32.34
N LYS C 139 46.44 21.09 -32.12
CA LYS C 139 46.06 20.05 -31.17
C LYS C 139 44.59 19.68 -31.08
N ARG C 140 44.33 18.41 -31.03
CA ARG C 140 42.94 18.01 -30.82
C ARG C 140 42.60 18.22 -29.36
N ILE C 141 41.59 19.06 -29.11
CA ILE C 141 41.34 19.51 -27.76
C ILE C 141 40.20 18.69 -27.15
N SER C 142 39.02 18.73 -27.77
CA SER C 142 37.91 17.94 -27.30
C SER C 142 38.06 16.50 -27.75
N ALA C 143 37.70 15.56 -26.88
CA ALA C 143 37.65 14.16 -27.29
C ALA C 143 36.70 13.95 -28.47
N THR C 144 35.75 14.87 -28.67
CA THR C 144 34.86 14.77 -29.82
C THR C 144 35.59 15.05 -31.13
N SER C 145 36.78 15.62 -31.09
CA SER C 145 37.66 15.73 -32.25
C SER C 145 38.69 14.62 -32.31
N ILE C 146 38.75 13.76 -31.30
CA ILE C 146 39.66 12.62 -31.30
C ILE C 146 38.97 11.36 -31.80
N PHE C 147 37.83 11.01 -31.22
CA PHE C 147 37.13 9.79 -31.62
C PHE C 147 36.31 9.98 -32.89
N PHE C 148 36.08 11.23 -33.30
CA PHE C 148 35.30 11.53 -34.50
C PHE C 148 36.03 12.60 -35.29
N GLU C 149 35.72 12.69 -36.58
CA GLU C 149 36.38 13.64 -37.47
C GLU C 149 35.52 14.87 -37.61
N SER C 150 36.08 16.02 -37.24
CA SER C 150 35.34 17.26 -37.12
C SER C 150 35.84 18.29 -38.13
N MET C 151 34.92 19.06 -38.69
CA MET C 151 35.23 20.25 -39.48
C MET C 151 34.27 21.34 -39.01
N PRO C 152 34.77 22.52 -38.68
CA PRO C 152 33.88 23.59 -38.20
C PRO C 152 33.26 24.40 -39.32
N TYR C 153 32.14 25.04 -39.01
CA TYR C 153 31.65 26.16 -39.79
C TYR C 153 31.81 27.46 -39.00
N LYS C 154 31.61 28.59 -39.68
CA LYS C 154 32.10 29.87 -39.20
C LYS C 154 31.06 30.96 -39.31
N LEU C 155 31.30 32.03 -38.55
CA LEU C 155 30.53 33.26 -38.68
C LEU C 155 31.00 34.04 -39.90
N ASN C 156 30.10 34.81 -40.47
CA ASN C 156 30.51 35.86 -41.38
C ASN C 156 31.20 36.94 -40.56
N PRO C 157 32.49 37.23 -40.80
CA PRO C 157 33.19 38.17 -39.90
C PRO C 157 32.65 39.59 -39.99
N LYS C 158 32.09 39.98 -41.14
CA LYS C 158 31.54 41.32 -41.27
C LYS C 158 30.29 41.50 -40.42
N THR C 159 29.40 40.50 -40.42
CA THR C 159 28.12 40.62 -39.74
C THR C 159 28.09 40.00 -38.34
N GLY C 160 28.97 39.06 -38.04
CA GLY C 160 28.87 38.33 -36.79
C GLY C 160 27.75 37.32 -36.73
N LEU C 161 27.14 36.99 -37.88
CA LEU C 161 26.13 35.96 -37.97
C LEU C 161 26.71 34.70 -38.61
N ILE C 162 26.09 33.55 -38.29
CA ILE C 162 26.48 32.31 -38.91
C ILE C 162 26.37 32.44 -40.42
N ASP C 163 27.42 32.03 -41.15
CA ASP C 163 27.39 32.07 -42.60
C ASP C 163 26.77 30.77 -43.10
N TYR C 164 25.45 30.79 -43.27
CA TYR C 164 24.72 29.60 -43.69
C TYR C 164 25.08 29.19 -45.11
N ASN C 165 25.43 30.16 -45.97
CA ASN C 165 25.81 29.85 -47.34
C ASN C 165 27.15 29.11 -47.38
N GLN C 166 28.12 29.55 -46.59
CA GLN C 166 29.39 28.84 -46.53
C GLN C 166 29.24 27.48 -45.85
N LEU C 167 28.35 27.38 -44.86
CA LEU C 167 28.08 26.08 -44.26
C LEU C 167 27.58 25.09 -45.31
N ALA C 168 26.64 25.53 -46.15
CA ALA C 168 26.09 24.65 -47.17
C ALA C 168 27.15 24.23 -48.18
N LEU C 169 27.98 25.19 -48.61
CA LEU C 169 29.04 24.88 -49.55
C LEU C 169 29.98 23.82 -48.98
N THR C 170 30.46 24.02 -47.76
CA THR C 170 31.46 23.11 -47.21
C THR C 170 30.85 21.77 -46.82
N ALA C 171 29.57 21.76 -46.40
CA ALA C 171 28.92 20.50 -46.04
C ALA C 171 28.79 19.56 -47.23
N ARG C 172 28.61 20.11 -48.45
CA ARG C 172 28.52 19.25 -49.62
C ARG C 172 29.85 18.54 -49.89
N LEU C 173 30.96 19.18 -49.58
CA LEU C 173 32.28 18.60 -49.83
C LEU C 173 32.72 17.68 -48.69
N PHE C 174 32.48 18.09 -47.45
CA PHE C 174 32.94 17.33 -46.28
C PHE C 174 32.04 16.13 -45.99
N ARG C 175 30.75 16.23 -46.32
CA ARG C 175 29.77 15.16 -46.14
C ARG C 175 29.68 14.71 -44.68
N PRO C 176 29.30 15.59 -43.75
CA PRO C 176 29.14 15.14 -42.36
C PRO C 176 27.96 14.20 -42.23
N ARG C 177 28.03 13.33 -41.25
CA ARG C 177 26.90 12.50 -40.92
C ARG C 177 26.02 13.19 -39.86
N LEU C 178 26.55 14.21 -39.19
CA LEU C 178 25.79 14.91 -38.17
C LEU C 178 26.26 16.36 -38.16
N ILE C 179 25.30 17.29 -38.08
CA ILE C 179 25.59 18.71 -37.96
C ILE C 179 25.00 19.19 -36.65
N ILE C 180 25.77 19.98 -35.90
CA ILE C 180 25.34 20.47 -34.60
C ILE C 180 24.96 21.93 -34.74
N ALA C 181 23.74 22.25 -34.32
CA ALA C 181 23.28 23.63 -34.22
C ALA C 181 23.10 23.94 -32.73
N GLY C 182 24.04 24.67 -32.17
CA GLY C 182 23.98 25.05 -30.78
C GLY C 182 25.21 25.87 -30.42
N THR C 183 25.07 26.82 -29.49
CA THR C 183 26.18 27.73 -29.22
C THR C 183 26.37 27.92 -27.73
N SER C 184 27.59 28.34 -27.39
CA SER C 184 27.95 28.76 -26.04
C SER C 184 28.10 30.27 -25.91
N ALA C 185 28.42 30.96 -27.00
CA ALA C 185 28.70 32.39 -26.94
C ALA C 185 28.24 33.06 -28.24
N TYR C 186 26.99 32.84 -28.61
CA TYR C 186 26.38 33.44 -29.78
C TYR C 186 25.12 34.16 -29.33
N ALA C 187 25.04 35.44 -29.62
CA ALA C 187 23.98 36.29 -29.07
C ALA C 187 22.73 36.33 -29.94
N ARG C 188 22.68 35.57 -31.04
CA ARG C 188 21.56 35.63 -31.95
C ARG C 188 20.86 34.28 -32.02
N LEU C 189 19.70 34.27 -32.67
CA LEU C 189 18.94 33.06 -32.87
C LEU C 189 19.47 32.30 -34.07
N ILE C 190 19.36 30.99 -34.01
CA ILE C 190 19.83 30.11 -35.08
C ILE C 190 18.67 29.84 -36.03
N ASP C 191 18.95 29.90 -37.33
CA ASP C 191 17.97 29.54 -38.35
C ASP C 191 17.94 28.02 -38.47
N TYR C 192 17.12 27.38 -37.64
CA TYR C 192 17.07 25.92 -37.62
C TYR C 192 16.50 25.35 -38.91
N ALA C 193 15.59 26.07 -39.56
CA ALA C 193 15.03 25.57 -40.82
C ALA C 193 16.10 25.50 -41.91
N ARG C 194 16.96 26.53 -41.98
CA ARG C 194 18.06 26.50 -42.94
C ARG C 194 19.05 25.40 -42.63
N MET C 195 19.27 25.12 -41.36
CA MET C 195 20.11 24.03 -40.96
C MET C 195 19.47 22.72 -41.43
N ARG C 196 18.15 22.64 -41.31
CA ARG C 196 17.46 21.44 -41.77
C ARG C 196 17.62 21.25 -43.28
N GLU C 197 17.60 22.35 -44.05
CA GLU C 197 17.80 22.23 -45.49
C GLU C 197 19.15 21.62 -45.81
N VAL C 198 20.21 22.15 -45.20
CA VAL C 198 21.54 21.62 -45.44
C VAL C 198 21.62 20.16 -45.04
N CYS C 199 21.12 19.82 -43.86
CA CYS C 199 21.14 18.43 -43.41
C CYS C 199 20.39 17.52 -44.37
N ASP C 200 19.26 18.00 -44.90
CA ASP C 200 18.51 17.17 -45.84
C ASP C 200 19.28 16.97 -47.13
N GLU C 201 20.00 17.99 -47.59
CA GLU C 201 20.71 17.87 -48.85
C GLU C 201 21.87 16.87 -48.75
N VAL C 202 22.61 16.88 -47.63
CA VAL C 202 23.77 16.00 -47.49
C VAL C 202 23.44 14.73 -46.71
N LYS C 203 22.18 14.54 -46.31
CA LYS C 203 21.74 13.35 -45.56
C LYS C 203 22.44 13.25 -44.20
N ALA C 204 22.51 14.38 -43.49
CA ALA C 204 23.04 14.43 -42.13
C ALA C 204 21.91 14.57 -41.12
N HIS C 205 22.10 13.96 -39.95
CA HIS C 205 21.25 14.23 -38.81
C HIS C 205 21.48 15.65 -38.30
N LEU C 206 20.42 16.28 -37.80
CA LEU C 206 20.50 17.62 -37.20
C LEU C 206 20.38 17.49 -35.69
N LEU C 207 21.47 17.76 -34.98
CA LEU C 207 21.45 17.78 -33.53
C LEU C 207 21.42 19.23 -33.06
N ALA C 208 20.45 19.56 -32.23
CA ALA C 208 20.36 20.89 -31.64
C ALA C 208 20.82 20.80 -30.18
N ASP C 209 21.91 21.48 -29.87
CA ASP C 209 22.39 21.59 -28.50
C ASP C 209 21.87 22.92 -27.98
N MET C 210 20.75 22.87 -27.26
CA MET C 210 20.06 24.06 -26.79
C MET C 210 20.38 24.36 -25.33
N ALA C 211 21.52 23.86 -24.83
CA ALA C 211 21.88 24.00 -23.42
C ALA C 211 21.65 25.40 -22.88
N HIS C 212 22.15 26.42 -23.59
CA HIS C 212 22.09 27.79 -23.08
C HIS C 212 20.66 28.33 -23.09
N ILE C 213 19.89 28.02 -24.12
CA ILE C 213 18.61 28.70 -24.37
C ILE C 213 17.41 27.84 -23.95
N SER C 214 17.65 26.69 -23.32
CA SER C 214 16.58 25.72 -23.08
C SER C 214 15.45 26.31 -22.22
N GLY C 215 15.79 27.10 -21.20
CA GLY C 215 14.75 27.74 -20.41
C GLY C 215 13.91 28.69 -21.23
N LEU C 216 14.53 29.43 -22.15
CA LEU C 216 13.78 30.32 -23.03
C LEU C 216 12.91 29.53 -23.99
N VAL C 217 13.38 28.36 -24.44
CA VAL C 217 12.56 27.52 -25.30
C VAL C 217 11.35 26.97 -24.54
N ALA C 218 11.56 26.54 -23.29
CA ALA C 218 10.47 25.98 -22.51
C ALA C 218 9.38 27.03 -22.26
N ALA C 219 9.78 28.27 -21.99
CA ALA C 219 8.84 29.38 -21.79
C ALA C 219 8.23 29.89 -23.09
N LYS C 220 8.67 29.36 -24.25
CA LYS C 220 8.13 29.74 -25.55
C LYS C 220 8.33 31.23 -25.85
N VAL C 221 9.42 31.81 -25.35
CA VAL C 221 9.74 33.20 -25.71
C VAL C 221 10.66 33.31 -26.92
N ILE C 222 11.22 32.19 -27.38
CA ILE C 222 11.98 32.14 -28.64
C ILE C 222 11.57 30.89 -29.40
N PRO C 223 11.83 30.84 -30.71
CA PRO C 223 11.47 29.66 -31.50
C PRO C 223 12.14 28.40 -30.98
N SER C 224 11.43 27.27 -31.16
CA SER C 224 11.84 25.97 -30.63
C SER C 224 12.65 25.21 -31.66
N PRO C 225 13.80 24.62 -31.28
CA PRO C 225 14.50 23.75 -32.23
C PRO C 225 13.80 22.42 -32.48
N PHE C 226 12.84 22.03 -31.63
CA PHE C 226 12.17 20.75 -31.81
C PHE C 226 11.38 20.67 -33.10
N LYS C 227 11.07 21.81 -33.72
CA LYS C 227 10.36 21.78 -34.98
C LYS C 227 11.20 21.16 -36.10
N HIS C 228 12.54 21.28 -36.04
CA HIS C 228 13.39 20.89 -37.14
C HIS C 228 14.47 19.86 -36.79
N ALA C 229 14.80 19.67 -35.52
CA ALA C 229 15.92 18.85 -35.14
C ALA C 229 15.53 17.38 -35.05
N ASP C 230 16.50 16.50 -35.33
CA ASP C 230 16.33 15.07 -35.12
C ASP C 230 16.60 14.69 -33.66
N ILE C 231 17.64 15.27 -33.08
CA ILE C 231 18.06 15.04 -31.71
C ILE C 231 18.22 16.40 -31.03
N VAL C 232 17.88 16.49 -29.75
CA VAL C 232 18.06 17.72 -28.99
C VAL C 232 18.72 17.37 -27.66
N THR C 233 19.83 18.03 -27.36
CA THR C 233 20.49 17.89 -26.08
C THR C 233 20.41 19.20 -25.31
N THR C 234 20.57 19.11 -24.01
CA THR C 234 20.57 20.31 -23.18
C THR C 234 21.14 19.96 -21.82
N THR C 235 21.64 20.97 -21.13
CA THR C 235 21.89 20.90 -19.71
C THR C 235 20.65 21.41 -18.97
N THR C 236 20.64 21.20 -17.67
CA THR C 236 19.51 21.61 -16.84
C THR C 236 19.87 22.72 -15.87
N HIS C 237 21.11 23.22 -15.88
CA HIS C 237 21.59 24.16 -14.87
C HIS C 237 21.87 25.55 -15.41
N LYS C 238 21.48 25.85 -16.64
CA LYS C 238 21.63 27.20 -17.14
C LYS C 238 20.31 27.96 -17.03
N THR C 239 19.68 28.30 -18.17
CA THR C 239 18.41 29.02 -18.09
C THR C 239 17.27 28.17 -17.55
N LEU C 240 17.43 26.84 -17.48
CA LEU C 240 16.41 25.99 -16.90
C LEU C 240 16.44 26.02 -15.37
N ARG C 241 17.46 26.60 -14.79
CA ARG C 241 17.55 26.81 -13.35
C ARG C 241 17.44 25.58 -12.47
N GLY C 242 18.01 24.49 -12.92
CA GLY C 242 17.97 23.25 -12.17
C GLY C 242 19.32 22.85 -11.64
N ALA C 243 19.39 21.61 -11.17
CA ALA C 243 20.66 21.02 -10.79
C ALA C 243 21.47 20.69 -12.04
N ARG C 244 22.74 20.43 -11.83
CA ARG C 244 23.62 20.09 -12.94
C ARG C 244 23.36 18.69 -13.48
N SER C 245 23.05 18.60 -14.76
CA SER C 245 22.65 17.34 -15.36
C SER C 245 22.50 17.57 -16.87
N GLY C 246 22.20 16.49 -17.59
CA GLY C 246 21.97 16.58 -19.01
C GLY C 246 20.73 15.78 -19.40
N LEU C 247 20.21 16.10 -20.58
CA LEU C 247 19.04 15.45 -21.15
C LEU C 247 19.25 15.22 -22.64
N ILE C 248 18.75 14.10 -23.15
CA ILE C 248 18.75 13.82 -24.58
C ILE C 248 17.31 13.60 -25.03
N PHE C 249 16.85 14.45 -25.94
CA PHE C 249 15.58 14.26 -26.63
C PHE C 249 15.83 13.65 -28.01
N TYR C 250 14.94 12.76 -28.43
CA TYR C 250 15.08 12.12 -29.74
C TYR C 250 13.71 11.83 -30.34
N ARG C 251 13.62 11.94 -31.63
CA ARG C 251 12.41 11.61 -32.33
C ARG C 251 12.12 10.12 -32.33
N LYS C 252 10.85 9.78 -32.24
CA LYS C 252 10.42 8.39 -32.32
C LYS C 252 9.17 8.32 -33.18
N GLY C 253 8.72 7.11 -33.43
CA GLY C 253 7.58 6.90 -34.29
C GLY C 253 7.96 6.77 -35.76
N VAL C 254 7.07 7.21 -36.64
CA VAL C 254 7.24 7.05 -38.07
C VAL C 254 7.82 8.34 -38.65
N LYS C 255 8.92 8.21 -39.39
CA LYS C 255 9.49 9.31 -40.16
C LYS C 255 8.89 9.40 -41.56
N ALA C 256 8.54 8.26 -42.16
CA ALA C 256 7.98 8.21 -43.50
C ALA C 256 7.24 6.88 -43.72
N PRO C 266 10.43 3.88 -39.96
CA PRO C 266 10.38 4.40 -38.59
C PRO C 266 11.71 4.96 -38.09
N TYR C 267 11.66 5.89 -37.14
CA TYR C 267 12.86 6.38 -36.49
C TYR C 267 13.52 5.26 -35.68
N THR C 268 14.85 5.24 -35.70
CA THR C 268 15.62 4.22 -34.98
C THR C 268 16.58 4.85 -33.96
N PHE C 269 16.23 6.03 -33.44
CA PHE C 269 17.11 6.72 -32.50
C PHE C 269 17.05 6.10 -31.11
N GLU C 270 15.86 5.72 -30.65
CA GLU C 270 15.63 5.40 -29.24
C GLU C 270 16.57 4.35 -28.71
N ASP C 271 16.62 3.19 -29.37
CA ASP C 271 17.42 2.08 -28.85
C ASP C 271 18.91 2.42 -28.84
N ARG C 272 19.37 3.11 -29.89
CA ARG C 272 20.78 3.44 -29.96
C ARG C 272 21.16 4.50 -28.94
N ILE C 273 20.29 5.49 -28.71
CA ILE C 273 20.58 6.53 -27.73
C ILE C 273 20.64 5.93 -26.33
N ASN C 274 19.64 5.12 -25.98
CA ASN C 274 19.62 4.54 -24.64
C ASN C 274 20.80 3.60 -24.42
N PHE C 275 21.13 2.79 -25.43
CA PHE C 275 22.27 1.89 -25.29
C PHE C 275 23.57 2.65 -25.13
N ALA C 276 23.73 3.77 -25.83
CA ALA C 276 24.97 4.54 -25.75
C ALA C 276 25.17 5.16 -24.38
N VAL C 277 24.08 5.66 -23.77
CA VAL C 277 24.16 6.17 -22.40
C VAL C 277 24.54 5.04 -21.45
N PHE C 278 23.77 3.96 -21.47
CA PHE C 278 24.07 2.80 -20.66
C PHE C 278 23.68 1.55 -21.45
N PRO C 279 24.55 0.54 -21.53
CA PRO C 279 25.82 0.36 -20.79
C PRO C 279 27.06 0.93 -21.44
N SER C 280 26.95 1.55 -22.59
CA SER C 280 28.15 1.94 -23.34
C SER C 280 29.07 3.00 -22.71
N LEU C 281 28.49 4.07 -22.24
CA LEU C 281 29.30 5.17 -21.73
C LEU C 281 29.23 5.36 -20.22
N GLN C 282 28.04 5.35 -19.62
CA GLN C 282 27.91 5.68 -18.21
C GLN C 282 27.71 4.41 -17.38
N GLY C 283 27.80 4.60 -16.06
CA GLY C 283 27.53 3.55 -15.11
C GLY C 283 26.20 3.81 -14.42
N GLY C 284 26.18 3.77 -13.09
CA GLY C 284 24.94 3.99 -12.37
C GLY C 284 24.43 5.40 -12.52
N PRO C 285 23.13 5.56 -12.80
CA PRO C 285 22.55 6.90 -12.85
C PRO C 285 22.68 7.60 -11.50
N HIS C 286 22.64 8.94 -11.54
CA HIS C 286 22.65 9.75 -10.33
C HIS C 286 21.20 10.16 -10.04
N ASN C 287 20.50 9.32 -9.28
CA ASN C 287 19.08 9.51 -9.07
C ASN C 287 18.78 10.80 -8.32
N HIS C 288 19.70 11.26 -7.47
CA HIS C 288 19.49 12.54 -6.79
C HIS C 288 19.44 13.69 -7.79
N ALA C 289 20.28 13.64 -8.83
CA ALA C 289 20.23 14.67 -9.87
C ALA C 289 18.96 14.56 -10.71
N ILE C 290 18.57 13.33 -11.06
CA ILE C 290 17.35 13.12 -11.84
C ILE C 290 16.15 13.72 -11.10
N ALA C 291 16.04 13.44 -9.80
CA ALA C 291 14.93 13.98 -9.01
C ALA C 291 14.99 15.51 -8.96
N ALA C 292 16.18 16.08 -8.76
CA ALA C 292 16.30 17.53 -8.74
C ALA C 292 15.93 18.16 -10.07
N VAL C 293 16.22 17.46 -11.18
CA VAL C 293 15.85 17.95 -12.50
C VAL C 293 14.34 17.94 -12.68
N ALA C 294 13.69 16.89 -12.19
CA ALA C 294 12.23 16.81 -12.31
C ALA C 294 11.57 17.98 -11.57
N VAL C 295 12.14 18.38 -10.43
CA VAL C 295 11.58 19.48 -9.67
C VAL C 295 11.68 20.78 -10.48
N ALA C 296 12.84 21.03 -11.08
CA ALA C 296 13.01 22.26 -11.85
C ALA C 296 12.18 22.26 -13.12
N LEU C 297 11.99 21.09 -13.74
CA LEU C 297 11.16 21.02 -14.94
C LEU C 297 9.71 21.39 -14.65
N LYS C 298 9.18 20.94 -13.52
CA LYS C 298 7.83 21.33 -13.12
C LYS C 298 7.72 22.84 -12.94
N GLN C 299 8.74 23.45 -12.33
CA GLN C 299 8.72 24.91 -12.18
C GLN C 299 8.71 25.61 -13.53
N ALA C 300 9.37 25.03 -14.52
CA ALA C 300 9.45 25.65 -15.84
C ALA C 300 8.14 25.64 -16.61
N CYS C 301 7.14 24.87 -16.16
CA CYS C 301 5.84 24.83 -16.82
C CYS C 301 4.89 25.93 -16.38
N THR C 302 5.27 26.73 -15.42
CA THR C 302 4.36 27.68 -14.82
C THR C 302 4.39 29.02 -15.54
N PRO C 303 3.31 29.80 -15.48
CA PRO C 303 3.36 31.17 -16.04
C PRO C 303 4.41 32.04 -15.37
N MET C 304 4.74 31.75 -14.10
CA MET C 304 5.86 32.43 -13.44
C MET C 304 7.13 32.30 -14.25
N PHE C 305 7.40 31.10 -14.77
CA PHE C 305 8.65 30.88 -15.49
C PHE C 305 8.65 31.64 -16.81
N ARG C 306 7.54 31.78 -17.53
CA ARG C 306 7.49 32.57 -18.77
C ARG C 306 7.82 34.02 -18.49
N GLU C 307 7.27 34.51 -17.38
CA GLU C 307 7.51 35.88 -16.96
C GLU C 307 8.98 36.08 -16.64
N TYR C 308 9.56 35.10 -15.99
CA TYR C 308 10.99 35.20 -15.71
C TYR C 308 11.79 35.21 -17.02
N SER C 309 11.45 34.32 -17.95
CA SER C 309 12.21 34.23 -19.19
C SER C 309 12.01 35.47 -20.06
N LEU C 310 10.81 36.05 -20.02
CA LEU C 310 10.58 37.32 -20.69
C LEU C 310 11.45 38.42 -20.09
N GLN C 311 11.59 38.41 -18.77
CA GLN C 311 12.44 39.39 -18.11
C GLN C 311 13.91 39.16 -18.44
N VAL C 312 14.32 37.90 -18.61
CA VAL C 312 15.70 37.61 -18.99
C VAL C 312 16.04 38.28 -20.31
N LEU C 313 15.14 38.17 -21.29
CA LEU C 313 15.35 38.79 -22.60
C LEU C 313 15.43 40.31 -22.48
N LYS C 314 14.51 40.91 -21.72
CA LYS C 314 14.50 42.35 -21.58
C LYS C 314 15.77 42.85 -20.89
N ASN C 315 16.22 42.13 -19.87
CA ASN C 315 17.39 42.56 -19.10
C ASN C 315 18.66 42.49 -19.93
N ALA C 316 18.77 41.46 -20.78
CA ALA C 316 19.94 41.32 -21.64
C ALA C 316 19.94 42.40 -22.72
N ARG C 317 18.77 42.70 -23.29
CA ARG C 317 18.68 43.80 -24.25
C ARG C 317 19.04 45.13 -23.60
N ALA C 318 18.56 45.37 -22.37
CA ALA C 318 18.90 46.60 -21.66
C ALA C 318 20.40 46.68 -21.40
N MET C 319 21.01 45.58 -20.96
CA MET C 319 22.46 45.52 -20.79
C MET C 319 23.19 45.84 -22.09
N ALA C 320 22.76 45.24 -23.20
CA ALA C 320 23.42 45.47 -24.47
C ALA C 320 23.30 46.93 -24.89
N ASP C 321 22.09 47.49 -24.81
CA ASP C 321 21.88 48.89 -25.14
C ASP C 321 22.80 49.80 -24.32
N ALA C 322 22.91 49.54 -23.03
CA ALA C 322 23.76 50.36 -22.17
C ALA C 322 25.22 50.26 -22.58
N LEU C 323 25.68 49.06 -22.94
CA LEU C 323 27.07 48.88 -23.37
C LEU C 323 27.32 49.57 -24.70
N LEU C 324 26.37 49.47 -25.64
CA LEU C 324 26.55 50.11 -26.93
C LEU C 324 26.68 51.62 -26.80
N GLU C 325 25.90 52.23 -25.92
CA GLU C 325 25.95 53.68 -25.80
C GLU C 325 27.17 54.15 -25.01
N ARG C 326 27.88 53.23 -24.39
CA ARG C 326 29.16 53.59 -23.74
C ARG C 326 30.32 53.26 -24.70
N GLY C 327 30.02 52.99 -25.97
CA GLY C 327 31.07 52.80 -26.95
C GLY C 327 31.68 51.43 -27.00
N TYR C 328 31.11 50.44 -26.32
CA TYR C 328 31.65 49.08 -26.35
C TYR C 328 31.23 48.36 -27.63
N SER C 329 32.09 47.46 -28.08
CA SER C 329 31.86 46.67 -29.27
C SER C 329 31.23 45.32 -28.88
N LEU C 330 30.08 45.02 -29.45
CA LEU C 330 29.39 43.75 -29.21
C LEU C 330 29.46 42.88 -30.46
N VAL C 331 29.81 41.61 -30.28
CA VAL C 331 29.85 40.70 -31.41
C VAL C 331 28.42 40.47 -31.91
N SER C 332 28.21 40.71 -33.19
CA SER C 332 26.93 40.71 -33.90
C SER C 332 26.10 41.97 -33.60
N GLY C 333 26.64 42.93 -32.84
CA GLY C 333 26.00 44.22 -32.70
C GLY C 333 24.84 44.30 -31.73
N GLY C 334 24.63 43.27 -30.92
CA GLY C 334 23.50 43.28 -30.00
C GLY C 334 23.20 41.87 -29.53
N THR C 335 21.94 41.65 -29.13
CA THR C 335 21.56 40.34 -28.65
C THR C 335 20.08 40.09 -28.92
N ASP C 336 19.76 38.81 -29.09
CA ASP C 336 18.39 38.33 -29.16
C ASP C 336 18.09 37.29 -28.10
N ASN C 337 19.06 36.99 -27.23
CA ASN C 337 18.83 36.01 -26.20
C ASN C 337 19.30 36.52 -24.83
N HIS C 338 19.87 35.64 -24.04
CA HIS C 338 20.17 35.93 -22.65
C HIS C 338 21.56 36.51 -22.43
N LEU C 339 22.42 36.55 -23.44
CA LEU C 339 23.82 36.90 -23.23
C LEU C 339 24.27 37.99 -24.20
N VAL C 340 25.40 38.64 -23.85
CA VAL C 340 26.10 39.56 -24.74
C VAL C 340 27.56 39.17 -24.74
N LEU C 341 28.22 39.28 -25.89
CA LEU C 341 29.64 39.00 -26.01
C LEU C 341 30.35 40.31 -26.35
N VAL C 342 31.13 40.81 -25.40
CA VAL C 342 31.81 42.10 -25.56
C VAL C 342 33.20 41.84 -26.11
N ASP C 343 33.50 42.44 -27.27
CA ASP C 343 34.84 42.38 -27.84
C ASP C 343 35.62 43.56 -27.29
N LEU C 344 36.56 43.29 -26.39
CA LEU C 344 37.34 44.34 -25.75
C LEU C 344 38.60 44.71 -26.53
N ARG C 345 38.89 44.03 -27.63
CA ARG C 345 40.07 44.31 -28.40
C ARG C 345 40.17 45.78 -28.90
N PRO C 346 39.07 46.31 -29.43
CA PRO C 346 39.12 47.72 -29.83
C PRO C 346 39.26 48.70 -28.65
N LYS C 347 38.96 48.28 -27.42
CA LYS C 347 39.12 49.11 -26.23
C LYS C 347 40.51 49.03 -25.64
N GLY C 348 41.33 48.15 -26.17
CA GLY C 348 42.67 48.01 -25.68
C GLY C 348 42.86 47.23 -24.42
N LEU C 349 41.96 46.30 -24.16
CA LEU C 349 42.10 45.45 -22.98
C LEU C 349 41.74 44.04 -23.40
N ASP C 350 42.38 43.05 -22.80
CA ASP C 350 42.09 41.65 -23.08
C ASP C 350 41.12 41.08 -22.05
N GLY C 351 40.53 39.94 -22.40
CA GLY C 351 39.53 39.35 -21.52
C GLY C 351 40.09 38.92 -20.17
N ALA C 352 41.31 38.41 -20.15
CA ALA C 352 41.89 37.96 -18.87
C ALA C 352 42.05 39.12 -17.89
N ARG C 353 42.55 40.26 -18.38
CA ARG C 353 42.70 41.41 -17.50
C ARG C 353 41.36 41.96 -17.05
N ALA C 354 40.39 42.03 -17.96
CA ALA C 354 39.07 42.52 -17.59
C ALA C 354 38.42 41.62 -16.55
N GLU C 355 38.50 40.30 -16.75
CA GLU C 355 37.86 39.38 -15.81
C GLU C 355 38.45 39.55 -14.40
N ARG C 356 39.75 39.78 -14.31
CA ARG C 356 40.42 39.87 -13.01
C ARG C 356 40.02 41.14 -12.25
N VAL C 357 40.07 42.29 -12.93
CA VAL C 357 39.70 43.54 -12.27
C VAL C 357 38.26 43.49 -11.76
N LEU C 358 37.34 43.06 -12.62
CA LEU C 358 35.94 43.01 -12.24
C LEU C 358 35.72 42.02 -11.09
N GLU C 359 36.38 40.88 -11.13
CA GLU C 359 36.29 39.93 -10.03
C GLU C 359 36.70 40.56 -8.68
N LEU C 360 37.69 41.44 -8.70
CA LEU C 360 38.12 42.07 -7.46
C LEU C 360 37.09 43.04 -6.91
N VAL C 361 36.12 43.48 -7.72
CA VAL C 361 35.10 44.37 -7.21
C VAL C 361 33.75 43.65 -7.19
N SER C 362 33.79 42.32 -7.08
CA SER C 362 32.61 41.47 -6.93
C SER C 362 31.69 41.54 -8.16
N ILE C 363 32.28 41.72 -9.34
CA ILE C 363 31.56 41.59 -10.60
C ILE C 363 32.13 40.36 -11.29
N THR C 364 31.31 39.31 -11.39
CA THR C 364 31.78 37.99 -11.81
C THR C 364 31.31 37.71 -13.24
N ALA C 365 32.26 37.57 -14.15
CA ALA C 365 31.99 37.20 -15.53
C ALA C 365 33.03 36.17 -15.94
N ASN C 366 33.17 35.92 -17.25
CA ASN C 366 34.29 35.13 -17.72
C ASN C 366 34.86 35.74 -18.99
N LYS C 367 36.17 35.62 -19.13
CA LYS C 367 36.82 36.00 -20.33
C LYS C 367 36.29 35.04 -21.39
N ASN C 368 36.31 35.47 -22.63
CA ASN C 368 35.71 34.65 -23.67
C ASN C 368 36.40 34.94 -24.99
N THR C 369 36.58 33.88 -25.79
CA THR C 369 37.05 34.07 -27.15
C THR C 369 36.04 34.88 -27.96
N CYS C 370 36.56 35.61 -28.94
CA CYS C 370 35.82 36.34 -29.94
C CYS C 370 36.31 35.87 -31.31
N PRO C 371 35.55 36.11 -32.37
CA PRO C 371 36.01 35.71 -33.70
C PRO C 371 37.40 36.23 -34.00
N GLY C 372 38.28 35.34 -34.44
CA GLY C 372 39.65 35.66 -34.72
C GLY C 372 40.62 35.34 -33.60
N ASP C 373 40.13 35.13 -32.37
CA ASP C 373 41.03 34.79 -31.28
C ASP C 373 41.70 33.44 -31.52
N ARG C 374 42.94 33.31 -31.03
CA ARG C 374 43.66 32.06 -31.12
C ARG C 374 44.01 31.47 -29.76
N SER C 375 43.79 32.21 -28.68
CA SER C 375 44.01 31.70 -27.33
C SER C 375 42.73 31.86 -26.52
N ALA C 376 42.31 30.77 -25.88
CA ALA C 376 41.18 30.81 -24.97
C ALA C 376 41.61 31.21 -23.56
N ILE C 377 42.88 31.18 -23.25
CA ILE C 377 43.35 31.53 -21.93
C ILE C 377 43.53 33.04 -21.86
N THR C 378 43.96 33.62 -22.95
CA THR C 378 44.08 35.07 -23.03
C THR C 378 43.28 35.55 -24.24
N PRO C 379 41.95 35.52 -24.16
CA PRO C 379 41.14 35.92 -25.31
C PRO C 379 40.84 37.42 -25.30
N GLY C 380 40.15 37.91 -26.31
CA GLY C 380 39.91 39.33 -26.45
C GLY C 380 38.55 39.82 -26.02
N GLY C 381 37.73 38.97 -25.40
CA GLY C 381 36.34 39.30 -25.13
C GLY C 381 35.92 39.01 -23.71
N LEU C 382 34.66 39.33 -23.45
CA LEU C 382 34.07 39.18 -22.12
C LEU C 382 32.61 38.81 -22.34
N ARG C 383 32.17 37.69 -21.77
CA ARG C 383 30.79 37.24 -21.94
C ARG C 383 29.99 37.58 -20.68
N LEU C 384 28.80 38.12 -20.88
CA LEU C 384 27.92 38.54 -19.80
C LEU C 384 26.53 37.98 -20.05
N GLY C 385 25.88 37.51 -19.00
CA GLY C 385 24.56 36.96 -19.11
C GLY C 385 23.60 37.51 -18.07
N ALA C 386 22.33 37.57 -18.42
CA ALA C 386 21.27 38.02 -17.53
C ALA C 386 20.56 36.98 -16.62
N PRO C 387 20.62 35.68 -16.95
CA PRO C 387 19.81 34.73 -16.17
C PRO C 387 19.94 34.73 -14.63
N ALA C 388 21.14 34.77 -14.13
CA ALA C 388 21.34 34.62 -12.69
C ALA C 388 20.77 35.82 -11.93
N LEU C 389 21.08 37.03 -12.38
CA LEU C 389 20.61 38.23 -11.67
C LEU C 389 19.12 38.46 -11.90
N THR C 390 18.59 38.04 -13.06
CA THR C 390 17.14 38.07 -13.25
C THR C 390 16.43 37.17 -12.24
N SER C 391 17.08 36.09 -11.82
CA SER C 391 16.50 35.24 -10.79
C SER C 391 16.50 35.91 -9.42
N ARG C 392 17.28 36.98 -9.23
CA ARG C 392 17.23 37.80 -8.02
C ARG C 392 16.30 39.00 -8.18
N GLN C 393 15.44 39.00 -9.20
CA GLN C 393 14.44 40.04 -9.45
C GLN C 393 15.07 41.34 -9.93
N PHE C 394 16.23 41.27 -10.58
CA PHE C 394 16.75 42.44 -11.26
C PHE C 394 15.83 42.83 -12.42
N ARG C 395 15.70 44.12 -12.62
CA ARG C 395 14.92 44.64 -13.73
C ARG C 395 15.79 45.47 -14.65
N GLU C 396 15.23 46.00 -15.72
CA GLU C 396 16.04 46.66 -16.75
C GLU C 396 16.92 47.76 -16.16
N ASP C 397 16.34 48.62 -15.32
CA ASP C 397 17.12 49.70 -14.74
C ASP C 397 18.24 49.17 -13.86
N ASP C 398 18.03 48.03 -13.21
CA ASP C 398 19.09 47.41 -12.42
C ASP C 398 20.25 46.97 -13.31
N PHE C 399 19.96 46.52 -14.53
CA PHE C 399 21.03 46.12 -15.43
C PHE C 399 21.73 47.32 -16.04
N ARG C 400 21.06 48.44 -16.13
CA ARG C 400 21.71 49.64 -16.58
C ARG C 400 22.71 50.06 -15.50
N ARG C 401 22.37 49.85 -14.23
CA ARG C 401 23.30 50.15 -13.13
C ARG C 401 24.50 49.19 -13.20
N VAL C 402 24.23 47.91 -13.50
CA VAL C 402 25.32 46.94 -13.62
C VAL C 402 26.35 47.41 -14.63
N VAL C 403 25.85 47.96 -15.73
CA VAL C 403 26.72 48.40 -16.78
C VAL C 403 27.45 49.60 -16.25
N ASP C 404 26.83 50.52 -15.50
CA ASP C 404 27.69 51.59 -14.90
C ASP C 404 28.88 50.99 -14.12
N PHE C 405 28.62 50.07 -13.18
CA PHE C 405 29.68 49.47 -12.38
C PHE C 405 30.75 48.83 -13.26
N ILE C 406 30.35 48.15 -14.32
CA ILE C 406 31.32 47.51 -15.17
C ILE C 406 32.27 48.50 -15.84
N ASP C 407 31.74 49.60 -16.36
CA ASP C 407 32.55 50.59 -17.06
C ASP C 407 33.57 51.13 -16.14
N GLU C 408 33.20 51.21 -14.91
CA GLU C 408 34.02 51.80 -13.88
C GLU C 408 35.18 50.89 -13.52
N GLY C 409 34.92 49.65 -13.55
CA GLY C 409 35.98 48.67 -13.36
C GLY C 409 36.88 48.56 -14.57
N VAL C 410 36.31 48.60 -15.76
CA VAL C 410 37.11 48.55 -16.98
C VAL C 410 38.07 49.74 -17.03
N ASN C 411 37.59 50.92 -16.64
CA ASN C 411 38.46 52.10 -16.67
C ASN C 411 39.63 51.93 -15.71
N ILE C 412 39.37 51.35 -14.52
CA ILE C 412 40.47 51.01 -13.62
C ILE C 412 41.42 50.04 -14.31
N GLY C 413 40.88 48.99 -14.93
CA GLY C 413 41.73 48.06 -15.66
C GLY C 413 42.56 48.74 -16.73
N LEU C 414 41.97 49.69 -17.46
CA LEU C 414 42.72 50.39 -18.51
C LEU C 414 43.85 51.22 -17.92
N GLU C 415 43.62 51.86 -16.77
CA GLU C 415 44.68 52.65 -16.16
C GLU C 415 45.81 51.77 -15.66
N VAL C 416 45.48 50.63 -15.03
CA VAL C 416 46.51 49.71 -14.57
C VAL C 416 47.32 49.15 -15.74
N LYS C 417 46.66 48.94 -16.89
CA LYS C 417 47.36 48.46 -18.07
C LYS C 417 48.37 49.49 -18.59
N SER C 418 48.02 50.78 -18.52
CA SER C 418 48.94 51.82 -18.97
C SER C 418 50.16 51.96 -18.07
N LYS C 419 50.15 51.34 -16.89
CA LYS C 419 51.25 51.41 -15.95
C LYS C 419 52.00 50.09 -15.79
N THR C 420 51.59 49.03 -16.47
CA THR C 420 52.23 47.73 -16.37
C THR C 420 52.45 47.16 -17.77
N ALA C 421 53.28 46.12 -17.84
CA ALA C 421 53.68 45.53 -19.11
C ALA C 421 53.07 44.15 -19.31
N LYS C 422 53.44 43.17 -18.48
CA LYS C 422 52.96 41.81 -18.63
C LYS C 422 51.81 41.53 -17.66
N LEU C 423 51.13 40.41 -17.92
CA LEU C 423 49.92 40.08 -17.16
C LEU C 423 50.20 39.86 -15.67
N GLN C 424 51.37 39.30 -15.35
CA GLN C 424 51.74 39.14 -13.95
C GLN C 424 51.91 40.50 -13.27
N ASP C 425 52.51 41.46 -13.98
CA ASP C 425 52.61 42.83 -13.47
C ASP C 425 51.22 43.42 -13.25
N PHE C 426 50.30 43.17 -14.19
CA PHE C 426 48.95 43.66 -14.07
C PHE C 426 48.27 43.14 -12.81
N LYS C 427 48.39 41.82 -12.56
CA LYS C 427 47.71 41.23 -11.43
C LYS C 427 48.28 41.71 -10.11
N SER C 428 49.61 41.85 -10.03
CA SER C 428 50.24 42.32 -8.79
C SER C 428 49.88 43.77 -8.50
N PHE C 429 49.93 44.62 -9.54
CA PHE C 429 49.64 46.05 -9.35
C PHE C 429 48.29 46.26 -8.68
N LEU C 430 47.28 45.47 -9.05
CA LEU C 430 45.94 45.62 -8.49
C LEU C 430 45.94 45.42 -6.98
N LEU C 431 46.85 44.61 -6.46
CA LEU C 431 46.90 44.27 -5.04
C LEU C 431 47.87 45.12 -4.23
N LYS C 432 48.90 45.67 -4.87
CA LYS C 432 49.98 46.35 -4.16
C LYS C 432 49.88 47.88 -4.23
N ASP C 433 49.49 48.43 -5.36
CA ASP C 433 49.37 49.89 -5.48
C ASP C 433 48.29 50.40 -4.54
N SER C 434 48.68 51.29 -3.61
CA SER C 434 47.74 51.77 -2.61
C SER C 434 46.61 52.56 -3.26
N GLU C 435 46.92 53.41 -4.25
CA GLU C 435 45.88 54.19 -4.91
C GLU C 435 44.87 53.30 -5.62
N THR C 436 45.36 52.33 -6.41
CA THR C 436 44.46 51.43 -7.10
C THR C 436 43.64 50.60 -6.11
N SER C 437 44.29 50.08 -5.06
CA SER C 437 43.59 49.26 -4.07
C SER C 437 42.44 50.01 -3.43
N GLN C 438 42.59 51.32 -3.24
CA GLN C 438 41.53 52.10 -2.62
C GLN C 438 40.36 52.31 -3.58
N ARG C 439 40.64 52.64 -4.85
CA ARG C 439 39.55 52.77 -5.81
C ARG C 439 38.84 51.44 -6.01
N LEU C 440 39.59 50.34 -5.99
CA LEU C 440 38.99 49.02 -6.11
C LEU C 440 38.04 48.76 -4.95
N ALA C 441 38.51 48.96 -3.72
CA ALA C 441 37.67 48.72 -2.55
C ALA C 441 36.44 49.63 -2.54
N ASN C 442 36.62 50.89 -2.93
CA ASN C 442 35.49 51.82 -2.99
C ASN C 442 34.43 51.31 -3.94
N LEU C 443 34.84 50.90 -5.14
CA LEU C 443 33.89 50.33 -6.10
C LEU C 443 33.29 49.03 -5.57
N ARG C 444 34.12 48.18 -4.97
CA ARG C 444 33.64 46.92 -4.41
C ARG C 444 32.54 47.15 -3.39
N GLN C 445 32.71 48.14 -2.51
CA GLN C 445 31.71 48.39 -1.49
C GLN C 445 30.37 48.82 -2.11
N ARG C 446 30.42 49.67 -3.14
CA ARG C 446 29.19 50.10 -3.78
C ARG C 446 28.50 48.95 -4.51
N VAL C 447 29.28 48.08 -5.15
CA VAL C 447 28.70 46.93 -5.84
C VAL C 447 28.01 46.00 -4.84
N GLU C 448 28.72 45.65 -3.75
CA GLU C 448 28.19 44.69 -2.80
C GLU C 448 27.00 45.25 -2.05
N GLN C 449 27.02 46.54 -1.73
CA GLN C 449 25.86 47.13 -1.09
C GLN C 449 24.65 47.11 -2.01
N PHE C 450 24.88 47.26 -3.32
CA PHE C 450 23.78 47.20 -4.27
C PHE C 450 23.23 45.79 -4.41
N ALA C 451 24.11 44.79 -4.46
CA ALA C 451 23.70 43.42 -4.77
C ALA C 451 23.04 42.71 -3.57
N ARG C 452 23.53 42.92 -2.36
CA ARG C 452 23.02 42.24 -1.19
C ARG C 452 21.55 42.56 -0.87
N ALA C 453 21.03 43.65 -1.43
CA ALA C 453 19.65 44.04 -1.17
C ALA C 453 18.64 43.15 -1.89
N PHE C 454 19.07 42.36 -2.85
CA PHE C 454 18.10 41.60 -3.63
C PHE C 454 17.89 40.21 -3.04
N PRO C 455 16.72 39.61 -3.28
CA PRO C 455 16.49 38.25 -2.79
C PRO C 455 17.37 37.24 -3.52
N MET C 456 17.51 36.06 -2.89
CA MET C 456 18.39 35.01 -3.41
C MET C 456 17.73 33.63 -3.25
N PRO C 457 17.51 32.91 -4.35
CA PRO C 457 16.99 31.54 -4.24
C PRO C 457 17.97 30.61 -3.53
N GLY C 458 17.41 29.53 -2.97
CA GLY C 458 18.18 28.50 -2.32
C GLY C 458 17.96 28.47 -0.82
N PHE C 459 18.84 27.75 -0.13
CA PHE C 459 18.90 27.80 1.33
C PHE C 459 19.42 29.17 1.79
N ASP C 460 19.22 29.53 3.02
CA ASP C 460 19.68 30.82 3.49
C ASP C 460 21.16 30.93 3.77
N GLU C 461 21.81 29.83 4.09
CA GLU C 461 23.19 29.94 4.53
C GLU C 461 24.14 28.97 3.84
N HIS C 462 23.63 28.14 2.97
CA HIS C 462 24.46 27.23 2.22
C HIS C 462 23.83 26.94 0.87
N TRP D 1 -35.30 -8.98 -15.78
CA TRP D 1 -35.18 -9.45 -14.42
C TRP D 1 -36.53 -9.49 -13.71
N THR D 2 -36.87 -10.65 -13.19
CA THR D 2 -38.13 -10.86 -12.47
C THR D 2 -37.99 -11.11 -10.96
N GLY D 3 -36.85 -11.62 -10.54
CA GLY D 3 -36.71 -12.01 -9.16
C GLY D 3 -37.30 -13.37 -8.93
N GLN D 4 -37.61 -14.07 -10.02
CA GLN D 4 -38.19 -15.40 -9.93
C GLN D 4 -37.30 -16.44 -10.60
N GLU D 5 -36.14 -16.05 -11.04
CA GLU D 5 -35.21 -16.97 -11.65
C GLU D 5 -34.57 -17.86 -10.62
N SER D 6 -34.19 -19.06 -11.03
CA SER D 6 -33.63 -19.99 -10.06
C SER D 6 -32.14 -19.70 -9.85
N LEU D 7 -31.65 -20.16 -8.70
CA LEU D 7 -30.25 -19.92 -8.33
C LEU D 7 -29.30 -20.52 -9.37
N SER D 8 -29.60 -21.74 -9.82
CA SER D 8 -28.72 -22.41 -10.78
C SER D 8 -28.65 -21.68 -12.12
N ASP D 9 -29.74 -21.01 -12.51
CA ASP D 9 -29.71 -20.24 -13.76
C ASP D 9 -29.02 -18.90 -13.59
N SER D 10 -29.31 -18.17 -12.52
CA SER D 10 -28.85 -16.79 -12.39
C SER D 10 -27.49 -16.66 -11.72
N ASP D 11 -27.09 -17.61 -10.89
CA ASP D 11 -25.81 -17.54 -10.18
C ASP D 11 -25.16 -18.91 -10.16
N PRO D 12 -24.66 -19.37 -11.31
CA PRO D 12 -24.04 -20.72 -11.34
C PRO D 12 -22.80 -20.83 -10.48
N GLU D 13 -22.07 -19.73 -10.25
CA GLU D 13 -20.91 -19.82 -9.38
C GLU D 13 -21.31 -20.19 -7.95
N MET D 14 -22.36 -19.54 -7.43
CA MET D 14 -22.84 -19.87 -6.09
C MET D 14 -23.50 -21.25 -6.07
N TRP D 15 -24.31 -21.57 -7.08
CA TRP D 15 -25.02 -22.84 -7.09
C TRP D 15 -24.05 -24.02 -7.07
N GLU D 16 -22.91 -23.88 -7.76
CA GLU D 16 -21.89 -24.91 -7.72
C GLU D 16 -21.31 -25.07 -6.32
N LEU D 17 -21.07 -23.96 -5.62
CA LEU D 17 -20.51 -24.03 -4.28
C LEU D 17 -21.48 -24.70 -3.31
N LEU D 18 -22.77 -24.38 -3.41
CA LEU D 18 -23.78 -25.07 -2.62
C LEU D 18 -23.71 -26.58 -2.83
N GLN D 19 -23.56 -27.00 -4.09
CA GLN D 19 -23.51 -28.42 -4.39
C GLN D 19 -22.27 -29.06 -3.78
N ARG D 20 -21.12 -28.36 -3.83
CA ARG D 20 -19.90 -28.90 -3.25
C ARG D 20 -20.03 -29.10 -1.74
N GLU D 21 -20.70 -28.17 -1.05
CA GLU D 21 -20.89 -28.34 0.38
C GLU D 21 -21.85 -29.48 0.69
N LYS D 22 -22.93 -29.59 -0.09
CA LYS D 22 -23.84 -30.73 0.09
C LYS D 22 -23.09 -32.03 -0.12
N ASP D 23 -22.30 -32.11 -1.18
CA ASP D 23 -21.51 -33.32 -1.41
C ASP D 23 -20.57 -33.59 -0.24
N ARG D 24 -19.90 -32.54 0.27
CA ARG D 24 -18.99 -32.71 1.40
C ARG D 24 -19.72 -33.28 2.61
N GLN D 25 -20.93 -32.77 2.89
CA GLN D 25 -21.68 -33.28 4.04
C GLN D 25 -22.11 -34.72 3.83
N CYS D 26 -22.33 -35.13 2.58
CA CYS D 26 -22.81 -36.48 2.31
C CYS D 26 -21.70 -37.53 2.37
N ARG D 27 -20.50 -37.18 1.92
CA ARG D 27 -19.42 -38.16 1.76
C ARG D 27 -18.55 -38.31 2.99
N GLY D 28 -18.78 -37.52 4.05
CA GLY D 28 -17.88 -37.55 5.18
C GLY D 28 -18.48 -38.05 6.47
N LEU D 29 -17.62 -38.43 7.41
CA LEU D 29 -18.02 -38.73 8.78
C LEU D 29 -18.04 -37.42 9.55
N GLU D 30 -19.23 -36.83 9.64
CA GLU D 30 -19.41 -35.54 10.31
C GLU D 30 -19.59 -35.71 11.80
N LEU D 31 -18.58 -35.36 12.59
CA LEU D 31 -18.59 -35.63 14.01
C LEU D 31 -18.54 -34.37 14.88
N ILE D 32 -18.73 -33.19 14.31
CA ILE D 32 -18.76 -31.98 15.13
C ILE D 32 -20.00 -32.03 16.01
N ALA D 33 -19.80 -32.02 17.34
CA ALA D 33 -20.88 -32.31 18.27
C ALA D 33 -21.99 -31.27 18.21
N SER D 34 -21.71 -30.06 17.74
CA SER D 34 -22.68 -28.99 17.70
C SER D 34 -23.36 -28.86 16.34
N GLU D 35 -23.10 -29.77 15.45
CA GLU D 35 -23.72 -29.74 14.16
C GLU D 35 -24.79 -30.80 14.02
N ASN D 36 -25.69 -30.60 13.08
CA ASN D 36 -26.70 -31.58 12.76
C ASN D 36 -27.16 -31.31 11.33
N PHE D 37 -28.00 -32.19 10.81
CA PHE D 37 -28.51 -32.08 9.46
C PHE D 37 -29.98 -31.71 9.51
N CYS D 38 -30.29 -30.45 9.17
CA CYS D 38 -31.64 -29.93 9.27
C CYS D 38 -32.55 -30.56 8.20
N SER D 39 -33.80 -30.84 8.57
CA SER D 39 -34.76 -31.41 7.64
C SER D 39 -35.07 -30.43 6.51
N ARG D 40 -35.58 -30.99 5.40
CA ARG D 40 -35.98 -30.15 4.27
C ARG D 40 -37.18 -29.27 4.63
N ALA D 41 -38.12 -29.81 5.41
CA ALA D 41 -39.30 -29.03 5.77
C ALA D 41 -38.92 -27.71 6.45
N ALA D 42 -37.98 -27.77 7.40
CA ALA D 42 -37.54 -26.55 8.08
C ALA D 42 -36.77 -25.64 7.14
N LEU D 43 -35.97 -26.23 6.23
CA LEU D 43 -35.23 -25.42 5.27
C LEU D 43 -36.16 -24.67 4.33
N GLU D 44 -37.29 -25.26 3.96
CA GLU D 44 -38.24 -24.59 3.07
C GLU D 44 -38.85 -23.37 3.73
N ALA D 45 -39.05 -23.41 5.05
CA ALA D 45 -39.52 -22.23 5.76
C ALA D 45 -38.40 -21.21 5.95
N LEU D 46 -37.15 -21.67 6.04
CA LEU D 46 -36.04 -20.76 6.22
C LEU D 46 -35.81 -19.91 4.97
N GLY D 47 -35.91 -20.51 3.79
CA GLY D 47 -35.82 -19.75 2.58
C GLY D 47 -37.19 -19.38 2.04
N SER D 48 -37.90 -18.50 2.73
CA SER D 48 -39.27 -18.16 2.39
C SER D 48 -39.44 -16.65 2.34
N CYS D 49 -40.63 -16.22 1.92
CA CYS D 49 -40.99 -14.80 1.86
C CYS D 49 -41.07 -14.16 3.25
N LEU D 50 -41.00 -14.95 4.33
CA LEU D 50 -40.95 -14.37 5.66
C LEU D 50 -39.69 -13.56 5.88
N ASN D 51 -38.68 -13.72 5.01
CA ASN D 51 -37.49 -12.89 5.07
C ASN D 51 -37.81 -11.41 4.89
N ASN D 52 -38.90 -11.09 4.18
CA ASN D 52 -39.18 -9.74 3.73
C ASN D 52 -39.85 -8.85 4.77
N LYS D 53 -40.27 -9.39 5.90
CA LYS D 53 -41.20 -8.69 6.81
C LYS D 53 -40.47 -8.09 8.01
N TYR D 54 -40.70 -6.80 8.25
CA TYR D 54 -40.30 -6.16 9.50
C TYR D 54 -41.46 -6.23 10.48
N SER D 55 -41.21 -6.77 11.67
CA SER D 55 -42.27 -6.95 12.65
C SER D 55 -41.71 -6.73 14.07
N GLU D 56 -41.06 -5.58 14.26
CA GLU D 56 -40.51 -5.26 15.57
C GLU D 56 -41.62 -5.14 16.61
N GLY D 57 -41.29 -5.54 17.85
CA GLY D 57 -42.27 -5.66 18.89
C GLY D 57 -42.63 -7.11 19.16
N TYR D 58 -43.84 -7.35 19.65
CA TYR D 58 -44.31 -8.68 20.01
C TYR D 58 -45.74 -8.84 19.52
N PRO D 59 -46.25 -10.07 19.45
CA PRO D 59 -47.60 -10.27 18.89
C PRO D 59 -48.64 -9.34 19.52
N GLY D 60 -49.37 -8.64 18.65
CA GLY D 60 -50.38 -7.71 19.09
C GLY D 60 -49.86 -6.35 19.52
N LYS D 61 -48.54 -6.17 19.56
CA LYS D 61 -47.90 -4.88 19.94
C LYS D 61 -46.70 -4.66 19.02
N ARG D 62 -46.95 -4.39 17.74
CA ARG D 62 -45.91 -4.21 16.75
C ARG D 62 -45.72 -2.75 16.43
N TYR D 63 -44.56 -2.44 15.85
CA TYR D 63 -44.22 -1.09 15.41
C TYR D 63 -44.42 -0.92 13.91
N TYR D 64 -44.99 -1.91 13.23
CA TYR D 64 -45.25 -1.87 11.80
C TYR D 64 -46.64 -2.43 11.53
N GLY D 65 -47.22 -2.02 10.41
CA GLY D 65 -48.47 -2.61 9.99
C GLY D 65 -48.28 -3.95 9.31
N GLY D 66 -49.40 -4.63 9.06
CA GLY D 66 -49.40 -5.84 8.25
C GLY D 66 -48.82 -7.08 8.90
N ALA D 67 -48.83 -7.17 10.23
CA ALA D 67 -48.17 -8.26 10.93
C ALA D 67 -49.14 -9.37 11.35
N GLU D 68 -50.34 -9.41 10.77
CA GLU D 68 -51.36 -10.34 11.26
C GLU D 68 -50.94 -11.79 11.08
N VAL D 69 -50.17 -12.11 10.03
CA VAL D 69 -49.77 -13.49 9.81
C VAL D 69 -48.54 -13.84 10.65
N VAL D 70 -47.54 -12.95 10.67
CA VAL D 70 -46.35 -13.24 11.46
C VAL D 70 -46.69 -13.28 12.94
N ASP D 71 -47.72 -12.56 13.37
CA ASP D 71 -48.20 -12.68 14.75
C ASP D 71 -48.61 -14.10 15.05
N GLU D 72 -49.37 -14.73 14.15
CA GLU D 72 -49.79 -16.12 14.34
C GLU D 72 -48.59 -17.06 14.30
N ILE D 73 -47.63 -16.80 13.42
CA ILE D 73 -46.45 -17.65 13.34
C ILE D 73 -45.63 -17.55 14.62
N GLU D 74 -45.39 -16.33 15.10
CA GLU D 74 -44.61 -16.17 16.32
C GLU D 74 -45.34 -16.78 17.51
N LEU D 75 -46.65 -16.57 17.59
CA LEU D 75 -47.43 -17.20 18.65
C LEU D 75 -47.36 -18.72 18.55
N LEU D 76 -47.49 -19.27 17.33
CA LEU D 76 -47.41 -20.71 17.16
C LEU D 76 -46.04 -21.24 17.59
N CYS D 77 -44.97 -20.54 17.23
CA CYS D 77 -43.64 -20.97 17.63
C CYS D 77 -43.49 -20.99 19.15
N GLN D 78 -44.10 -20.00 19.83
CA GLN D 78 -44.04 -20.00 21.29
C GLN D 78 -44.75 -21.21 21.89
N ARG D 79 -45.93 -21.56 21.37
CA ARG D 79 -46.67 -22.71 21.90
C ARG D 79 -45.92 -24.01 21.65
N ARG D 80 -45.38 -24.19 20.45
CA ARG D 80 -44.64 -25.41 20.17
C ARG D 80 -43.38 -25.51 21.03
N ALA D 81 -42.74 -24.39 21.33
CA ALA D 81 -41.61 -24.40 22.24
C ALA D 81 -42.02 -24.90 23.61
N LEU D 82 -43.11 -24.36 24.16
CA LEU D 82 -43.55 -24.80 25.49
C LEU D 82 -43.98 -26.26 25.47
N GLU D 83 -44.68 -26.69 24.42
CA GLU D 83 -45.12 -28.07 24.33
C GLU D 83 -43.95 -29.03 24.19
N ALA D 84 -42.93 -28.64 23.41
CA ALA D 84 -41.79 -29.53 23.19
C ALA D 84 -41.05 -29.84 24.49
N PHE D 85 -41.07 -28.93 25.46
CA PHE D 85 -40.39 -29.17 26.73
C PHE D 85 -41.37 -29.38 27.88
N ASP D 86 -42.64 -29.61 27.57
CA ASP D 86 -43.63 -30.05 28.55
C ASP D 86 -43.79 -29.02 29.68
N LEU D 87 -43.99 -27.77 29.28
CA LEU D 87 -44.03 -26.65 30.21
C LEU D 87 -45.45 -26.10 30.33
N ASP D 88 -45.83 -25.79 31.56
CA ASP D 88 -47.11 -25.13 31.83
C ASP D 88 -47.04 -23.68 31.38
N PRO D 89 -47.90 -23.24 30.46
CA PRO D 89 -47.85 -21.82 30.03
C PRO D 89 -48.09 -20.83 31.15
N ALA D 90 -48.67 -21.24 32.27
CA ALA D 90 -48.85 -20.34 33.40
C ALA D 90 -47.60 -20.20 34.24
N GLN D 91 -46.61 -21.06 34.05
CA GLN D 91 -45.37 -21.03 34.80
C GLN D 91 -44.15 -20.68 33.96
N TRP D 92 -44.25 -20.74 32.64
CA TRP D 92 -43.12 -20.52 31.75
C TRP D 92 -43.54 -19.70 30.54
N GLY D 93 -42.73 -18.70 30.19
CA GLY D 93 -42.85 -18.01 28.92
C GLY D 93 -41.58 -18.20 28.10
N VAL D 94 -41.68 -17.87 26.82
CA VAL D 94 -40.55 -18.05 25.90
C VAL D 94 -40.49 -16.88 24.92
N ASN D 95 -39.28 -16.38 24.69
CA ASN D 95 -38.98 -15.40 23.65
C ASN D 95 -38.27 -16.14 22.53
N VAL D 96 -38.82 -16.07 21.31
CA VAL D 96 -38.32 -16.87 20.20
C VAL D 96 -37.56 -16.03 19.19
N GLN D 97 -37.23 -14.78 19.53
CA GLN D 97 -36.58 -13.86 18.60
C GLN D 97 -35.04 -13.81 18.60
N PRO D 98 -34.31 -14.34 19.59
CA PRO D 98 -32.85 -14.26 19.53
C PRO D 98 -32.28 -14.84 18.24
N TYR D 99 -31.31 -14.13 17.65
CA TYR D 99 -30.76 -14.54 16.36
C TYR D 99 -29.95 -15.83 16.47
N SER D 100 -29.33 -16.05 17.61
CA SER D 100 -28.54 -17.29 17.82
C SER D 100 -28.34 -17.50 19.32
N GLY D 101 -27.51 -18.47 19.65
CA GLY D 101 -27.30 -18.76 21.06
C GLY D 101 -26.59 -17.65 21.80
N SER D 102 -25.62 -17.02 21.17
CA SER D 102 -24.82 -16.00 21.86
C SER D 102 -25.65 -14.73 22.09
N PRO D 103 -26.42 -14.25 21.10
CA PRO D 103 -27.36 -13.15 21.41
C PRO D 103 -28.36 -13.49 22.50
N ALA D 104 -28.75 -14.76 22.63
CA ALA D 104 -29.72 -15.13 23.68
C ALA D 104 -29.12 -14.95 25.06
N ASN D 105 -27.89 -15.44 25.27
CA ASN D 105 -27.26 -15.26 26.59
C ASN D 105 -26.98 -13.79 26.89
N LEU D 106 -26.52 -13.04 25.89
CA LEU D 106 -26.27 -11.61 26.11
C LEU D 106 -27.54 -10.89 26.53
N ALA D 107 -28.68 -11.25 25.93
CA ALA D 107 -29.94 -10.62 26.30
C ALA D 107 -30.31 -10.93 27.74
N VAL D 108 -30.08 -12.17 28.18
CA VAL D 108 -30.39 -12.54 29.56
C VAL D 108 -29.59 -11.68 30.53
N TYR D 109 -28.29 -11.50 30.27
CA TYR D 109 -27.47 -10.69 31.16
C TYR D 109 -27.90 -9.24 31.13
N THR D 110 -28.15 -8.69 29.93
CA THR D 110 -28.60 -7.32 29.83
C THR D 110 -29.96 -7.14 30.49
N ALA D 111 -30.81 -8.16 30.46
CA ALA D 111 -32.12 -8.06 31.10
C ALA D 111 -32.00 -7.96 32.63
N LEU D 112 -31.16 -8.79 33.23
CA LEU D 112 -31.21 -8.98 34.67
C LEU D 112 -30.09 -8.28 35.43
N LEU D 113 -29.07 -7.77 34.74
CA LEU D 113 -27.88 -7.28 35.40
C LEU D 113 -27.59 -5.85 34.96
N GLN D 114 -26.94 -5.11 35.85
CA GLN D 114 -26.36 -3.83 35.51
C GLN D 114 -24.97 -4.05 34.93
N PRO D 115 -24.44 -3.08 34.18
CA PRO D 115 -23.06 -3.18 33.74
C PRO D 115 -22.12 -3.41 34.91
N HIS D 116 -21.21 -4.37 34.75
CA HIS D 116 -20.19 -4.77 35.73
C HIS D 116 -20.76 -5.61 36.88
N ASP D 117 -22.03 -6.01 36.82
CA ASP D 117 -22.54 -6.98 37.77
C ASP D 117 -21.86 -8.33 37.53
N ARG D 118 -21.96 -9.22 38.51
CA ARG D 118 -21.11 -10.40 38.57
C ARG D 118 -21.81 -11.68 38.12
N ILE D 119 -21.08 -12.49 37.36
CA ILE D 119 -21.57 -13.79 36.88
C ILE D 119 -20.49 -14.85 37.07
N MET D 120 -20.94 -16.10 37.15
CA MET D 120 -20.06 -17.24 37.30
C MET D 120 -20.45 -18.31 36.28
N GLY D 121 -19.47 -18.78 35.51
CA GLY D 121 -19.69 -19.84 34.56
C GLY D 121 -18.54 -20.83 34.59
N LEU D 122 -18.76 -21.97 33.95
CA LEU D 122 -17.69 -22.95 33.81
C LEU D 122 -16.61 -22.39 32.89
N ASP D 123 -15.36 -22.44 33.37
CA ASP D 123 -14.24 -21.97 32.56
C ASP D 123 -14.23 -22.66 31.21
N LEU D 124 -13.85 -21.93 30.18
CA LEU D 124 -13.84 -22.49 28.83
C LEU D 124 -13.07 -23.83 28.66
N PRO D 125 -11.80 -23.87 29.07
CA PRO D 125 -11.03 -25.10 28.91
C PRO D 125 -11.58 -26.24 29.76
N ASP D 126 -12.40 -25.93 30.75
CA ASP D 126 -13.05 -26.94 31.57
C ASP D 126 -14.38 -27.39 30.96
N GLY D 127 -14.83 -26.73 29.90
CA GLY D 127 -16.05 -27.16 29.22
C GLY D 127 -17.12 -26.10 29.08
N GLY D 128 -17.00 -24.92 29.71
CA GLY D 128 -17.98 -23.88 29.54
C GLY D 128 -17.85 -23.16 28.20
N HIS D 129 -18.83 -22.31 27.91
CA HIS D 129 -18.90 -21.61 26.63
C HIS D 129 -18.30 -20.20 26.74
N LEU D 130 -17.89 -19.68 25.58
CA LEU D 130 -17.42 -18.29 25.46
C LEU D 130 -18.36 -17.31 26.18
N THR D 131 -19.66 -17.39 25.88
CA THR D 131 -20.63 -16.43 26.42
C THR D 131 -20.96 -16.67 27.88
N HIS D 132 -20.25 -17.56 28.56
CA HIS D 132 -20.40 -17.72 30.00
C HIS D 132 -19.38 -16.92 30.77
N GLY D 133 -18.88 -15.83 30.18
CA GLY D 133 -17.98 -14.93 30.88
C GLY D 133 -16.52 -15.19 30.64
N TYR D 134 -16.14 -15.75 29.50
CA TYR D 134 -14.78 -16.24 29.36
C TYR D 134 -13.79 -15.09 29.15
N MET D 135 -12.76 -15.08 29.97
CA MET D 135 -11.60 -14.23 29.75
C MET D 135 -10.39 -15.02 30.20
N SER D 136 -9.25 -14.70 29.63
CA SER D 136 -8.02 -15.40 29.95
C SER D 136 -7.18 -14.56 30.91
N ASP D 137 -5.95 -15.02 31.15
CA ASP D 137 -5.00 -14.23 31.93
C ASP D 137 -4.58 -12.96 31.22
N VAL D 138 -4.66 -12.94 29.88
CA VAL D 138 -4.05 -11.87 29.10
C VAL D 138 -5.06 -10.91 28.49
N LYS D 139 -6.28 -11.37 28.46
CA LYS D 139 -7.25 -10.68 27.63
C LYS D 139 -8.72 -11.00 27.86
N ARG D 140 -9.62 -9.95 27.91
CA ARG D 140 -11.04 -10.26 27.99
C ARG D 140 -11.51 -10.67 26.59
N ILE D 141 -12.01 -11.88 26.47
CA ILE D 141 -12.25 -12.45 25.16
C ILE D 141 -13.71 -12.27 24.77
N SER D 142 -14.62 -12.81 25.56
CA SER D 142 -16.04 -12.63 25.30
C SER D 142 -16.50 -11.27 25.81
N ALA D 143 -17.42 -10.64 25.08
CA ALA D 143 -17.98 -9.39 25.56
C ALA D 143 -18.75 -9.58 26.86
N THR D 144 -19.15 -10.81 27.19
CA THR D 144 -19.75 -11.08 28.48
C THR D 144 -18.77 -10.91 29.63
N SER D 145 -17.47 -10.90 29.34
CA SER D 145 -16.46 -10.59 30.33
C SER D 145 -16.01 -9.14 30.27
N ILE D 146 -16.52 -8.37 29.31
CA ILE D 146 -16.21 -6.94 29.19
C ILE D 146 -17.28 -6.12 29.88
N PHE D 147 -18.54 -6.34 29.50
CA PHE D 147 -19.64 -5.57 30.05
C PHE D 147 -20.07 -6.06 31.42
N PHE D 148 -19.65 -7.26 31.80
CA PHE D 148 -19.98 -7.82 33.11
C PHE D 148 -18.72 -8.41 33.71
N GLU D 149 -18.72 -8.57 35.03
CA GLU D 149 -17.58 -9.08 35.77
C GLU D 149 -17.77 -10.57 36.01
N SER D 150 -16.84 -11.35 35.50
CA SER D 150 -16.91 -12.78 35.61
C SER D 150 -15.83 -13.46 36.39
N MET D 151 -16.17 -14.58 36.98
CA MET D 151 -15.22 -15.39 37.67
C MET D 151 -15.64 -16.82 37.41
N PRO D 152 -14.68 -17.62 36.98
CA PRO D 152 -15.02 -19.00 36.67
C PRO D 152 -15.02 -20.02 37.78
N TYR D 153 -15.79 -21.04 37.58
CA TYR D 153 -15.77 -22.23 38.40
C TYR D 153 -15.10 -23.29 37.50
N LYS D 154 -14.67 -24.46 38.18
CA LYS D 154 -13.74 -25.38 37.53
C LYS D 154 -14.14 -26.84 37.77
N LEU D 155 -13.53 -27.71 36.96
CA LEU D 155 -13.59 -29.15 37.16
C LEU D 155 -12.64 -29.57 38.27
N ASN D 156 -12.95 -30.68 38.90
CA ASN D 156 -11.95 -31.37 39.70
C ASN D 156 -11.00 -32.06 38.73
N PRO D 157 -9.72 -31.66 38.69
CA PRO D 157 -8.80 -32.23 37.69
C PRO D 157 -8.62 -33.72 37.84
N LYS D 158 -8.81 -34.27 39.05
CA LYS D 158 -8.68 -35.70 39.24
C LYS D 158 -9.82 -36.43 38.53
N THR D 159 -11.06 -36.06 38.84
CA THR D 159 -12.21 -36.80 38.34
C THR D 159 -12.74 -36.28 37.00
N GLY D 160 -12.39 -35.05 36.61
CA GLY D 160 -12.98 -34.48 35.41
C GLY D 160 -14.44 -34.08 35.56
N LEU D 161 -14.94 -33.99 36.78
CA LEU D 161 -16.30 -33.57 37.07
C LEU D 161 -16.30 -32.17 37.68
N ILE D 162 -17.40 -31.44 37.47
CA ILE D 162 -17.55 -30.13 38.10
C ILE D 162 -17.37 -30.28 39.59
N ASP D 163 -16.54 -29.42 40.17
CA ASP D 163 -16.33 -29.39 41.62
C ASP D 163 -17.39 -28.50 42.25
N TYR D 164 -18.50 -29.12 42.65
CA TYR D 164 -19.59 -28.35 43.24
C TYR D 164 -19.20 -27.76 44.58
N ASN D 165 -18.32 -28.42 45.33
CA ASN D 165 -17.94 -27.91 46.64
C ASN D 165 -17.11 -26.63 46.51
N GLN D 166 -16.13 -26.63 45.60
CA GLN D 166 -15.35 -25.42 45.38
C GLN D 166 -16.20 -24.30 44.78
N LEU D 167 -17.17 -24.63 43.94
CA LEU D 167 -18.09 -23.62 43.42
C LEU D 167 -18.85 -22.95 44.56
N ALA D 168 -19.38 -23.74 45.49
CA ALA D 168 -20.08 -23.18 46.63
C ALA D 168 -19.15 -22.31 47.47
N LEU D 169 -17.90 -22.75 47.66
CA LEU D 169 -16.94 -21.97 48.43
C LEU D 169 -16.72 -20.60 47.80
N THR D 170 -16.44 -20.58 46.50
CA THR D 170 -16.06 -19.33 45.84
C THR D 170 -17.25 -18.44 45.57
N ALA D 171 -18.43 -19.01 45.34
CA ALA D 171 -19.62 -18.19 45.12
C ALA D 171 -19.94 -17.35 46.35
N ARG D 172 -19.68 -17.88 47.54
CA ARG D 172 -19.93 -17.13 48.78
C ARG D 172 -19.04 -15.90 48.87
N LEU D 173 -17.81 -15.99 48.37
CA LEU D 173 -16.87 -14.87 48.43
C LEU D 173 -17.09 -13.90 47.28
N PHE D 174 -17.40 -14.43 46.09
CA PHE D 174 -17.53 -13.60 44.90
C PHE D 174 -18.88 -12.93 44.81
N ARG D 175 -19.91 -13.54 45.37
CA ARG D 175 -21.28 -13.03 45.41
C ARG D 175 -21.80 -12.75 44.00
N PRO D 176 -21.89 -13.78 43.15
CA PRO D 176 -22.44 -13.54 41.81
C PRO D 176 -23.92 -13.23 41.89
N ARG D 177 -24.40 -12.50 40.92
CA ARG D 177 -25.80 -12.24 40.81
C ARG D 177 -26.46 -13.27 39.91
N LEU D 178 -25.65 -13.97 39.13
CA LEU D 178 -26.17 -14.97 38.22
C LEU D 178 -25.11 -16.07 38.04
N ILE D 179 -25.55 -17.32 38.08
CA ILE D 179 -24.69 -18.48 37.86
C ILE D 179 -25.22 -19.23 36.65
N ILE D 180 -24.32 -19.63 35.76
CA ILE D 180 -24.68 -20.28 34.51
C ILE D 180 -24.35 -21.76 34.63
N ALA D 181 -25.35 -22.60 34.39
CA ALA D 181 -25.21 -24.04 34.33
C ALA D 181 -25.42 -24.48 32.89
N GLY D 182 -24.38 -25.02 32.27
CA GLY D 182 -24.49 -25.40 30.88
C GLY D 182 -23.13 -25.42 30.23
N THR D 183 -22.93 -26.29 29.25
CA THR D 183 -21.58 -26.59 28.81
C THR D 183 -21.53 -26.73 27.30
N SER D 184 -20.31 -26.60 26.77
CA SER D 184 -20.02 -26.85 25.37
C SER D 184 -19.21 -28.10 25.15
N ALA D 185 -18.43 -28.53 26.14
CA ALA D 185 -17.54 -29.68 25.96
C ALA D 185 -17.43 -30.47 27.26
N TYR D 186 -18.55 -30.67 27.94
CA TYR D 186 -18.62 -31.46 29.17
C TYR D 186 -19.46 -32.69 28.88
N ALA D 187 -18.90 -33.87 29.13
CA ALA D 187 -19.51 -35.13 28.73
C ALA D 187 -20.45 -35.72 29.78
N ARG D 188 -20.65 -35.05 30.91
CA ARG D 188 -21.47 -35.60 31.98
C ARG D 188 -22.68 -34.69 32.23
N LEU D 189 -23.62 -35.21 33.00
CA LEU D 189 -24.82 -34.46 33.35
C LEU D 189 -24.54 -33.49 34.48
N ILE D 190 -25.24 -32.37 34.47
CA ILE D 190 -25.07 -31.33 35.48
C ILE D 190 -26.07 -31.54 36.60
N ASP D 191 -25.60 -31.46 37.84
CA ASP D 191 -26.44 -31.54 39.03
C ASP D 191 -27.15 -30.20 39.24
N TYR D 192 -28.27 -30.01 38.54
CA TYR D 192 -28.99 -28.75 38.66
C TYR D 192 -29.53 -28.54 40.07
N ALA D 193 -29.84 -29.61 40.79
CA ALA D 193 -30.32 -29.46 42.16
C ALA D 193 -29.24 -28.87 43.06
N ARG D 194 -28.01 -29.31 42.90
CA ARG D 194 -26.91 -28.74 43.66
C ARG D 194 -26.67 -27.29 43.23
N MET D 195 -26.70 -27.04 41.93
CA MET D 195 -26.57 -25.67 41.44
C MET D 195 -27.61 -24.75 42.07
N ARG D 196 -28.86 -25.22 42.13
CA ARG D 196 -29.93 -24.44 42.74
C ARG D 196 -29.63 -24.13 44.19
N GLU D 197 -29.07 -25.07 44.92
CA GLU D 197 -28.71 -24.82 46.30
C GLU D 197 -27.70 -23.70 46.44
N VAL D 198 -26.69 -23.71 45.59
CA VAL D 198 -25.71 -22.64 45.65
C VAL D 198 -26.36 -21.30 45.33
N CYS D 199 -27.22 -21.26 44.31
CA CYS D 199 -27.88 -20.01 43.96
C CYS D 199 -28.76 -19.49 45.08
N ASP D 200 -29.52 -20.39 45.72
CA ASP D 200 -30.39 -19.96 46.82
C ASP D 200 -29.58 -19.40 47.98
N GLU D 201 -28.40 -19.96 48.24
CA GLU D 201 -27.65 -19.50 49.40
C GLU D 201 -27.06 -18.11 49.17
N VAL D 202 -26.55 -17.84 47.96
CA VAL D 202 -25.96 -16.53 47.67
C VAL D 202 -26.96 -15.59 47.01
N LYS D 203 -28.19 -16.01 46.82
CA LYS D 203 -29.21 -15.17 46.22
C LYS D 203 -28.89 -14.80 44.78
N ALA D 204 -28.52 -15.78 43.98
CA ALA D 204 -28.23 -15.58 42.57
C ALA D 204 -29.28 -16.27 41.72
N HIS D 205 -29.49 -15.73 40.52
CA HIS D 205 -30.32 -16.41 39.53
C HIS D 205 -29.57 -17.61 38.95
N LEU D 206 -30.33 -18.63 38.58
CA LEU D 206 -29.77 -19.82 37.94
C LEU D 206 -30.20 -19.83 36.48
N LEU D 207 -29.24 -19.67 35.60
CA LEU D 207 -29.45 -19.73 34.16
C LEU D 207 -28.92 -21.06 33.65
N ALA D 208 -29.77 -21.84 33.00
CA ALA D 208 -29.37 -23.09 32.38
C ALA D 208 -29.26 -22.85 30.88
N ASP D 209 -28.03 -22.94 30.36
CA ASP D 209 -27.76 -22.88 28.93
C ASP D 209 -27.71 -24.30 28.40
N MET D 210 -28.87 -24.79 27.95
CA MET D 210 -29.02 -26.18 27.55
C MET D 210 -28.84 -26.38 26.05
N ALA D 211 -28.07 -25.49 25.40
CA ALA D 211 -28.01 -25.47 23.94
C ALA D 211 -27.60 -26.82 23.37
N HIS D 212 -26.59 -27.47 23.97
CA HIS D 212 -26.09 -28.72 23.40
C HIS D 212 -27.04 -29.87 23.64
N ILE D 213 -27.70 -29.91 24.80
CA ILE D 213 -28.48 -31.07 25.22
C ILE D 213 -29.98 -30.86 25.03
N SER D 214 -30.38 -29.76 24.38
CA SER D 214 -31.80 -29.40 24.30
C SER D 214 -32.63 -30.51 23.68
N GLY D 215 -32.13 -31.14 22.62
CA GLY D 215 -32.87 -32.22 21.99
C GLY D 215 -33.06 -33.41 22.92
N LEU D 216 -32.03 -33.73 23.70
CA LEU D 216 -32.14 -34.82 24.67
C LEU D 216 -33.14 -34.49 25.76
N VAL D 217 -33.18 -33.22 26.18
CA VAL D 217 -34.15 -32.79 27.18
C VAL D 217 -35.57 -32.92 26.64
N ALA D 218 -35.80 -32.43 25.42
CA ALA D 218 -37.14 -32.50 24.82
C ALA D 218 -37.63 -33.94 24.71
N ALA D 219 -36.75 -34.86 24.36
CA ALA D 219 -37.11 -36.26 24.26
C ALA D 219 -37.19 -36.95 25.62
N LYS D 220 -36.83 -36.25 26.70
CA LYS D 220 -36.92 -36.75 28.08
C LYS D 220 -36.02 -37.96 28.31
N VAL D 221 -34.89 -38.04 27.61
CA VAL D 221 -33.93 -39.12 27.85
C VAL D 221 -32.88 -38.74 28.89
N ILE D 222 -32.83 -37.49 29.31
CA ILE D 222 -31.98 -37.05 30.42
C ILE D 222 -32.78 -36.08 31.29
N PRO D 223 -32.35 -35.87 32.54
CA PRO D 223 -33.09 -34.95 33.41
C PRO D 223 -33.17 -33.55 32.81
N SER D 224 -34.23 -32.83 33.18
CA SER D 224 -34.55 -31.54 32.59
C SER D 224 -34.09 -30.41 33.50
N PRO D 225 -33.43 -29.39 32.95
CA PRO D 225 -33.03 -28.24 33.79
C PRO D 225 -34.20 -27.37 34.23
N PHE D 226 -35.38 -27.53 33.62
CA PHE D 226 -36.50 -26.66 33.95
C PHE D 226 -37.02 -26.88 35.37
N LYS D 227 -36.67 -28.00 36.00
CA LYS D 227 -37.11 -28.24 37.37
C LYS D 227 -36.50 -27.23 38.34
N HIS D 228 -35.29 -26.74 38.04
CA HIS D 228 -34.55 -25.92 38.99
C HIS D 228 -34.16 -24.54 38.49
N ALA D 229 -34.13 -24.32 37.18
CA ALA D 229 -33.61 -23.08 36.64
C ALA D 229 -34.65 -21.96 36.70
N ASP D 230 -34.16 -20.73 36.85
CA ASP D 230 -34.98 -19.54 36.68
C ASP D 230 -35.15 -19.17 35.21
N ILE D 231 -34.07 -19.23 34.45
CA ILE D 231 -34.03 -18.90 33.03
C ILE D 231 -33.36 -20.07 32.31
N VAL D 232 -33.82 -20.37 31.11
CA VAL D 232 -33.21 -21.40 30.28
C VAL D 232 -33.00 -20.84 28.88
N THR D 233 -31.78 -20.94 28.38
CA THR D 233 -31.51 -20.57 27.00
C THR D 233 -31.10 -21.81 26.21
N THR D 234 -31.28 -21.74 24.90
CA THR D 234 -30.84 -22.81 24.04
C THR D 234 -30.70 -22.28 22.62
N THR D 235 -29.89 -22.98 21.84
CA THR D 235 -29.94 -22.90 20.41
C THR D 235 -30.91 -23.94 19.87
N THR D 236 -31.25 -23.82 18.60
CA THR D 236 -32.18 -24.73 17.96
C THR D 236 -31.52 -25.56 16.86
N HIS D 237 -30.21 -25.44 16.67
CA HIS D 237 -29.54 -26.08 15.55
C HIS D 237 -28.57 -27.16 15.98
N LYS D 238 -28.55 -27.55 17.26
CA LYS D 238 -27.71 -28.67 17.68
C LYS D 238 -28.54 -29.95 17.77
N THR D 239 -28.75 -30.49 18.98
CA THR D 239 -29.53 -31.72 19.06
C THR D 239 -31.01 -31.50 18.74
N LEU D 240 -31.49 -30.25 18.72
CA LEU D 240 -32.86 -29.97 18.29
C LEU D 240 -33.05 -30.08 16.79
N ARG D 241 -31.98 -30.22 16.03
CA ARG D 241 -32.03 -30.44 14.59
C ARG D 241 -32.86 -29.46 13.77
N GLY D 242 -32.80 -28.18 14.11
CA GLY D 242 -33.50 -27.18 13.33
C GLY D 242 -32.61 -26.13 12.68
N ALA D 243 -33.19 -24.99 12.35
CA ALA D 243 -32.45 -23.85 11.79
C ALA D 243 -31.70 -23.11 12.90
N ARG D 244 -30.69 -22.35 12.48
CA ARG D 244 -29.86 -21.62 13.43
C ARG D 244 -30.67 -20.48 14.05
N SER D 245 -30.90 -20.56 15.34
CA SER D 245 -31.63 -19.53 16.08
C SER D 245 -31.44 -19.75 17.57
N GLY D 246 -32.06 -18.89 18.38
CA GLY D 246 -31.97 -19.02 19.82
C GLY D 246 -33.33 -18.89 20.46
N LEU D 247 -33.39 -19.29 21.74
CA LEU D 247 -34.63 -19.26 22.51
C LEU D 247 -34.31 -18.92 23.97
N ILE D 248 -35.20 -18.18 24.60
CA ILE D 248 -35.08 -17.85 26.02
C ILE D 248 -36.38 -18.25 26.71
N PHE D 249 -36.28 -19.20 27.65
CA PHE D 249 -37.40 -19.55 28.52
C PHE D 249 -37.20 -18.87 29.86
N TYR D 250 -38.30 -18.41 30.47
CA TYR D 250 -38.25 -17.72 31.74
C TYR D 250 -39.46 -18.10 32.57
N ARG D 251 -39.29 -18.09 33.88
CA ARG D 251 -40.40 -18.31 34.79
C ARG D 251 -41.35 -17.11 34.79
N LYS D 252 -42.64 -17.39 34.95
CA LYS D 252 -43.64 -16.37 35.14
C LYS D 252 -44.61 -16.85 36.22
N GLY D 253 -45.52 -15.98 36.61
CA GLY D 253 -46.48 -16.32 37.65
C GLY D 253 -45.94 -16.08 39.05
N VAL D 254 -46.45 -16.83 40.02
CA VAL D 254 -46.13 -16.59 41.43
C VAL D 254 -44.82 -17.31 41.77
N LYS D 255 -43.89 -16.57 42.37
CA LYS D 255 -42.65 -17.14 42.87
C LYS D 255 -42.77 -17.59 44.31
N ALA D 256 -43.47 -16.83 45.14
CA ALA D 256 -43.66 -17.15 46.55
C ALA D 256 -44.85 -16.39 47.12
N PRO D 266 -44.46 -12.16 42.87
CA PRO D 266 -44.48 -12.65 41.50
C PRO D 266 -43.12 -12.57 40.82
N TYR D 267 -42.90 -13.44 39.83
CA TYR D 267 -41.71 -13.35 39.00
C TYR D 267 -41.75 -12.09 38.14
N THR D 268 -40.60 -11.45 37.96
CA THR D 268 -40.51 -10.24 37.17
C THR D 268 -39.51 -10.42 36.02
N PHE D 269 -39.51 -11.60 35.41
CA PHE D 269 -38.58 -11.89 34.33
C PHE D 269 -39.12 -11.45 32.96
N GLU D 270 -40.37 -11.75 32.66
CA GLU D 270 -40.92 -11.50 31.33
C GLU D 270 -40.67 -10.13 30.75
N ASP D 271 -41.05 -9.11 31.47
CA ASP D 271 -40.94 -7.77 30.90
C ASP D 271 -39.49 -7.37 30.66
N ARG D 272 -38.60 -7.80 31.52
CA ARG D 272 -37.20 -7.47 31.40
C ARG D 272 -36.51 -8.25 30.28
N ILE D 273 -36.81 -9.54 30.19
CA ILE D 273 -36.25 -10.36 29.11
C ILE D 273 -36.73 -9.85 27.77
N ASN D 274 -38.04 -9.61 27.64
CA ASN D 274 -38.58 -9.18 26.36
C ASN D 274 -38.02 -7.83 25.95
N PHE D 275 -37.82 -6.93 26.93
CA PHE D 275 -37.29 -5.61 26.62
C PHE D 275 -35.82 -5.69 26.18
N ALA D 276 -35.05 -6.57 26.82
CA ALA D 276 -33.64 -6.68 26.50
C ALA D 276 -33.44 -7.18 25.06
N VAL D 277 -34.25 -8.14 24.62
CA VAL D 277 -34.17 -8.60 23.24
C VAL D 277 -34.53 -7.47 22.27
N PHE D 278 -35.69 -6.84 22.50
CA PHE D 278 -36.10 -5.70 21.69
C PHE D 278 -36.89 -4.75 22.57
N PRO D 279 -36.57 -3.45 22.57
CA PRO D 279 -35.68 -2.73 21.65
C PRO D 279 -34.21 -2.63 22.07
N SER D 280 -33.80 -3.29 23.15
CA SER D 280 -32.49 -2.99 23.72
C SER D 280 -31.36 -3.51 22.84
N LEU D 281 -31.40 -4.79 22.45
CA LEU D 281 -30.26 -5.41 21.77
C LEU D 281 -30.47 -5.68 20.30
N GLN D 282 -31.63 -6.18 19.90
CA GLN D 282 -31.82 -6.58 18.51
C GLN D 282 -32.71 -5.57 17.77
N GLY D 283 -32.79 -5.77 16.45
CA GLY D 283 -33.69 -4.99 15.62
C GLY D 283 -34.86 -5.85 15.18
N GLY D 284 -35.12 -5.91 13.88
CA GLY D 284 -36.21 -6.69 13.36
C GLY D 284 -35.97 -8.18 13.52
N PRO D 285 -37.01 -8.90 13.94
CA PRO D 285 -36.91 -10.35 14.06
C PRO D 285 -36.68 -11.00 12.70
N HIS D 286 -36.03 -12.16 12.71
CA HIS D 286 -35.86 -12.94 11.48
C HIS D 286 -37.00 -13.95 11.43
N ASN D 287 -38.10 -13.56 10.78
CA ASN D 287 -39.31 -14.37 10.82
C ASN D 287 -39.14 -15.71 10.12
N HIS D 288 -38.30 -15.75 9.07
CA HIS D 288 -38.04 -17.03 8.40
C HIS D 288 -37.37 -18.02 9.34
N ALA D 289 -36.50 -17.54 10.24
CA ALA D 289 -35.88 -18.45 11.21
C ALA D 289 -36.89 -18.89 12.26
N ILE D 290 -37.77 -17.98 12.69
CA ILE D 290 -38.81 -18.34 13.66
C ILE D 290 -39.70 -19.45 13.11
N ALA D 291 -40.09 -19.34 11.84
CA ALA D 291 -40.93 -20.37 11.24
C ALA D 291 -40.20 -21.70 11.14
N ALA D 292 -38.93 -21.67 10.71
CA ALA D 292 -38.17 -22.92 10.61
C ALA D 292 -37.96 -23.56 11.97
N VAL D 293 -37.88 -22.75 13.03
CA VAL D 293 -37.74 -23.29 14.37
C VAL D 293 -39.02 -23.96 14.83
N ALA D 294 -40.18 -23.35 14.50
CA ALA D 294 -41.46 -23.96 14.85
C ALA D 294 -41.64 -25.31 14.16
N VAL D 295 -41.24 -25.41 12.89
CA VAL D 295 -41.28 -26.69 12.18
C VAL D 295 -40.46 -27.73 12.94
N ALA D 296 -39.23 -27.36 13.32
CA ALA D 296 -38.35 -28.32 13.99
C ALA D 296 -38.86 -28.70 15.37
N LEU D 297 -39.43 -27.73 16.10
CA LEU D 297 -39.97 -28.05 17.42
C LEU D 297 -41.13 -29.02 17.33
N LYS D 298 -41.94 -28.92 16.27
CA LYS D 298 -43.03 -29.87 16.10
C LYS D 298 -42.49 -31.29 15.89
N GLN D 299 -41.43 -31.42 15.08
CA GLN D 299 -40.80 -32.73 14.89
C GLN D 299 -40.27 -33.31 16.20
N ALA D 300 -39.95 -32.47 17.18
CA ALA D 300 -39.35 -32.96 18.42
C ALA D 300 -40.37 -33.57 19.39
N CYS D 301 -41.66 -33.28 19.22
CA CYS D 301 -42.70 -33.87 20.06
C CYS D 301 -43.15 -35.24 19.58
N THR D 302 -42.51 -35.81 18.58
CA THR D 302 -42.95 -37.06 18.00
C THR D 302 -42.20 -38.24 18.59
N PRO D 303 -42.80 -39.42 18.60
CA PRO D 303 -42.07 -40.63 19.05
C PRO D 303 -40.81 -40.89 18.24
N MET D 304 -40.76 -40.45 17.01
CA MET D 304 -39.55 -40.62 16.23
C MET D 304 -38.36 -39.88 16.84
N PHE D 305 -38.62 -38.73 17.40
CA PHE D 305 -37.53 -37.93 17.94
C PHE D 305 -36.99 -38.53 19.24
N ARG D 306 -37.88 -39.08 20.07
N ARG D 306 -37.87 -39.07 20.08
CA ARG D 306 -37.44 -39.75 21.30
CA ARG D 306 -37.41 -39.74 21.28
C ARG D 306 -36.63 -41.00 20.98
C ARG D 306 -36.56 -40.94 20.92
N GLU D 307 -36.94 -41.67 19.87
CA GLU D 307 -36.13 -42.80 19.43
C GLU D 307 -34.78 -42.33 18.90
N TYR D 308 -34.78 -41.24 18.11
CA TYR D 308 -33.53 -40.66 17.63
C TYR D 308 -32.63 -40.25 18.79
N SER D 309 -33.20 -39.58 19.79
CA SER D 309 -32.40 -39.08 20.90
C SER D 309 -31.83 -40.23 21.73
N LEU D 310 -32.60 -41.31 21.90
CA LEU D 310 -32.08 -42.50 22.57
C LEU D 310 -30.90 -43.08 21.79
N GLN D 311 -30.98 -43.07 20.47
CA GLN D 311 -29.88 -43.61 19.67
C GLN D 311 -28.65 -42.73 19.75
N VAL D 312 -28.83 -41.43 19.93
CA VAL D 312 -27.69 -40.54 20.12
C VAL D 312 -26.90 -40.94 21.37
N LEU D 313 -27.61 -41.20 22.48
CA LEU D 313 -26.94 -41.64 23.69
C LEU D 313 -26.22 -42.97 23.47
N LYS D 314 -26.91 -43.94 22.87
CA LYS D 314 -26.28 -45.23 22.59
C LYS D 314 -25.06 -45.07 21.70
N ASN D 315 -25.15 -44.23 20.67
CA ASN D 315 -24.06 -44.09 19.72
C ASN D 315 -22.86 -43.40 20.34
N ALA D 316 -23.10 -42.38 21.18
CA ALA D 316 -22.00 -41.73 21.87
C ALA D 316 -21.34 -42.69 22.85
N ARG D 317 -22.15 -43.44 23.61
CA ARG D 317 -21.58 -44.42 24.54
C ARG D 317 -20.79 -45.49 23.80
N ALA D 318 -21.30 -45.95 22.66
CA ALA D 318 -20.58 -46.95 21.88
C ALA D 318 -19.25 -46.40 21.38
N MET D 319 -19.23 -45.12 20.98
CA MET D 319 -17.99 -44.56 20.45
C MET D 319 -16.98 -44.33 21.56
N ALA D 320 -17.47 -43.90 22.74
CA ALA D 320 -16.59 -43.77 23.90
C ALA D 320 -15.97 -45.12 24.29
N ASP D 321 -16.79 -46.17 24.35
CA ASP D 321 -16.28 -47.49 24.70
C ASP D 321 -15.20 -47.94 23.72
N ALA D 322 -15.46 -47.77 22.42
CA ALA D 322 -14.45 -48.15 21.42
C ALA D 322 -13.17 -47.38 21.63
N LEU D 323 -13.23 -46.08 21.84
CA LEU D 323 -12.03 -45.28 22.03
C LEU D 323 -11.18 -45.73 23.24
N LEU D 324 -11.83 -46.05 24.34
CA LEU D 324 -11.14 -46.51 25.52
C LEU D 324 -10.40 -47.82 25.28
N GLU D 325 -11.03 -48.74 24.57
CA GLU D 325 -10.41 -50.02 24.32
C GLU D 325 -9.22 -49.86 23.39
N ARG D 326 -9.14 -48.75 22.69
CA ARG D 326 -8.04 -48.48 21.83
C ARG D 326 -7.02 -47.58 22.53
N GLY D 327 -7.12 -47.47 23.84
CA GLY D 327 -6.16 -46.72 24.62
C GLY D 327 -6.19 -45.22 24.63
N TYR D 328 -7.31 -44.63 24.25
CA TYR D 328 -7.43 -43.17 24.26
C TYR D 328 -7.94 -42.71 25.62
N SER D 329 -7.52 -41.51 26.02
CA SER D 329 -7.95 -40.91 27.28
C SER D 329 -9.12 -39.98 27.02
N LEU D 330 -10.23 -40.21 27.73
CA LEU D 330 -11.41 -39.37 27.63
C LEU D 330 -11.54 -38.52 28.88
N VAL D 331 -11.79 -37.21 28.69
CA VAL D 331 -12.01 -36.34 29.82
C VAL D 331 -13.26 -36.79 30.56
N SER D 332 -13.11 -37.01 31.87
CA SER D 332 -14.11 -37.61 32.76
C SER D 332 -14.30 -39.10 32.53
N GLY D 333 -13.49 -39.73 31.66
CA GLY D 333 -13.48 -41.17 31.52
C GLY D 333 -14.70 -41.80 30.89
N GLY D 334 -15.46 -41.06 30.09
CA GLY D 334 -16.65 -41.61 29.46
C GLY D 334 -17.61 -40.49 29.09
N THR D 335 -18.85 -40.86 28.83
CA THR D 335 -19.87 -39.87 28.49
C THR D 335 -21.23 -40.31 29.00
N ASP D 336 -22.06 -39.19 29.31
CA ASP D 336 -23.45 -39.44 29.66
C ASP D 336 -24.42 -38.77 28.70
N ASN D 337 -23.85 -38.16 27.69
CA ASN D 337 -24.68 -37.41 26.73
C ASN D 337 -24.26 -37.70 25.30
N HIS D 338 -24.25 -36.67 24.46
CA HIS D 338 -24.08 -36.84 23.03
C HIS D 338 -22.64 -36.74 22.54
N LEU D 339 -21.70 -36.34 23.40
CA LEU D 339 -20.37 -36.00 22.92
C LEU D 339 -19.30 -36.72 23.73
N VAL D 340 -18.09 -36.69 23.19
CA VAL D 340 -16.92 -37.26 23.83
C VAL D 340 -15.79 -36.25 23.67
N LEU D 341 -15.02 -36.05 24.73
CA LEU D 341 -13.87 -35.14 24.68
C LEU D 341 -12.61 -35.98 24.85
N VAL D 342 -11.87 -36.15 23.75
CA VAL D 342 -10.65 -36.95 23.74
C VAL D 342 -9.47 -36.07 24.11
N ASP D 343 -8.70 -36.50 25.11
CA ASP D 343 -7.47 -35.84 25.52
C ASP D 343 -6.31 -36.54 24.80
N LEU D 344 -5.79 -35.90 23.76
CA LEU D 344 -4.70 -36.46 22.99
C LEU D 344 -3.33 -36.15 23.55
N ARG D 345 -3.25 -35.38 24.64
CA ARG D 345 -1.95 -35.05 25.21
C ARG D 345 -1.14 -36.29 25.62
N PRO D 346 -1.71 -37.33 26.23
CA PRO D 346 -0.90 -38.53 26.51
C PRO D 346 -0.36 -39.17 25.24
N LYS D 347 -1.03 -39.00 24.11
CA LYS D 347 -0.60 -39.57 22.84
C LYS D 347 0.39 -38.67 22.10
N GLY D 348 0.64 -37.46 22.58
CA GLY D 348 1.65 -36.60 21.99
C GLY D 348 1.24 -35.88 20.73
N LEU D 349 -0.05 -35.83 20.41
CA LEU D 349 -0.53 -35.18 19.19
C LEU D 349 -1.48 -34.05 19.60
N ASP D 350 -1.16 -32.82 19.21
CA ASP D 350 -2.03 -31.70 19.56
C ASP D 350 -3.31 -31.72 18.73
N GLY D 351 -4.31 -30.96 19.20
CA GLY D 351 -5.62 -31.00 18.59
C GLY D 351 -5.67 -30.40 17.19
N ALA D 352 -4.84 -29.39 16.93
CA ALA D 352 -4.84 -28.76 15.61
C ALA D 352 -4.30 -29.72 14.54
N ARG D 353 -3.23 -30.44 14.87
CA ARG D 353 -2.68 -31.41 13.91
C ARG D 353 -3.64 -32.58 13.71
N ALA D 354 -4.31 -33.01 14.77
CA ALA D 354 -5.26 -34.12 14.65
C ALA D 354 -6.46 -33.72 13.80
N GLU D 355 -6.97 -32.50 14.00
CA GLU D 355 -8.10 -32.01 13.21
C GLU D 355 -7.76 -31.99 11.72
N ARG D 356 -6.55 -31.55 11.39
CA ARG D 356 -6.17 -31.38 9.98
C ARG D 356 -6.02 -32.72 9.27
N VAL D 357 -5.38 -33.69 9.91
CA VAL D 357 -5.17 -34.98 9.25
C VAL D 357 -6.50 -35.71 9.05
N LEU D 358 -7.37 -35.67 10.05
CA LEU D 358 -8.67 -36.32 9.91
C LEU D 358 -9.52 -35.63 8.85
N GLU D 359 -9.45 -34.29 8.80
CA GLU D 359 -10.14 -33.53 7.76
C GLU D 359 -9.73 -34.00 6.37
N LEU D 360 -8.46 -34.36 6.19
CA LEU D 360 -7.96 -34.78 4.89
C LEU D 360 -8.52 -36.15 4.47
N VAL D 361 -9.05 -36.92 5.39
CA VAL D 361 -9.66 -38.20 5.06
C VAL D 361 -11.18 -38.16 5.25
N SER D 362 -11.77 -36.96 5.18
CA SER D 362 -13.22 -36.77 5.26
C SER D 362 -13.79 -37.20 6.61
N ILE D 363 -13.00 -37.02 7.66
CA ILE D 363 -13.48 -37.16 9.04
C ILE D 363 -13.43 -35.76 9.65
N THR D 364 -14.59 -35.22 9.97
CA THR D 364 -14.73 -33.81 10.34
C THR D 364 -15.05 -33.70 11.83
N ALA D 365 -14.15 -33.09 12.58
CA ALA D 365 -14.36 -32.82 14.00
C ALA D 365 -13.85 -31.41 14.26
N ASN D 366 -13.57 -31.14 15.54
CA ASN D 366 -12.93 -29.89 15.89
C ASN D 366 -11.94 -30.01 17.02
N LYS D 367 -10.76 -29.46 16.83
CA LYS D 367 -9.85 -29.32 17.96
C LYS D 367 -10.60 -28.70 19.13
N ASN D 368 -10.22 -29.05 20.34
CA ASN D 368 -10.90 -28.55 21.51
C ASN D 368 -10.01 -28.50 22.71
N THR D 369 -10.12 -27.42 23.47
CA THR D 369 -9.40 -27.31 24.72
C THR D 369 -9.78 -28.46 25.64
N CYS D 370 -8.86 -28.83 26.49
CA CYS D 370 -9.02 -29.78 27.57
C CYS D 370 -8.63 -29.09 28.87
N PRO D 371 -9.05 -29.62 30.02
CA PRO D 371 -8.64 -29.02 31.29
C PRO D 371 -7.13 -28.84 31.36
N GLY D 372 -6.71 -27.61 31.69
CA GLY D 372 -5.30 -27.29 31.77
C GLY D 372 -4.72 -26.65 30.52
N ASP D 373 -5.44 -26.67 29.40
CA ASP D 373 -4.96 -26.01 28.19
C ASP D 373 -4.92 -24.50 28.38
N ARG D 374 -3.95 -23.87 27.71
CA ARG D 374 -3.82 -22.41 27.72
C ARG D 374 -4.14 -21.78 26.38
N SER D 375 -4.14 -22.55 25.29
CA SER D 375 -4.41 -22.05 23.96
C SER D 375 -5.61 -22.77 23.36
N ALA D 376 -6.52 -22.00 22.78
CA ALA D 376 -7.63 -22.57 22.03
C ALA D 376 -7.26 -22.85 20.57
N ILE D 377 -6.24 -22.18 20.05
CA ILE D 377 -5.82 -22.38 18.68
C ILE D 377 -5.05 -23.67 18.56
N THR D 378 -4.31 -23.96 19.60
CA THR D 378 -3.49 -25.18 19.63
C THR D 378 -3.80 -25.93 20.92
N PRO D 379 -4.98 -26.56 20.98
CA PRO D 379 -5.37 -27.26 22.20
C PRO D 379 -4.92 -28.71 22.18
N GLY D 380 -5.09 -29.38 23.31
CA GLY D 380 -4.64 -30.74 23.49
C GLY D 380 -5.67 -31.82 23.23
N GLY D 381 -6.84 -31.48 22.69
CA GLY D 381 -7.93 -32.43 22.64
C GLY D 381 -8.70 -32.36 21.33
N LEU D 382 -9.69 -33.24 21.26
CA LEU D 382 -10.54 -33.41 20.08
C LEU D 382 -11.94 -33.72 20.58
N ARG D 383 -12.92 -32.95 20.13
CA ARG D 383 -14.30 -33.16 20.53
C ARG D 383 -15.05 -33.87 19.42
N LEU D 384 -15.74 -34.95 19.78
CA LEU D 384 -16.51 -35.75 18.85
C LEU D 384 -17.95 -35.86 19.35
N GLY D 385 -18.89 -35.82 18.42
CA GLY D 385 -20.30 -35.92 18.76
C GLY D 385 -21.03 -36.88 17.86
N ALA D 386 -22.11 -37.44 18.40
CA ALA D 386 -22.97 -38.41 17.73
C ALA D 386 -24.20 -37.85 17.02
N PRO D 387 -24.71 -36.64 17.31
CA PRO D 387 -26.02 -36.24 16.74
C PRO D 387 -26.10 -36.26 15.22
N ALA D 388 -25.07 -35.78 14.51
CA ALA D 388 -25.19 -35.63 13.06
C ALA D 388 -25.27 -36.98 12.36
N LEU D 389 -24.34 -37.89 12.66
CA LEU D 389 -24.34 -39.20 12.00
C LEU D 389 -25.51 -40.05 12.44
N THR D 390 -25.96 -39.88 13.68
CA THR D 390 -27.17 -40.58 14.13
C THR D 390 -28.38 -40.17 13.30
N SER D 391 -28.41 -38.92 12.83
CA SER D 391 -29.48 -38.47 11.94
C SER D 391 -29.42 -39.12 10.58
N ARG D 392 -28.28 -39.70 10.21
CA ARG D 392 -28.14 -40.50 8.99
C ARG D 392 -28.37 -41.98 9.24
N GLN D 393 -29.01 -42.33 10.36
CA GLN D 393 -29.31 -43.72 10.73
C GLN D 393 -28.06 -44.53 11.04
N PHE D 394 -27.05 -43.93 11.64
CA PHE D 394 -25.91 -44.69 12.08
C PHE D 394 -26.32 -45.39 13.37
N ARG D 395 -25.80 -46.57 13.59
CA ARG D 395 -26.05 -47.29 14.82
C ARG D 395 -24.77 -47.61 15.54
N GLU D 396 -24.87 -48.34 16.64
CA GLU D 396 -23.70 -48.58 17.47
C GLU D 396 -22.53 -49.23 16.75
N ASP D 397 -22.80 -50.20 15.90
CA ASP D 397 -21.68 -50.81 15.24
C ASP D 397 -21.08 -49.87 14.19
N ASP D 398 -21.87 -49.00 13.60
CA ASP D 398 -21.29 -48.02 12.68
C ASP D 398 -20.31 -47.09 13.37
N PHE D 399 -20.57 -46.74 14.63
CA PHE D 399 -19.66 -45.86 15.34
C PHE D 399 -18.40 -46.58 15.80
N ARG D 400 -18.42 -47.90 15.92
CA ARG D 400 -17.18 -48.60 16.20
C ARG D 400 -16.35 -48.58 14.95
N ARG D 401 -16.97 -48.58 13.80
CA ARG D 401 -16.24 -48.46 12.56
C ARG D 401 -15.58 -47.10 12.47
N VAL D 402 -16.36 -46.08 12.81
CA VAL D 402 -15.84 -44.72 12.79
C VAL D 402 -14.59 -44.61 13.64
N VAL D 403 -14.59 -45.21 14.83
CA VAL D 403 -13.43 -45.15 15.71
C VAL D 403 -12.23 -45.82 15.06
N ASP D 404 -12.45 -46.81 14.23
CA ASP D 404 -11.35 -47.50 13.57
C ASP D 404 -10.72 -46.59 12.57
N PHE D 405 -11.53 -45.87 11.83
CA PHE D 405 -11.00 -44.88 10.89
C PHE D 405 -10.20 -43.80 11.61
N ILE D 406 -10.74 -43.32 12.74
CA ILE D 406 -10.09 -42.24 13.49
C ILE D 406 -8.72 -42.69 13.98
N ASP D 407 -8.65 -43.87 14.56
CA ASP D 407 -7.38 -44.40 15.05
C ASP D 407 -6.32 -44.45 13.97
N GLU D 408 -6.69 -44.92 12.80
CA GLU D 408 -5.75 -44.95 11.68
C GLU D 408 -5.26 -43.54 11.35
N GLY D 409 -6.20 -42.60 11.22
CA GLY D 409 -5.82 -41.24 10.86
C GLY D 409 -4.96 -40.57 11.92
N VAL D 410 -5.27 -40.80 13.19
CA VAL D 410 -4.47 -40.21 14.27
C VAL D 410 -3.06 -40.79 14.25
N ASN D 411 -2.93 -42.11 14.04
CA ASN D 411 -1.62 -42.72 14.07
C ASN D 411 -0.74 -42.21 12.93
N ILE D 412 -1.34 -41.98 11.76
CA ILE D 412 -0.61 -41.33 10.67
C ILE D 412 -0.15 -39.95 11.08
N GLY D 413 -1.06 -39.16 11.67
CA GLY D 413 -0.70 -37.82 12.11
C GLY D 413 0.43 -37.81 13.12
N LEU D 414 0.42 -38.77 14.05
CA LEU D 414 1.53 -38.90 14.99
C LEU D 414 2.85 -39.13 14.27
N GLU D 415 2.87 -39.92 13.32
CA GLU D 415 4.08 -40.22 12.56
C GLU D 415 4.55 -39.00 11.79
N VAL D 416 3.71 -38.34 11.14
CA VAL D 416 4.11 -37.11 10.46
C VAL D 416 4.56 -36.05 11.45
N LYS D 417 3.94 -36.00 12.63
CA LYS D 417 4.37 -35.04 13.65
C LYS D 417 5.84 -35.25 14.02
N SER D 418 6.29 -36.50 14.01
CA SER D 418 7.67 -36.79 14.38
C SER D 418 8.63 -36.51 13.24
N LYS D 419 8.19 -36.52 12.01
CA LYS D 419 9.07 -36.19 10.92
C LYS D 419 9.06 -34.72 10.53
N THR D 420 8.24 -33.92 11.17
CA THR D 420 8.11 -32.52 10.85
C THR D 420 8.38 -31.71 12.08
N ALA D 421 8.57 -30.41 11.92
CA ALA D 421 8.87 -29.54 13.05
C ALA D 421 7.74 -28.58 13.38
N LYS D 422 7.35 -27.74 12.43
CA LYS D 422 6.27 -26.80 12.66
C LYS D 422 4.97 -27.22 11.99
N LEU D 423 3.89 -26.53 12.33
CA LEU D 423 2.59 -26.86 11.79
C LEU D 423 2.59 -26.72 10.30
N GLN D 424 3.30 -25.74 9.79
CA GLN D 424 3.32 -25.49 8.37
C GLN D 424 4.06 -26.62 7.72
N ASP D 425 5.11 -27.12 8.37
CA ASP D 425 5.76 -28.30 7.80
C ASP D 425 4.88 -29.52 7.92
N PHE D 426 4.15 -29.65 9.04
CA PHE D 426 3.17 -30.73 9.18
C PHE D 426 2.15 -30.70 8.05
N LYS D 427 1.61 -29.53 7.78
CA LYS D 427 0.56 -29.44 6.79
C LYS D 427 1.08 -29.66 5.37
N SER D 428 2.30 -29.23 5.12
CA SER D 428 2.89 -29.46 3.80
C SER D 428 3.21 -30.93 3.59
N PHE D 429 3.78 -31.58 4.61
CA PHE D 429 4.18 -32.98 4.47
C PHE D 429 3.00 -33.87 4.09
N LEU D 430 1.81 -33.58 4.63
CA LEU D 430 0.64 -34.39 4.31
C LEU D 430 0.31 -34.34 2.84
N LEU D 431 0.69 -33.24 2.16
CA LEU D 431 0.38 -33.02 0.76
C LEU D 431 1.53 -33.39 -0.17
N LYS D 432 2.78 -33.26 0.28
CA LYS D 432 3.95 -33.49 -0.56
C LYS D 432 4.41 -34.94 -0.53
N ASP D 433 4.62 -35.49 0.66
CA ASP D 433 5.16 -36.84 0.82
C ASP D 433 4.27 -37.84 0.09
N SER D 434 4.85 -38.52 -0.91
CA SER D 434 4.07 -39.41 -1.75
C SER D 434 3.51 -40.57 -0.95
N GLU D 435 4.32 -41.18 -0.08
CA GLU D 435 3.82 -42.30 0.71
C GLU D 435 2.74 -41.87 1.69
N THR D 436 2.92 -40.71 2.32
CA THR D 436 1.89 -40.22 3.24
C THR D 436 0.61 -39.88 2.50
N SER D 437 0.73 -39.19 1.36
CA SER D 437 -0.47 -38.84 0.60
C SER D 437 -1.18 -40.07 0.04
N GLN D 438 -0.44 -41.14 -0.21
CA GLN D 438 -1.06 -42.38 -0.67
C GLN D 438 -1.87 -43.03 0.45
N ARG D 439 -1.29 -43.06 1.63
CA ARG D 439 -1.97 -43.63 2.76
C ARG D 439 -3.25 -42.85 3.09
N LEU D 440 -3.19 -41.53 3.02
CA LEU D 440 -4.35 -40.68 3.25
C LEU D 440 -5.42 -40.92 2.20
N ALA D 441 -5.01 -41.01 0.93
CA ALA D 441 -5.98 -41.22 -0.15
C ALA D 441 -6.70 -42.56 0.02
N ASN D 442 -5.98 -43.58 0.48
CA ASN D 442 -6.61 -44.88 0.67
C ASN D 442 -7.61 -44.85 1.82
N LEU D 443 -7.21 -44.25 2.96
CA LEU D 443 -8.12 -44.12 4.08
C LEU D 443 -9.33 -43.25 3.72
N ARG D 444 -9.08 -42.14 3.01
CA ARG D 444 -10.18 -41.28 2.58
C ARG D 444 -11.20 -42.07 1.76
N GLN D 445 -10.73 -42.83 0.80
CA GLN D 445 -11.62 -43.62 -0.05
C GLN D 445 -12.48 -44.57 0.76
N ARG D 446 -11.85 -45.30 1.66
CA ARG D 446 -12.61 -46.21 2.51
C ARG D 446 -13.62 -45.44 3.37
N VAL D 447 -13.23 -44.27 3.88
CA VAL D 447 -14.17 -43.47 4.67
C VAL D 447 -15.35 -43.04 3.82
N GLU D 448 -15.06 -42.50 2.63
CA GLU D 448 -16.10 -41.89 1.82
C GLU D 448 -17.07 -42.94 1.26
N GLN D 449 -16.57 -44.11 0.87
CA GLN D 449 -17.48 -45.16 0.42
C GLN D 449 -18.36 -45.66 1.56
N PHE D 450 -17.85 -45.66 2.79
CA PHE D 450 -18.68 -46.04 3.93
C PHE D 450 -19.76 -45.00 4.19
N ALA D 451 -19.40 -43.71 4.15
CA ALA D 451 -20.33 -42.65 4.53
C ALA D 451 -21.41 -42.41 3.48
N ARG D 452 -21.06 -42.49 2.20
CA ARG D 452 -22.01 -42.16 1.14
C ARG D 452 -23.21 -43.12 1.10
N ALA D 453 -23.08 -44.31 1.68
CA ALA D 453 -24.16 -45.29 1.65
C ALA D 453 -25.31 -44.94 2.58
N PHE D 454 -25.18 -43.93 3.40
CA PHE D 454 -26.24 -43.68 4.35
C PHE D 454 -27.16 -42.57 3.86
N PRO D 455 -28.41 -42.54 4.31
CA PRO D 455 -29.33 -41.47 3.91
C PRO D 455 -28.95 -40.15 4.55
N MET D 456 -29.49 -39.06 3.97
CA MET D 456 -29.16 -37.72 4.43
C MET D 456 -30.38 -36.81 4.42
N PRO D 457 -30.74 -36.19 5.55
CA PRO D 457 -31.87 -35.25 5.55
C PRO D 457 -31.59 -34.00 4.72
N GLY D 458 -32.66 -33.34 4.31
CA GLY D 458 -32.59 -32.09 3.59
C GLY D 458 -32.96 -32.25 2.12
N PHE D 459 -32.67 -31.20 1.36
CA PHE D 459 -32.82 -31.27 -0.09
C PHE D 459 -31.84 -32.28 -0.67
N ASP D 460 -32.07 -32.63 -1.93
CA ASP D 460 -31.25 -33.66 -2.57
C ASP D 460 -29.87 -33.12 -2.94
N GLU D 461 -29.80 -31.87 -3.41
CA GLU D 461 -28.58 -31.36 -4.02
C GLU D 461 -28.04 -30.08 -3.40
N HIS D 462 -28.77 -29.45 -2.49
CA HIS D 462 -28.29 -28.21 -1.88
C HIS D 462 -28.73 -28.07 -0.44
#